data_2HDL
#
_entry.id   2HDL
#
_entity_poly.entity_id   1
_entity_poly.type   'polypeptide(L)'
_entity_poly.pdbx_seq_one_letter_code
;GSKCKCSRKGPKIRYSDVKKLEMKPKYPHCEEKMVIITTKSVSRYRGQEHCLHPKLQSTKRFIKWYNAWNEKRRVYEE
;
_entity_poly.pdbx_strand_id   A
#
# COMPACT_ATOMS: atom_id res chain seq x y z
N SER A 2 15.06 6.52 12.03
CA SER A 2 15.31 5.16 11.67
C SER A 2 14.27 4.70 10.67
N LYS A 3 14.69 4.44 9.46
CA LYS A 3 13.75 3.98 8.47
C LYS A 3 13.97 2.52 8.11
N CYS A 4 12.92 1.79 8.07
CA CYS A 4 12.93 0.43 7.62
C CYS A 4 12.75 0.38 6.13
N LYS A 5 13.47 -0.50 5.49
CA LYS A 5 13.50 -0.53 4.06
C LYS A 5 12.30 -1.24 3.45
N CYS A 6 11.63 -0.51 2.62
CA CYS A 6 10.58 -1.01 1.77
C CYS A 6 10.89 -0.55 0.36
N SER A 7 12.12 -0.05 0.22
CA SER A 7 12.66 0.55 -0.97
C SER A 7 11.90 1.86 -1.26
N ARG A 8 10.77 1.76 -1.91
CA ARG A 8 9.90 2.90 -2.16
C ARG A 8 8.47 2.43 -2.08
N LYS A 9 8.14 1.52 -2.96
CA LYS A 9 6.82 0.95 -3.11
C LYS A 9 6.91 -0.58 -3.32
N GLY A 10 8.13 -1.04 -3.48
CA GLY A 10 8.36 -2.43 -3.77
C GLY A 10 8.07 -2.69 -5.22
N PRO A 11 7.73 -3.94 -5.61
CA PRO A 11 7.31 -4.23 -6.98
C PRO A 11 6.10 -3.37 -7.32
N LYS A 12 6.00 -2.94 -8.56
CA LYS A 12 4.97 -1.99 -8.95
C LYS A 12 3.58 -2.58 -8.76
N ILE A 13 2.85 -1.96 -7.90
CA ILE A 13 1.53 -2.37 -7.56
C ILE A 13 0.57 -1.61 -8.44
N ARG A 14 -0.48 -2.24 -8.83
CA ARG A 14 -1.53 -1.55 -9.51
C ARG A 14 -2.66 -1.42 -8.51
N TYR A 15 -3.57 -0.49 -8.72
CA TYR A 15 -4.69 -0.31 -7.79
C TYR A 15 -5.56 -1.55 -7.77
N SER A 16 -5.58 -2.23 -8.89
CA SER A 16 -6.33 -3.44 -9.10
C SER A 16 -5.78 -4.60 -8.23
N ASP A 17 -4.53 -4.46 -7.76
CA ASP A 17 -3.90 -5.49 -6.92
C ASP A 17 -4.29 -5.32 -5.49
N VAL A 18 -4.70 -4.14 -5.12
CA VAL A 18 -4.91 -3.85 -3.71
C VAL A 18 -6.30 -4.22 -3.22
N LYS A 19 -6.34 -5.06 -2.23
CA LYS A 19 -7.57 -5.46 -1.56
C LYS A 19 -7.80 -4.62 -0.34
N LYS A 20 -6.72 -4.23 0.27
CA LYS A 20 -6.78 -3.56 1.52
C LYS A 20 -5.50 -2.78 1.72
N LEU A 21 -5.63 -1.63 2.28
CA LEU A 21 -4.54 -0.74 2.51
C LEU A 21 -4.58 -0.34 3.99
N GLU A 22 -3.52 -0.59 4.72
CA GLU A 22 -3.45 -0.30 6.14
C GLU A 22 -2.22 0.48 6.44
N MET A 23 -2.27 1.33 7.40
CA MET A 23 -1.08 2.02 7.79
C MET A 23 -0.58 1.49 9.12
N LYS A 24 0.54 0.83 9.06
CA LYS A 24 1.26 0.31 10.20
C LYS A 24 2.70 0.08 9.81
N PRO A 25 3.66 0.37 10.68
CA PRO A 25 5.07 0.29 10.31
C PRO A 25 5.58 -1.12 10.16
N LYS A 26 6.57 -1.29 9.29
CA LYS A 26 7.21 -2.56 9.07
C LYS A 26 7.96 -2.94 10.34
N TYR A 27 8.51 -1.92 10.98
CA TYR A 27 9.16 -2.05 12.25
C TYR A 27 8.70 -0.91 13.14
N PRO A 28 8.41 -1.16 14.43
CA PRO A 28 7.95 -0.12 15.38
C PRO A 28 9.03 0.95 15.59
N HIS A 29 10.27 0.58 15.30
CA HIS A 29 11.41 1.48 15.43
C HIS A 29 11.60 2.36 14.16
N CYS A 30 10.51 2.61 13.48
CA CYS A 30 10.47 3.42 12.28
C CYS A 30 9.58 4.64 12.56
N GLU A 31 9.82 5.78 11.89
CA GLU A 31 8.98 6.95 12.13
C GLU A 31 7.69 6.84 11.34
N GLU A 32 6.59 7.11 12.04
CA GLU A 32 5.23 7.07 11.49
C GLU A 32 4.82 5.66 11.04
N LYS A 33 3.61 5.54 10.58
CA LYS A 33 3.12 4.27 10.12
C LYS A 33 3.48 4.09 8.66
N MET A 34 3.89 2.91 8.31
CA MET A 34 4.22 2.62 6.92
C MET A 34 2.94 2.25 6.21
N VAL A 35 2.95 2.28 4.92
CA VAL A 35 1.75 1.96 4.18
C VAL A 35 1.79 0.52 3.71
N ILE A 36 0.86 -0.26 4.20
CA ILE A 36 0.80 -1.67 3.93
C ILE A 36 -0.27 -1.96 2.90
N ILE A 37 0.11 -2.68 1.88
CA ILE A 37 -0.79 -3.05 0.84
C ILE A 37 -0.93 -4.56 0.68
N THR A 38 -2.14 -5.00 0.81
CA THR A 38 -2.50 -6.38 0.70
C THR A 38 -3.03 -6.66 -0.73
N THR A 39 -2.48 -7.66 -1.39
CA THR A 39 -2.85 -7.95 -2.76
C THR A 39 -4.02 -8.95 -2.88
N LYS A 40 -4.64 -8.97 -4.07
CA LYS A 40 -5.86 -9.74 -4.31
C LYS A 40 -5.62 -11.24 -4.41
N SER A 41 -4.62 -11.64 -5.20
CA SER A 41 -4.26 -13.05 -5.38
C SER A 41 -3.13 -13.19 -6.39
N VAL A 42 -3.46 -12.99 -7.66
CA VAL A 42 -2.49 -13.12 -8.72
C VAL A 42 -1.62 -11.87 -8.82
N SER A 43 -0.74 -11.76 -7.88
CA SER A 43 0.23 -10.74 -7.88
C SER A 43 1.58 -11.41 -7.68
N ARG A 44 2.62 -10.85 -8.25
CA ARG A 44 4.00 -11.37 -8.11
C ARG A 44 4.49 -11.36 -6.62
N TYR A 45 3.72 -10.74 -5.76
CA TYR A 45 4.07 -10.57 -4.38
C TYR A 45 3.13 -11.41 -3.49
N ARG A 46 2.38 -12.31 -4.14
CA ARG A 46 1.36 -13.19 -3.54
C ARG A 46 1.75 -13.67 -2.12
N GLY A 47 0.91 -13.34 -1.17
CA GLY A 47 1.06 -13.80 0.20
C GLY A 47 1.90 -12.87 1.04
N GLN A 48 2.40 -11.83 0.45
CA GLN A 48 3.13 -10.83 1.19
C GLN A 48 2.46 -9.50 1.04
N GLU A 49 2.62 -8.64 2.01
CA GLU A 49 2.05 -7.34 1.91
C GLU A 49 3.13 -6.38 1.48
N HIS A 50 2.78 -5.46 0.62
CA HIS A 50 3.73 -4.47 0.16
C HIS A 50 3.78 -3.37 1.16
N CYS A 51 4.85 -2.66 1.19
CA CYS A 51 4.94 -1.52 2.04
C CYS A 51 5.54 -0.37 1.30
N LEU A 52 4.85 0.75 1.31
CA LEU A 52 5.38 1.95 0.72
C LEU A 52 5.94 2.77 1.82
N HIS A 53 7.02 3.42 1.55
CA HIS A 53 7.61 4.26 2.54
C HIS A 53 6.98 5.67 2.39
N PRO A 54 6.10 6.04 3.35
CA PRO A 54 5.23 7.26 3.25
C PRO A 54 5.96 8.60 3.27
N LYS A 55 7.24 8.56 3.20
CA LYS A 55 8.02 9.76 3.16
C LYS A 55 8.14 10.25 1.72
N LEU A 56 7.82 9.37 0.79
CA LEU A 56 7.92 9.67 -0.63
C LEU A 56 6.62 10.22 -1.17
N GLN A 57 6.74 11.02 -2.20
CA GLN A 57 5.63 11.73 -2.81
C GLN A 57 4.77 10.78 -3.65
N SER A 58 5.39 9.79 -4.26
CA SER A 58 4.69 8.85 -5.12
C SER A 58 3.67 8.00 -4.31
N THR A 59 3.96 7.81 -3.04
CA THR A 59 3.08 7.11 -2.13
C THR A 59 1.75 7.86 -2.04
N LYS A 60 1.81 9.18 -1.88
CA LYS A 60 0.62 10.02 -1.67
C LYS A 60 -0.42 9.84 -2.75
N ARG A 61 -0.05 9.92 -4.02
CA ARG A 61 -1.03 9.73 -5.07
C ARG A 61 -1.54 8.35 -5.13
N PHE A 62 -0.67 7.35 -5.01
CA PHE A 62 -1.13 5.98 -5.16
C PHE A 62 -2.11 5.63 -4.05
N ILE A 63 -1.85 6.15 -2.86
CA ILE A 63 -2.68 5.86 -1.73
C ILE A 63 -3.96 6.61 -1.85
N LYS A 64 -3.87 7.86 -2.23
CA LYS A 64 -5.03 8.71 -2.35
C LYS A 64 -5.93 8.19 -3.44
N TRP A 65 -5.30 7.71 -4.48
CA TRP A 65 -5.96 7.23 -5.65
C TRP A 65 -6.66 5.92 -5.29
N TYR A 66 -5.97 5.09 -4.47
CA TYR A 66 -6.58 3.86 -4.02
C TYR A 66 -7.79 4.13 -3.17
N ASN A 67 -7.74 5.15 -2.34
CA ASN A 67 -8.91 5.52 -1.53
C ASN A 67 -10.13 5.84 -2.39
N ALA A 68 -9.88 6.41 -3.55
CA ALA A 68 -10.96 6.69 -4.49
C ALA A 68 -11.40 5.38 -5.17
N TRP A 69 -10.43 4.64 -5.68
CA TRP A 69 -10.65 3.34 -6.34
C TRP A 69 -11.34 2.31 -5.41
N ASN A 70 -10.95 2.31 -4.16
CA ASN A 70 -11.51 1.41 -3.14
C ASN A 70 -12.99 1.70 -2.96
N GLU A 71 -13.37 2.97 -3.11
CA GLU A 71 -14.75 3.40 -3.01
C GLU A 71 -15.58 2.74 -4.14
N LYS A 72 -14.95 2.54 -5.27
CA LYS A 72 -15.61 1.89 -6.38
C LYS A 72 -15.67 0.38 -6.18
N ARG A 73 -14.64 -0.18 -5.56
CA ARG A 73 -14.61 -1.63 -5.32
C ARG A 73 -15.50 -2.02 -4.14
N ARG A 74 -15.54 -1.18 -3.12
CA ARG A 74 -16.42 -1.40 -1.97
C ARG A 74 -17.86 -1.11 -2.40
N VAL A 75 -17.95 -0.39 -3.50
CA VAL A 75 -19.16 -0.06 -4.22
C VAL A 75 -19.96 1.03 -3.57
N TYR A 76 -19.57 2.17 -3.90
CA TYR A 76 -20.27 3.38 -3.63
C TYR A 76 -20.53 4.04 -4.94
N GLU A 77 -21.43 3.48 -5.68
CA GLU A 77 -21.74 3.98 -6.97
C GLU A 77 -23.20 4.20 -7.06
N GLU A 78 -23.55 5.37 -6.76
CA GLU A 78 -24.90 5.78 -6.67
C GLU A 78 -24.90 7.31 -6.77
N SER A 2 13.74 7.14 8.89
CA SER A 2 13.23 5.78 9.05
C SER A 2 14.35 4.80 9.40
N LYS A 3 13.99 3.62 9.84
CA LYS A 3 14.94 2.63 10.26
C LYS A 3 14.40 1.23 9.94
N CYS A 4 13.55 1.16 8.94
CA CYS A 4 12.99 -0.12 8.53
C CYS A 4 13.43 -0.50 7.12
N LYS A 5 13.63 -1.77 6.91
CA LYS A 5 14.15 -2.26 5.67
C LYS A 5 13.06 -2.91 4.82
N CYS A 6 12.71 -2.24 3.77
CA CYS A 6 11.78 -2.77 2.78
C CYS A 6 12.43 -2.63 1.42
N SER A 7 12.62 -1.40 1.03
CA SER A 7 13.26 -0.98 -0.19
C SER A 7 13.39 0.52 -0.06
N ARG A 8 14.01 1.18 -1.00
CA ARG A 8 14.11 2.62 -0.94
C ARG A 8 12.75 3.20 -1.25
N LYS A 9 12.04 2.53 -2.14
CA LYS A 9 10.70 2.91 -2.52
C LYS A 9 9.73 1.83 -2.04
N GLY A 10 9.83 0.67 -2.63
CA GLY A 10 8.94 -0.45 -2.33
C GLY A 10 8.54 -1.10 -3.64
N PRO A 11 8.44 -2.45 -3.68
CA PRO A 11 8.03 -3.17 -4.90
C PRO A 11 6.73 -2.61 -5.47
N LYS A 12 6.66 -2.51 -6.79
CA LYS A 12 5.57 -1.85 -7.48
C LYS A 12 4.24 -2.49 -7.25
N ILE A 13 3.24 -1.65 -7.23
CA ILE A 13 1.89 -2.04 -6.93
C ILE A 13 0.99 -1.21 -7.82
N ARG A 14 -0.04 -1.80 -8.32
CA ARG A 14 -1.06 -1.07 -9.01
C ARG A 14 -2.30 -1.15 -8.17
N TYR A 15 -3.27 -0.33 -8.45
CA TYR A 15 -4.47 -0.26 -7.63
C TYR A 15 -5.28 -1.56 -7.73
N SER A 16 -5.13 -2.25 -8.84
CA SER A 16 -5.78 -3.51 -9.08
C SER A 16 -5.14 -4.65 -8.25
N ASP A 17 -3.95 -4.40 -7.72
CA ASP A 17 -3.20 -5.39 -6.94
C ASP A 17 -3.69 -5.39 -5.52
N VAL A 18 -4.13 -4.24 -5.08
CA VAL A 18 -4.41 -4.01 -3.67
C VAL A 18 -5.77 -4.55 -3.26
N LYS A 19 -5.80 -5.31 -2.18
CA LYS A 19 -7.05 -5.81 -1.62
C LYS A 19 -7.28 -5.05 -0.30
N LYS A 20 -6.20 -4.58 0.29
CA LYS A 20 -6.22 -3.83 1.55
C LYS A 20 -5.04 -2.93 1.60
N LEU A 21 -5.25 -1.76 2.10
CA LEU A 21 -4.21 -0.80 2.26
C LEU A 21 -4.36 -0.21 3.64
N GLU A 22 -3.34 -0.32 4.44
CA GLU A 22 -3.38 0.21 5.76
C GLU A 22 -2.06 0.83 6.11
N MET A 23 -2.09 1.95 6.77
CA MET A 23 -0.89 2.63 7.12
C MET A 23 -0.60 2.47 8.59
N LYS A 24 0.44 1.75 8.86
CA LYS A 24 0.92 1.51 10.19
C LYS A 24 2.38 1.14 10.09
N PRO A 25 3.18 1.40 11.10
CA PRO A 25 4.56 1.00 11.08
C PRO A 25 4.65 -0.53 11.18
N LYS A 26 5.21 -1.15 10.15
CA LYS A 26 5.30 -2.60 10.07
C LYS A 26 6.22 -3.09 11.20
N TYR A 27 7.13 -2.23 11.58
CA TYR A 27 8.05 -2.49 12.63
C TYR A 27 7.96 -1.36 13.61
N PRO A 28 8.09 -1.64 14.92
CA PRO A 28 8.07 -0.60 15.96
C PRO A 28 9.25 0.36 15.82
N HIS A 29 10.19 0.00 14.98
CA HIS A 29 11.37 0.79 14.71
C HIS A 29 11.24 1.54 13.37
N CYS A 30 10.02 1.88 12.98
CA CYS A 30 9.80 2.60 11.74
C CYS A 30 9.41 4.03 12.05
N GLU A 31 9.74 4.94 11.16
CA GLU A 31 9.42 6.31 11.32
C GLU A 31 8.06 6.54 10.74
N GLU A 32 7.17 7.17 11.50
CA GLU A 32 5.79 7.40 11.10
C GLU A 32 5.09 6.10 10.66
N LYS A 33 3.97 6.22 9.99
CA LYS A 33 3.25 5.04 9.54
C LYS A 33 3.80 4.57 8.20
N MET A 34 3.86 3.28 8.03
CA MET A 34 4.34 2.67 6.78
C MET A 34 3.13 2.25 5.95
N VAL A 35 3.31 2.11 4.67
CA VAL A 35 2.21 1.70 3.81
C VAL A 35 2.20 0.18 3.68
N ILE A 36 1.20 -0.43 4.24
CA ILE A 36 1.04 -1.86 4.17
C ILE A 36 0.03 -2.18 3.13
N ILE A 37 0.47 -2.78 2.06
CA ILE A 37 -0.43 -3.14 1.02
C ILE A 37 -0.56 -4.62 0.86
N THR A 38 -1.74 -5.07 1.06
CA THR A 38 -2.07 -6.46 0.98
C THR A 38 -2.63 -6.70 -0.42
N THR A 39 -2.13 -7.68 -1.11
CA THR A 39 -2.60 -7.89 -2.44
C THR A 39 -3.68 -8.98 -2.51
N LYS A 40 -4.49 -8.92 -3.55
CA LYS A 40 -5.55 -9.90 -3.78
C LYS A 40 -5.00 -11.18 -4.39
N SER A 41 -4.20 -10.96 -5.43
CA SER A 41 -3.55 -11.92 -6.30
C SER A 41 -3.01 -11.07 -7.45
N VAL A 42 -2.52 -11.69 -8.52
CA VAL A 42 -2.01 -10.97 -9.73
C VAL A 42 -0.66 -10.27 -9.47
N SER A 43 -0.50 -9.76 -8.28
CA SER A 43 0.70 -9.11 -7.88
C SER A 43 1.74 -10.18 -7.57
N ARG A 44 2.99 -9.84 -7.73
CA ARG A 44 4.14 -10.73 -7.48
C ARG A 44 4.20 -11.29 -6.04
N TYR A 45 3.44 -10.71 -5.14
CA TYR A 45 3.38 -11.22 -3.78
C TYR A 45 2.34 -12.31 -3.60
N ARG A 46 1.46 -12.46 -4.58
CA ARG A 46 0.45 -13.52 -4.63
C ARG A 46 -0.45 -13.50 -3.35
N GLY A 47 -0.80 -12.30 -2.92
CA GLY A 47 -1.65 -12.14 -1.75
C GLY A 47 -0.88 -11.77 -0.51
N GLN A 48 0.42 -11.68 -0.65
CA GLN A 48 1.30 -11.22 0.42
C GLN A 48 1.40 -9.70 0.41
N GLU A 49 1.80 -9.14 1.53
CA GLU A 49 1.78 -7.71 1.70
C GLU A 49 3.09 -7.06 1.28
N HIS A 50 2.97 -5.85 0.80
CA HIS A 50 4.10 -5.00 0.41
C HIS A 50 4.27 -3.95 1.47
N CYS A 51 5.44 -3.39 1.55
CA CYS A 51 5.66 -2.26 2.40
C CYS A 51 6.33 -1.20 1.58
N LEU A 52 5.74 -0.04 1.56
CA LEU A 52 6.20 1.01 0.69
C LEU A 52 6.58 2.21 1.54
N HIS A 53 7.65 2.86 1.16
CA HIS A 53 8.16 4.05 1.82
C HIS A 53 7.24 5.25 1.54
N PRO A 54 6.44 5.66 2.54
CA PRO A 54 5.39 6.70 2.37
C PRO A 54 5.90 8.11 2.29
N LYS A 55 7.19 8.30 2.45
CA LYS A 55 7.75 9.63 2.40
C LYS A 55 7.76 10.23 1.00
N LEU A 56 7.52 9.38 0.02
CA LEU A 56 7.54 9.79 -1.37
C LEU A 56 6.19 10.38 -1.73
N GLN A 57 6.21 11.45 -2.51
CA GLN A 57 4.99 12.17 -2.88
C GLN A 57 4.05 11.29 -3.73
N SER A 58 4.65 10.38 -4.47
CA SER A 58 3.92 9.46 -5.31
C SER A 58 3.04 8.55 -4.46
N THR A 59 3.55 8.18 -3.30
CA THR A 59 2.85 7.29 -2.43
C THR A 59 1.54 7.94 -1.94
N LYS A 60 1.59 9.24 -1.63
CA LYS A 60 0.39 9.97 -1.21
C LYS A 60 -0.70 9.90 -2.24
N ARG A 61 -0.35 10.12 -3.50
CA ARG A 61 -1.33 9.98 -4.53
C ARG A 61 -1.85 8.60 -4.61
N PHE A 62 -0.97 7.62 -4.52
CA PHE A 62 -1.37 6.23 -4.62
C PHE A 62 -2.39 5.89 -3.51
N ILE A 63 -2.12 6.40 -2.29
CA ILE A 63 -3.01 6.13 -1.16
C ILE A 63 -4.34 6.76 -1.40
N LYS A 64 -4.33 8.05 -1.69
CA LYS A 64 -5.58 8.76 -1.93
C LYS A 64 -6.31 8.28 -3.18
N TRP A 65 -5.55 7.82 -4.14
CA TRP A 65 -6.09 7.33 -5.39
C TRP A 65 -6.76 5.98 -5.11
N TYR A 66 -6.06 5.08 -4.37
CA TYR A 66 -6.65 3.79 -4.02
C TYR A 66 -7.83 4.00 -3.13
N ASN A 67 -7.73 4.99 -2.29
CA ASN A 67 -8.75 5.37 -1.31
C ASN A 67 -10.08 5.61 -2.04
N ALA A 68 -10.00 6.33 -3.15
CA ALA A 68 -11.16 6.61 -3.98
C ALA A 68 -11.57 5.38 -4.78
N TRP A 69 -10.58 4.77 -5.42
CA TRP A 69 -10.75 3.56 -6.25
C TRP A 69 -11.42 2.42 -5.46
N ASN A 70 -11.05 2.29 -4.21
CA ASN A 70 -11.63 1.30 -3.32
C ASN A 70 -13.12 1.55 -3.13
N GLU A 71 -13.50 2.81 -3.04
CA GLU A 71 -14.91 3.20 -2.89
C GLU A 71 -15.73 2.81 -4.12
N LYS A 72 -15.15 3.01 -5.31
CA LYS A 72 -15.85 2.63 -6.57
C LYS A 72 -16.09 1.14 -6.62
N ARG A 73 -15.21 0.40 -6.01
CA ARG A 73 -15.29 -1.05 -6.00
C ARG A 73 -16.24 -1.54 -4.89
N ARG A 74 -16.44 -0.71 -3.87
CA ARG A 74 -17.37 -1.03 -2.81
C ARG A 74 -18.79 -0.80 -3.29
N VAL A 75 -18.96 0.21 -4.09
CA VAL A 75 -20.21 0.44 -4.74
C VAL A 75 -20.16 -0.21 -6.12
N TYR A 76 -21.09 0.09 -6.97
CA TYR A 76 -21.04 -0.45 -8.31
C TYR A 76 -20.53 0.59 -9.28
N GLU A 77 -19.87 0.15 -10.31
CA GLU A 77 -19.31 1.05 -11.29
C GLU A 77 -20.13 1.08 -12.54
N GLU A 78 -19.83 2.02 -13.39
CA GLU A 78 -20.49 2.18 -14.64
C GLU A 78 -19.44 2.14 -15.72
N SER A 2 15.75 5.29 11.96
CA SER A 2 14.60 5.83 11.27
C SER A 2 14.42 5.15 9.92
N LYS A 3 15.52 4.83 9.28
CA LYS A 3 15.47 4.24 7.98
C LYS A 3 15.27 2.74 8.08
N CYS A 4 14.02 2.35 8.18
CA CYS A 4 13.67 0.96 8.22
C CYS A 4 13.73 0.41 6.81
N LYS A 5 13.00 1.08 5.90
CA LYS A 5 12.91 0.71 4.49
C LYS A 5 12.39 -0.72 4.32
N CYS A 6 12.49 -1.23 3.14
CA CYS A 6 12.14 -2.59 2.86
C CYS A 6 13.41 -3.33 2.46
N SER A 7 13.31 -4.63 2.30
CA SER A 7 14.47 -5.44 1.98
C SER A 7 15.11 -5.06 0.65
N ARG A 8 14.32 -4.99 -0.40
CA ARG A 8 14.90 -4.64 -1.67
C ARG A 8 14.25 -3.39 -2.27
N LYS A 9 12.96 -3.48 -2.53
CA LYS A 9 12.22 -2.37 -3.12
C LYS A 9 10.79 -2.40 -2.69
N GLY A 10 10.07 -1.43 -3.17
CA GLY A 10 8.66 -1.39 -3.06
C GLY A 10 8.11 -1.40 -4.46
N PRO A 11 7.85 -2.60 -5.01
CA PRO A 11 7.42 -2.80 -6.40
C PRO A 11 6.24 -1.90 -6.79
N LYS A 12 6.22 -1.54 -8.05
CA LYS A 12 5.19 -0.69 -8.57
C LYS A 12 3.89 -1.49 -8.68
N ILE A 13 2.97 -1.14 -7.83
CA ILE A 13 1.71 -1.82 -7.71
C ILE A 13 0.63 -1.00 -8.40
N ARG A 14 -0.36 -1.67 -8.95
CA ARG A 14 -1.50 -0.98 -9.49
C ARG A 14 -2.60 -1.04 -8.46
N TYR A 15 -3.60 -0.20 -8.62
CA TYR A 15 -4.69 -0.13 -7.66
C TYR A 15 -5.54 -1.39 -7.75
N SER A 16 -5.47 -2.00 -8.91
CA SER A 16 -6.18 -3.23 -9.21
C SER A 16 -5.59 -4.41 -8.41
N ASP A 17 -4.33 -4.28 -8.02
CA ASP A 17 -3.60 -5.34 -7.31
C ASP A 17 -3.86 -5.32 -5.84
N VAL A 18 -4.34 -4.20 -5.36
CA VAL A 18 -4.49 -4.01 -3.94
C VAL A 18 -5.85 -4.54 -3.45
N LYS A 19 -5.80 -5.42 -2.50
CA LYS A 19 -6.98 -6.02 -1.91
C LYS A 19 -7.28 -5.27 -0.60
N LYS A 20 -6.22 -4.78 0.00
CA LYS A 20 -6.26 -4.07 1.27
C LYS A 20 -5.10 -3.13 1.34
N LEU A 21 -5.32 -2.02 1.95
CA LEU A 21 -4.27 -1.09 2.21
C LEU A 21 -4.44 -0.70 3.67
N GLU A 22 -3.43 -0.93 4.46
CA GLU A 22 -3.48 -0.57 5.85
C GLU A 22 -2.22 0.16 6.24
N MET A 23 -2.35 1.12 7.09
CA MET A 23 -1.23 1.85 7.51
C MET A 23 -0.79 1.45 8.91
N LYS A 24 0.36 0.86 8.97
CA LYS A 24 0.98 0.46 10.19
C LYS A 24 2.48 0.30 9.94
N PRO A 25 3.34 0.74 10.87
CA PRO A 25 4.78 0.72 10.65
C PRO A 25 5.33 -0.68 10.60
N LYS A 26 6.43 -0.84 9.90
CA LYS A 26 7.08 -2.12 9.80
C LYS A 26 7.56 -2.52 11.18
N TYR A 27 8.21 -1.60 11.85
CA TYR A 27 8.63 -1.80 13.21
C TYR A 27 8.27 -0.53 13.95
N PRO A 28 8.06 -0.59 15.27
CA PRO A 28 7.75 0.61 16.06
C PRO A 28 8.84 1.71 15.93
N HIS A 29 10.05 1.32 15.53
CA HIS A 29 11.16 2.26 15.35
C HIS A 29 11.11 3.01 14.01
N CYS A 30 9.98 2.98 13.34
CA CYS A 30 9.88 3.64 12.06
C CYS A 30 9.04 4.89 12.20
N GLU A 31 9.33 5.88 11.37
CA GLU A 31 8.62 7.13 11.40
C GLU A 31 7.39 7.07 10.53
N GLU A 32 6.26 7.49 11.09
CA GLU A 32 4.95 7.47 10.42
C GLU A 32 4.48 6.00 10.26
N LYS A 33 3.30 5.81 9.76
CA LYS A 33 2.78 4.50 9.52
C LYS A 33 3.16 4.08 8.12
N MET A 34 3.66 2.87 7.99
CA MET A 34 4.03 2.34 6.67
C MET A 34 2.81 2.00 5.89
N VAL A 35 2.99 1.91 4.62
CA VAL A 35 1.93 1.56 3.73
C VAL A 35 2.03 0.08 3.48
N ILE A 36 1.08 -0.63 3.98
CA ILE A 36 1.06 -2.05 3.89
C ILE A 36 0.04 -2.44 2.85
N ILE A 37 0.51 -3.00 1.78
CA ILE A 37 -0.35 -3.34 0.69
C ILE A 37 -0.54 -4.81 0.56
N THR A 38 -1.74 -5.21 0.69
CA THR A 38 -2.10 -6.59 0.60
C THR A 38 -2.58 -6.83 -0.82
N THR A 39 -2.09 -7.87 -1.44
CA THR A 39 -2.45 -8.09 -2.81
C THR A 39 -3.66 -8.99 -2.94
N LYS A 40 -4.32 -8.87 -4.07
CA LYS A 40 -5.52 -9.65 -4.34
C LYS A 40 -5.19 -11.09 -4.77
N SER A 41 -4.27 -11.22 -5.73
CA SER A 41 -3.86 -12.52 -6.32
C SER A 41 -3.13 -12.22 -7.64
N VAL A 42 -3.54 -11.12 -8.27
CA VAL A 42 -3.00 -10.65 -9.55
C VAL A 42 -1.50 -10.20 -9.43
N SER A 43 -1.04 -10.00 -8.22
CA SER A 43 0.34 -9.66 -7.97
C SER A 43 1.04 -10.93 -7.46
N ARG A 44 2.34 -11.07 -7.72
CA ARG A 44 3.11 -12.29 -7.38
C ARG A 44 3.07 -12.63 -5.88
N TYR A 45 2.76 -11.65 -5.06
CA TYR A 45 2.66 -11.87 -3.63
C TYR A 45 1.45 -12.71 -3.28
N ARG A 46 0.39 -12.57 -4.06
CA ARG A 46 -0.83 -13.36 -3.94
C ARG A 46 -1.37 -13.44 -2.51
N GLY A 47 -1.69 -12.31 -1.95
CA GLY A 47 -2.24 -12.28 -0.61
C GLY A 47 -1.20 -11.94 0.43
N GLN A 48 0.02 -11.72 -0.01
CA GLN A 48 1.10 -11.26 0.85
C GLN A 48 1.22 -9.76 0.74
N GLU A 49 1.75 -9.12 1.76
CA GLU A 49 1.80 -7.68 1.78
C GLU A 49 3.12 -7.11 1.26
N HIS A 50 3.01 -6.07 0.46
CA HIS A 50 4.16 -5.30 0.00
C HIS A 50 4.28 -4.12 0.96
N CYS A 51 5.45 -3.56 1.07
CA CYS A 51 5.63 -2.44 1.94
C CYS A 51 6.07 -1.18 1.17
N LEU A 52 5.34 -0.11 1.37
CA LEU A 52 5.68 1.17 0.81
C LEU A 52 6.00 2.16 1.89
N HIS A 53 6.95 2.97 1.61
CA HIS A 53 7.43 3.92 2.58
C HIS A 53 6.80 5.30 2.28
N PRO A 54 6.06 5.88 3.26
CA PRO A 54 5.31 7.15 3.09
C PRO A 54 6.18 8.41 2.90
N LYS A 55 7.48 8.24 2.91
CA LYS A 55 8.40 9.35 2.67
C LYS A 55 8.50 9.72 1.19
N LEU A 56 7.98 8.86 0.33
CA LEU A 56 7.95 9.13 -1.11
C LEU A 56 6.65 9.84 -1.46
N GLN A 57 6.71 10.74 -2.43
CA GLN A 57 5.54 11.49 -2.87
C GLN A 57 4.64 10.60 -3.72
N SER A 58 5.26 9.64 -4.40
CA SER A 58 4.55 8.68 -5.22
C SER A 58 3.53 7.92 -4.37
N THR A 59 3.91 7.67 -3.13
CA THR A 59 3.10 6.98 -2.18
C THR A 59 1.79 7.75 -1.92
N LYS A 60 1.88 9.09 -1.80
CA LYS A 60 0.70 9.92 -1.52
C LYS A 60 -0.38 9.75 -2.54
N ARG A 61 -0.04 9.85 -3.82
CA ARG A 61 -1.05 9.67 -4.82
C ARG A 61 -1.57 8.29 -4.85
N PHE A 62 -0.73 7.31 -4.63
CA PHE A 62 -1.19 5.94 -4.66
C PHE A 62 -2.22 5.71 -3.54
N ILE A 63 -1.95 6.28 -2.37
CA ILE A 63 -2.86 6.14 -1.23
C ILE A 63 -4.13 6.90 -1.47
N LYS A 64 -3.99 8.17 -1.83
CA LYS A 64 -5.15 9.05 -2.03
C LYS A 64 -6.00 8.55 -3.18
N TRP A 65 -5.36 7.93 -4.13
CA TRP A 65 -6.05 7.42 -5.29
C TRP A 65 -6.72 6.10 -4.95
N TYR A 66 -6.01 5.24 -4.18
CA TYR A 66 -6.57 3.95 -3.80
C TYR A 66 -7.78 4.13 -2.92
N ASN A 67 -7.75 5.13 -2.05
CA ASN A 67 -8.89 5.44 -1.20
C ASN A 67 -10.15 5.65 -2.02
N ALA A 68 -10.04 6.42 -3.09
CA ALA A 68 -11.17 6.69 -3.97
C ALA A 68 -11.58 5.41 -4.72
N TRP A 69 -10.59 4.72 -5.23
CA TRP A 69 -10.76 3.45 -5.94
C TRP A 69 -11.44 2.40 -5.06
N ASN A 70 -11.03 2.33 -3.81
CA ASN A 70 -11.59 1.39 -2.86
C ASN A 70 -13.05 1.73 -2.63
N GLU A 71 -13.34 3.02 -2.41
CA GLU A 71 -14.70 3.48 -2.19
C GLU A 71 -15.57 3.22 -3.41
N LYS A 72 -15.01 3.36 -4.61
CA LYS A 72 -15.75 3.10 -5.82
C LYS A 72 -16.13 1.64 -5.96
N ARG A 73 -15.25 0.75 -5.52
CA ARG A 73 -15.51 -0.69 -5.55
C ARG A 73 -16.45 -1.06 -4.40
N ARG A 74 -16.32 -0.33 -3.30
CA ARG A 74 -17.15 -0.46 -2.10
C ARG A 74 -18.58 0.00 -2.42
N VAL A 75 -18.65 0.85 -3.45
CA VAL A 75 -19.86 1.47 -3.97
C VAL A 75 -20.17 2.74 -3.20
N TYR A 76 -19.86 3.78 -3.84
CA TYR A 76 -19.96 5.13 -3.36
C TYR A 76 -20.41 5.97 -4.53
N GLU A 77 -21.64 6.42 -4.49
CA GLU A 77 -22.19 7.15 -5.62
C GLU A 77 -22.60 8.54 -5.23
N GLU A 78 -21.72 9.45 -5.48
CA GLU A 78 -21.93 10.85 -5.22
C GLU A 78 -21.69 11.63 -6.50
N SER A 2 16.93 7.22 11.82
CA SER A 2 16.04 6.68 10.83
C SER A 2 16.70 5.54 10.06
N LYS A 3 16.31 4.33 10.40
CA LYS A 3 16.71 3.14 9.69
C LYS A 3 15.47 2.32 9.49
N CYS A 4 15.08 2.15 8.27
CA CYS A 4 13.88 1.44 7.99
C CYS A 4 13.95 0.78 6.63
N LYS A 5 14.30 -0.48 6.65
CA LYS A 5 14.33 -1.26 5.46
C LYS A 5 13.24 -2.28 5.54
N CYS A 6 12.28 -2.15 4.68
CA CYS A 6 11.19 -3.07 4.68
C CYS A 6 11.16 -3.77 3.33
N SER A 7 11.42 -5.08 3.36
CA SER A 7 11.48 -5.94 2.18
C SER A 7 12.75 -5.63 1.35
N ARG A 8 12.82 -4.42 0.80
CA ARG A 8 13.94 -3.94 0.00
C ARG A 8 13.67 -2.48 -0.35
N LYS A 9 12.52 -2.26 -0.94
CA LYS A 9 12.07 -0.95 -1.34
C LYS A 9 10.59 -1.02 -1.52
N GLY A 10 9.89 0.06 -1.19
CA GLY A 10 8.48 0.12 -1.42
C GLY A 10 8.18 0.20 -2.93
N PRO A 11 7.52 -0.80 -3.49
CA PRO A 11 7.22 -0.85 -4.91
C PRO A 11 5.83 -0.27 -5.22
N LYS A 12 5.66 0.23 -6.42
CA LYS A 12 4.40 0.75 -6.82
C LYS A 12 3.52 -0.38 -7.35
N ILE A 13 2.58 -0.74 -6.54
CA ILE A 13 1.61 -1.79 -6.83
C ILE A 13 0.49 -1.17 -7.65
N ARG A 14 -0.16 -1.90 -8.52
CA ARG A 14 -1.30 -1.29 -9.16
C ARG A 14 -2.50 -1.39 -8.24
N TYR A 15 -3.46 -0.52 -8.43
CA TYR A 15 -4.61 -0.39 -7.54
C TYR A 15 -5.49 -1.64 -7.59
N SER A 16 -5.59 -2.24 -8.75
CA SER A 16 -6.40 -3.44 -8.93
C SER A 16 -5.75 -4.66 -8.26
N ASP A 17 -4.44 -4.59 -8.01
CA ASP A 17 -3.71 -5.68 -7.36
C ASP A 17 -3.83 -5.57 -5.87
N VAL A 18 -4.18 -4.39 -5.42
CA VAL A 18 -4.30 -4.13 -4.00
C VAL A 18 -5.66 -4.62 -3.53
N LYS A 19 -5.64 -5.41 -2.51
CA LYS A 19 -6.87 -5.91 -1.92
C LYS A 19 -7.14 -5.17 -0.62
N LYS A 20 -6.07 -4.66 -0.06
CA LYS A 20 -6.12 -3.90 1.20
C LYS A 20 -4.99 -2.91 1.27
N LEU A 21 -5.27 -1.80 1.85
CA LEU A 21 -4.29 -0.79 2.14
C LEU A 21 -4.51 -0.41 3.59
N GLU A 22 -3.50 -0.56 4.39
CA GLU A 22 -3.61 -0.29 5.81
C GLU A 22 -2.31 0.29 6.35
N MET A 23 -2.40 1.30 7.20
CA MET A 23 -1.22 1.98 7.66
C MET A 23 -0.82 1.67 9.09
N LYS A 24 0.31 1.03 9.23
CA LYS A 24 1.02 0.84 10.48
C LYS A 24 2.46 0.53 10.16
N PRO A 25 3.42 0.96 10.98
CA PRO A 25 4.82 0.65 10.74
C PRO A 25 5.07 -0.84 10.76
N LYS A 26 5.75 -1.33 9.75
CA LYS A 26 6.07 -2.75 9.69
C LYS A 26 7.22 -3.02 10.67
N TYR A 27 7.90 -1.94 11.01
CA TYR A 27 8.89 -1.92 12.04
C TYR A 27 8.59 -0.73 12.94
N PRO A 28 8.44 -0.94 14.25
CA PRO A 28 8.14 0.16 15.19
C PRO A 28 9.26 1.21 15.21
N HIS A 29 10.45 0.80 14.82
CA HIS A 29 11.62 1.68 14.76
C HIS A 29 11.64 2.50 13.44
N CYS A 30 10.50 2.58 12.76
CA CYS A 30 10.41 3.29 11.50
C CYS A 30 9.61 4.56 11.71
N GLU A 31 9.85 5.58 10.92
CA GLU A 31 9.15 6.81 11.03
C GLU A 31 7.85 6.83 10.24
N GLU A 32 6.77 7.27 10.91
CA GLU A 32 5.40 7.35 10.38
C GLU A 32 4.79 5.92 10.24
N LYS A 33 3.56 5.84 9.82
CA LYS A 33 2.90 4.57 9.59
C LYS A 33 3.14 4.10 8.18
N MET A 34 3.67 2.90 8.07
CA MET A 34 3.95 2.30 6.75
C MET A 34 2.68 1.98 6.04
N VAL A 35 2.79 1.96 4.77
CA VAL A 35 1.69 1.62 3.95
C VAL A 35 1.76 0.15 3.65
N ILE A 36 0.85 -0.58 4.21
CA ILE A 36 0.79 -1.99 4.03
C ILE A 36 -0.15 -2.29 2.91
N ILE A 37 0.36 -2.89 1.89
CA ILE A 37 -0.39 -3.22 0.73
C ILE A 37 -0.55 -4.72 0.62
N THR A 38 -1.76 -5.15 0.74
CA THR A 38 -2.07 -6.55 0.64
C THR A 38 -2.52 -6.81 -0.79
N THR A 39 -1.96 -7.82 -1.40
CA THR A 39 -2.30 -8.15 -2.77
C THR A 39 -3.58 -8.98 -2.83
N LYS A 40 -4.20 -9.02 -3.98
CA LYS A 40 -5.46 -9.72 -4.15
C LYS A 40 -5.28 -11.21 -4.16
N SER A 41 -4.33 -11.70 -4.95
CA SER A 41 -4.08 -13.14 -5.04
C SER A 41 -2.93 -13.43 -5.99
N VAL A 42 -2.99 -12.90 -7.22
CA VAL A 42 -2.00 -13.24 -8.24
C VAL A 42 -0.72 -12.41 -8.08
N SER A 43 -0.10 -12.65 -6.99
CA SER A 43 1.20 -12.15 -6.68
C SER A 43 2.01 -13.35 -6.22
N ARG A 44 3.29 -13.17 -5.98
CA ARG A 44 4.06 -14.26 -5.40
C ARG A 44 3.81 -14.27 -3.89
N TYR A 45 3.17 -13.21 -3.44
CA TYR A 45 2.82 -12.99 -2.07
C TYR A 45 1.55 -13.73 -1.70
N ARG A 46 0.61 -13.83 -2.66
CA ARG A 46 -0.65 -14.59 -2.46
C ARG A 46 -1.46 -14.00 -1.32
N GLY A 47 -1.43 -12.69 -1.22
CA GLY A 47 -2.13 -11.99 -0.15
C GLY A 47 -1.20 -11.55 0.96
N GLN A 48 0.08 -11.81 0.81
CA GLN A 48 1.08 -11.29 1.72
C GLN A 48 1.33 -9.81 1.47
N GLU A 49 1.88 -9.15 2.46
CA GLU A 49 1.94 -7.71 2.50
C GLU A 49 3.18 -7.13 1.85
N HIS A 50 2.96 -6.02 1.20
CA HIS A 50 4.01 -5.16 0.69
C HIS A 50 4.03 -3.95 1.56
N CYS A 51 5.13 -3.28 1.62
CA CYS A 51 5.23 -2.12 2.43
C CYS A 51 5.87 -0.97 1.66
N LEU A 52 5.18 0.13 1.64
CA LEU A 52 5.64 1.32 0.97
C LEU A 52 5.95 2.38 2.01
N HIS A 53 7.09 3.02 1.87
CA HIS A 53 7.51 4.02 2.84
C HIS A 53 6.77 5.34 2.56
N PRO A 54 6.00 5.84 3.55
CA PRO A 54 5.11 7.02 3.38
C PRO A 54 5.80 8.36 3.15
N LYS A 55 7.11 8.36 3.13
CA LYS A 55 7.86 9.58 2.88
C LYS A 55 7.95 9.93 1.41
N LEU A 56 7.60 8.99 0.57
CA LEU A 56 7.63 9.20 -0.87
C LEU A 56 6.36 9.90 -1.30
N GLN A 57 6.47 10.83 -2.22
CA GLN A 57 5.31 11.56 -2.69
C GLN A 57 4.47 10.70 -3.58
N SER A 58 5.11 9.74 -4.23
CA SER A 58 4.43 8.76 -5.05
C SER A 58 3.40 8.01 -4.18
N THR A 59 3.77 7.81 -2.90
CA THR A 59 2.93 7.14 -1.95
C THR A 59 1.65 7.94 -1.71
N LYS A 60 1.77 9.26 -1.47
CA LYS A 60 0.58 10.10 -1.24
C LYS A 60 -0.39 10.03 -2.39
N ARG A 61 0.14 10.00 -3.61
CA ARG A 61 -0.68 9.94 -4.79
C ARG A 61 -1.40 8.61 -4.79
N PHE A 62 -0.64 7.55 -4.57
CA PHE A 62 -1.13 6.17 -4.58
C PHE A 62 -2.23 5.98 -3.53
N ILE A 63 -2.01 6.53 -2.35
CA ILE A 63 -2.97 6.41 -1.26
C ILE A 63 -4.24 7.14 -1.61
N LYS A 64 -4.10 8.41 -1.97
CA LYS A 64 -5.26 9.24 -2.32
C LYS A 64 -6.00 8.68 -3.53
N TRP A 65 -5.26 8.05 -4.40
CA TRP A 65 -5.81 7.47 -5.60
C TRP A 65 -6.59 6.21 -5.20
N TYR A 66 -6.00 5.39 -4.30
CA TYR A 66 -6.66 4.19 -3.81
C TYR A 66 -7.92 4.56 -3.05
N ASN A 67 -7.89 5.69 -2.34
CA ASN A 67 -9.05 6.18 -1.58
C ASN A 67 -10.30 6.30 -2.47
N ALA A 68 -10.10 6.72 -3.71
CA ALA A 68 -11.20 6.82 -4.66
C ALA A 68 -11.58 5.44 -5.15
N TRP A 69 -10.57 4.70 -5.58
CA TRP A 69 -10.71 3.33 -6.09
C TRP A 69 -11.38 2.39 -5.08
N ASN A 70 -11.02 2.52 -3.83
CA ASN A 70 -11.55 1.71 -2.75
C ASN A 70 -13.06 1.87 -2.65
N GLU A 71 -13.54 3.06 -2.92
CA GLU A 71 -14.94 3.33 -2.86
C GLU A 71 -15.64 2.73 -4.05
N LYS A 72 -15.02 2.87 -5.22
CA LYS A 72 -15.59 2.40 -6.49
C LYS A 72 -15.83 0.90 -6.45
N ARG A 73 -14.97 0.20 -5.75
CA ARG A 73 -15.05 -1.24 -5.65
C ARG A 73 -15.96 -1.73 -4.51
N ARG A 74 -16.33 -0.84 -3.58
CA ARG A 74 -17.21 -1.27 -2.50
C ARG A 74 -18.61 -0.72 -2.64
N VAL A 75 -18.79 0.31 -3.43
CA VAL A 75 -20.10 0.82 -3.67
C VAL A 75 -20.61 0.30 -5.01
N TYR A 76 -21.86 0.00 -5.08
CA TYR A 76 -22.44 -0.59 -6.26
C TYR A 76 -23.06 0.49 -7.15
N GLU A 77 -22.93 1.73 -6.72
CA GLU A 77 -23.42 2.85 -7.48
C GLU A 77 -22.41 3.20 -8.55
N GLU A 78 -22.74 4.10 -9.44
CA GLU A 78 -21.86 4.43 -10.53
C GLU A 78 -21.81 5.92 -10.76
N SER A 2 16.49 8.01 10.56
CA SER A 2 15.97 6.70 10.38
C SER A 2 15.60 6.42 8.94
N LYS A 3 16.30 5.51 8.34
CA LYS A 3 15.96 5.01 7.04
C LYS A 3 15.49 3.59 7.25
N CYS A 4 14.26 3.47 7.65
CA CYS A 4 13.70 2.19 8.00
C CYS A 4 13.42 1.39 6.75
N LYS A 5 14.05 0.24 6.64
CA LYS A 5 13.88 -0.56 5.49
C LYS A 5 12.87 -1.65 5.71
N CYS A 6 11.66 -1.32 5.49
CA CYS A 6 10.56 -2.28 5.48
C CYS A 6 10.47 -2.74 4.01
N SER A 7 11.14 -1.95 3.22
CA SER A 7 11.38 -2.04 1.84
C SER A 7 12.13 -0.74 1.60
N ARG A 8 12.90 -0.64 0.55
CA ARG A 8 13.62 0.61 0.32
C ARG A 8 12.64 1.73 0.04
N LYS A 9 11.69 1.44 -0.79
CA LYS A 9 10.59 2.34 -1.09
C LYS A 9 9.33 1.53 -1.11
N GLY A 10 9.34 0.51 -1.94
CA GLY A 10 8.21 -0.32 -2.16
C GLY A 10 7.96 -0.37 -3.65
N PRO A 11 8.06 -1.55 -4.29
CA PRO A 11 7.85 -1.71 -5.75
C PRO A 11 6.51 -1.12 -6.21
N LYS A 12 6.45 -0.76 -7.48
CA LYS A 12 5.25 -0.16 -8.03
C LYS A 12 4.11 -1.17 -8.11
N ILE A 13 3.14 -0.96 -7.28
CA ILE A 13 1.97 -1.77 -7.19
C ILE A 13 0.87 -1.09 -7.95
N ARG A 14 -0.01 -1.83 -8.52
CA ARG A 14 -1.14 -1.24 -9.16
C ARG A 14 -2.30 -1.27 -8.19
N TYR A 15 -3.26 -0.42 -8.37
CA TYR A 15 -4.40 -0.30 -7.45
C TYR A 15 -5.26 -1.55 -7.55
N SER A 16 -5.23 -2.14 -8.72
CA SER A 16 -5.96 -3.34 -9.04
C SER A 16 -5.44 -4.54 -8.22
N ASP A 17 -4.17 -4.48 -7.82
CA ASP A 17 -3.52 -5.59 -7.11
C ASP A 17 -3.81 -5.52 -5.63
N VAL A 18 -4.22 -4.37 -5.17
CA VAL A 18 -4.38 -4.16 -3.75
C VAL A 18 -5.76 -4.58 -3.25
N LYS A 19 -5.77 -5.48 -2.30
CA LYS A 19 -7.00 -5.92 -1.63
C LYS A 19 -7.29 -5.07 -0.42
N LYS A 20 -6.24 -4.61 0.20
CA LYS A 20 -6.33 -3.91 1.44
C LYS A 20 -5.11 -3.03 1.62
N LEU A 21 -5.32 -1.87 2.18
CA LEU A 21 -4.28 -0.93 2.46
C LEU A 21 -4.38 -0.57 3.95
N GLU A 22 -3.33 -0.80 4.70
CA GLU A 22 -3.32 -0.45 6.12
C GLU A 22 -2.11 0.39 6.39
N MET A 23 -2.27 1.50 7.06
CA MET A 23 -1.11 2.24 7.40
C MET A 23 -0.79 2.00 8.86
N LYS A 24 0.27 1.28 9.07
CA LYS A 24 0.81 0.96 10.35
C LYS A 24 2.25 0.52 10.18
N PRO A 25 3.18 0.99 11.01
CA PRO A 25 4.58 0.65 10.86
C PRO A 25 4.86 -0.81 11.16
N LYS A 26 5.40 -1.50 10.16
CA LYS A 26 5.76 -2.89 10.30
C LYS A 26 6.98 -3.00 11.21
N TYR A 27 7.71 -1.91 11.32
CA TYR A 27 8.82 -1.82 12.23
C TYR A 27 8.61 -0.57 13.06
N PRO A 28 8.65 -0.66 14.41
CA PRO A 28 8.48 0.51 15.30
C PRO A 28 9.54 1.57 15.03
N HIS A 29 10.64 1.13 14.47
CA HIS A 29 11.76 1.99 14.13
C HIS A 29 11.57 2.59 12.70
N CYS A 30 10.33 2.68 12.26
CA CYS A 30 10.01 3.24 10.95
C CYS A 30 9.35 4.60 11.12
N GLU A 31 9.49 5.44 10.11
CA GLU A 31 8.96 6.76 10.11
C GLU A 31 7.50 6.68 9.75
N GLU A 32 6.65 7.33 10.53
CA GLU A 32 5.22 7.46 10.23
C GLU A 32 4.54 6.03 10.10
N LYS A 33 3.31 5.99 9.66
CA LYS A 33 2.62 4.74 9.49
C LYS A 33 2.87 4.17 8.14
N MET A 34 3.67 3.13 8.12
CA MET A 34 4.04 2.45 6.89
C MET A 34 2.83 1.90 6.21
N VAL A 35 2.90 1.77 4.93
CA VAL A 35 1.77 1.33 4.19
C VAL A 35 1.88 -0.15 3.90
N ILE A 36 0.96 -0.89 4.43
CA ILE A 36 0.92 -2.29 4.21
C ILE A 36 -0.09 -2.55 3.10
N ILE A 37 0.38 -3.09 2.03
CA ILE A 37 -0.44 -3.36 0.87
C ILE A 37 -0.62 -4.85 0.69
N THR A 38 -1.84 -5.29 0.77
CA THR A 38 -2.15 -6.67 0.61
C THR A 38 -2.55 -6.95 -0.84
N THR A 39 -1.88 -7.90 -1.47
CA THR A 39 -2.16 -8.21 -2.87
C THR A 39 -3.25 -9.28 -2.97
N LYS A 40 -3.88 -9.42 -4.16
CA LYS A 40 -5.00 -10.36 -4.31
C LYS A 40 -4.53 -11.81 -4.28
N SER A 41 -3.52 -12.13 -5.10
CA SER A 41 -2.95 -13.49 -5.20
C SER A 41 -2.01 -13.62 -6.40
N VAL A 42 -2.40 -13.05 -7.54
CA VAL A 42 -1.65 -13.23 -8.77
C VAL A 42 -0.42 -12.32 -8.88
N SER A 43 -0.27 -11.44 -7.93
CA SER A 43 0.89 -10.56 -7.86
C SER A 43 2.13 -11.37 -7.42
N ARG A 44 3.30 -10.76 -7.49
CA ARG A 44 4.57 -11.44 -7.16
C ARG A 44 4.62 -11.94 -5.71
N TYR A 45 3.93 -11.23 -4.83
CA TYR A 45 3.86 -11.64 -3.44
C TYR A 45 2.82 -12.73 -3.18
N ARG A 46 2.08 -13.11 -4.22
CA ARG A 46 1.07 -14.19 -4.13
C ARG A 46 0.03 -13.95 -3.04
N GLY A 47 -0.27 -12.70 -2.79
CA GLY A 47 -1.25 -12.36 -1.77
C GLY A 47 -0.60 -11.92 -0.47
N GLN A 48 0.72 -11.93 -0.44
CA GLN A 48 1.48 -11.42 0.68
C GLN A 48 1.55 -9.90 0.64
N GLU A 49 1.85 -9.32 1.76
CA GLU A 49 1.75 -7.91 1.94
C GLU A 49 3.05 -7.19 1.58
N HIS A 50 2.89 -6.17 0.78
CA HIS A 50 3.95 -5.24 0.44
C HIS A 50 4.03 -4.22 1.52
N CYS A 51 5.14 -3.60 1.63
CA CYS A 51 5.29 -2.52 2.53
C CYS A 51 5.82 -1.36 1.71
N LEU A 52 5.12 -0.26 1.78
CA LEU A 52 5.46 0.92 1.01
C LEU A 52 5.78 2.04 1.98
N HIS A 53 6.79 2.80 1.65
CA HIS A 53 7.27 3.86 2.52
C HIS A 53 6.53 5.18 2.20
N PRO A 54 5.58 5.57 3.08
CA PRO A 54 4.60 6.69 2.83
C PRO A 54 5.17 8.10 2.94
N LYS A 55 6.43 8.18 2.96
CA LYS A 55 7.11 9.44 3.11
C LYS A 55 7.32 10.09 1.75
N LEU A 56 7.13 9.32 0.70
CA LEU A 56 7.34 9.77 -0.67
C LEU A 56 6.05 10.39 -1.21
N GLN A 57 6.19 11.44 -2.01
CA GLN A 57 5.04 12.15 -2.60
C GLN A 57 4.30 11.24 -3.59
N SER A 58 5.03 10.34 -4.18
CA SER A 58 4.48 9.36 -5.09
C SER A 58 3.58 8.39 -4.33
N THR A 59 3.91 8.14 -3.07
CA THR A 59 3.14 7.26 -2.25
C THR A 59 1.82 7.94 -1.89
N LYS A 60 1.84 9.27 -1.67
CA LYS A 60 0.62 10.02 -1.41
C LYS A 60 -0.40 9.81 -2.50
N ARG A 61 0.04 9.83 -3.75
CA ARG A 61 -0.85 9.55 -4.84
C ARG A 61 -1.43 8.19 -4.72
N PHE A 62 -0.57 7.19 -4.57
CA PHE A 62 -1.00 5.80 -4.51
C PHE A 62 -2.05 5.59 -3.42
N ILE A 63 -1.82 6.18 -2.27
CA ILE A 63 -2.72 6.02 -1.14
C ILE A 63 -4.02 6.78 -1.37
N LYS A 64 -3.92 8.06 -1.72
CA LYS A 64 -5.12 8.88 -1.94
C LYS A 64 -5.93 8.36 -3.13
N TRP A 65 -5.22 7.80 -4.08
CA TRP A 65 -5.83 7.30 -5.28
C TRP A 65 -6.52 5.98 -4.94
N TYR A 66 -5.83 5.12 -4.14
CA TYR A 66 -6.41 3.84 -3.74
C TYR A 66 -7.65 4.04 -2.91
N ASN A 67 -7.65 5.05 -2.07
CA ASN A 67 -8.82 5.35 -1.25
C ASN A 67 -10.02 5.70 -2.12
N ALA A 68 -9.78 6.47 -3.18
CA ALA A 68 -10.85 6.84 -4.12
C ALA A 68 -11.25 5.65 -4.98
N TRP A 69 -10.27 4.83 -5.31
CA TRP A 69 -10.46 3.57 -6.02
C TRP A 69 -11.31 2.63 -5.17
N ASN A 70 -11.02 2.57 -3.90
CA ASN A 70 -11.75 1.76 -2.95
C ASN A 70 -13.20 2.23 -2.87
N GLU A 71 -13.41 3.55 -2.89
CA GLU A 71 -14.76 4.10 -2.89
C GLU A 71 -15.50 3.67 -4.14
N LYS A 72 -14.79 3.67 -5.25
CA LYS A 72 -15.33 3.32 -6.54
C LYS A 72 -15.71 1.83 -6.60
N ARG A 73 -15.08 1.05 -5.76
CA ARG A 73 -15.36 -0.37 -5.69
C ARG A 73 -16.49 -0.65 -4.70
N ARG A 74 -16.72 0.30 -3.80
CA ARG A 74 -17.82 0.18 -2.84
C ARG A 74 -19.09 0.75 -3.44
N VAL A 75 -18.96 1.93 -4.02
CA VAL A 75 -20.04 2.53 -4.74
C VAL A 75 -19.72 2.32 -6.20
N TYR A 76 -20.31 1.32 -6.72
CA TYR A 76 -19.98 0.83 -8.03
C TYR A 76 -20.85 1.53 -9.07
N GLU A 77 -20.23 2.12 -10.07
CA GLU A 77 -20.97 2.84 -11.08
C GLU A 77 -21.29 1.95 -12.27
N GLU A 78 -22.54 1.96 -12.64
CA GLU A 78 -23.04 1.20 -13.75
C GLU A 78 -23.91 2.12 -14.57
N SER A 2 19.70 -0.33 11.10
CA SER A 2 18.64 -1.29 11.33
C SER A 2 17.29 -0.59 11.42
N LYS A 3 17.23 0.65 11.01
CA LYS A 3 15.99 1.38 11.06
C LYS A 3 15.15 1.27 9.81
N CYS A 4 14.38 0.18 9.74
CA CYS A 4 13.32 -0.01 8.74
C CYS A 4 13.86 -0.25 7.34
N LYS A 5 13.76 -1.46 6.90
CA LYS A 5 14.26 -1.84 5.60
C LYS A 5 13.17 -1.81 4.54
N CYS A 6 12.34 -2.87 4.52
CA CYS A 6 11.36 -3.09 3.44
C CYS A 6 12.03 -3.22 2.08
N SER A 7 12.23 -2.11 1.46
CA SER A 7 12.81 -1.99 0.16
C SER A 7 13.17 -0.54 0.01
N ARG A 8 14.03 -0.22 -0.91
CA ARG A 8 14.37 1.17 -1.13
C ARG A 8 13.29 1.80 -1.97
N LYS A 9 12.71 0.98 -2.81
CA LYS A 9 11.62 1.37 -3.63
C LYS A 9 10.66 0.19 -3.71
N GLY A 10 9.46 0.36 -3.17
CA GLY A 10 8.46 -0.70 -3.25
C GLY A 10 8.07 -0.94 -4.70
N PRO A 11 7.91 -2.21 -5.12
CA PRO A 11 7.54 -2.54 -6.52
C PRO A 11 6.28 -1.81 -6.97
N LYS A 12 6.19 -1.54 -8.26
CA LYS A 12 5.05 -0.83 -8.79
C LYS A 12 3.78 -1.70 -8.72
N ILE A 13 2.84 -1.22 -7.97
CA ILE A 13 1.59 -1.90 -7.74
C ILE A 13 0.48 -1.02 -8.23
N ARG A 14 -0.57 -1.60 -8.72
CA ARG A 14 -1.70 -0.82 -9.12
C ARG A 14 -2.82 -1.06 -8.14
N TYR A 15 -3.78 -0.16 -8.12
CA TYR A 15 -4.88 -0.20 -7.14
C TYR A 15 -5.70 -1.47 -7.34
N SER A 16 -5.81 -1.92 -8.58
CA SER A 16 -6.54 -3.13 -8.94
C SER A 16 -5.89 -4.39 -8.32
N ASP A 17 -4.60 -4.31 -8.00
CA ASP A 17 -3.87 -5.45 -7.45
C ASP A 17 -4.07 -5.54 -5.97
N VAL A 18 -4.40 -4.41 -5.38
CA VAL A 18 -4.50 -4.29 -3.95
C VAL A 18 -5.88 -4.70 -3.46
N LYS A 19 -5.91 -5.54 -2.48
CA LYS A 19 -7.15 -5.95 -1.83
C LYS A 19 -7.39 -5.08 -0.63
N LYS A 20 -6.32 -4.77 0.04
CA LYS A 20 -6.34 -4.04 1.27
C LYS A 20 -5.06 -3.28 1.40
N LEU A 21 -5.15 -2.10 1.91
CA LEU A 21 -4.00 -1.28 2.14
C LEU A 21 -4.12 -0.77 3.56
N GLU A 22 -3.11 -1.05 4.35
CA GLU A 22 -3.15 -0.65 5.73
C GLU A 22 -1.89 0.13 6.06
N MET A 23 -2.04 1.25 6.71
CA MET A 23 -0.91 2.06 7.01
C MET A 23 -0.53 2.01 8.49
N LYS A 24 0.61 1.43 8.75
CA LYS A 24 1.22 1.38 10.06
C LYS A 24 2.70 1.16 9.86
N PRO A 25 3.55 1.71 10.74
CA PRO A 25 5.02 1.66 10.60
C PRO A 25 5.63 0.24 10.44
N LYS A 26 4.83 -0.79 10.75
CA LYS A 26 5.24 -2.21 10.69
C LYS A 26 6.21 -2.55 11.84
N TYR A 27 7.16 -1.67 12.06
CA TYR A 27 8.04 -1.71 13.18
C TYR A 27 7.82 -0.47 14.00
N PRO A 28 7.66 -0.60 15.33
CA PRO A 28 7.47 0.55 16.23
C PRO A 28 8.60 1.58 16.11
N HIS A 29 9.75 1.11 15.65
CA HIS A 29 10.91 1.97 15.46
C HIS A 29 10.92 2.64 14.08
N CYS A 30 9.79 2.69 13.42
CA CYS A 30 9.75 3.32 12.13
C CYS A 30 9.00 4.63 12.20
N GLU A 31 9.39 5.56 11.38
CA GLU A 31 8.79 6.85 11.35
C GLU A 31 7.61 6.89 10.40
N GLU A 32 6.50 7.45 10.86
CA GLU A 32 5.29 7.64 10.07
C GLU A 32 4.61 6.28 9.78
N LYS A 33 3.48 6.28 9.15
CA LYS A 33 2.77 5.06 8.86
C LYS A 33 3.25 4.46 7.56
N MET A 34 3.86 3.31 7.65
CA MET A 34 4.27 2.55 6.48
C MET A 34 3.08 2.02 5.76
N VAL A 35 3.23 1.79 4.53
CA VAL A 35 2.15 1.35 3.71
C VAL A 35 2.25 -0.14 3.46
N ILE A 36 1.34 -0.88 4.03
CA ILE A 36 1.30 -2.31 3.85
C ILE A 36 0.29 -2.62 2.79
N ILE A 37 0.76 -3.13 1.70
CA ILE A 37 -0.10 -3.44 0.61
C ILE A 37 -0.36 -4.91 0.50
N THR A 38 -1.60 -5.23 0.59
CA THR A 38 -2.07 -6.58 0.53
C THR A 38 -2.60 -6.85 -0.89
N THR A 39 -1.99 -7.79 -1.55
CA THR A 39 -2.36 -8.12 -2.91
C THR A 39 -3.31 -9.32 -2.92
N LYS A 40 -4.03 -9.49 -4.02
CA LYS A 40 -4.96 -10.61 -4.16
C LYS A 40 -4.17 -11.88 -4.43
N SER A 41 -3.26 -11.73 -5.33
CA SER A 41 -2.26 -12.68 -5.82
C SER A 41 -1.64 -11.97 -6.98
N VAL A 42 -2.46 -11.86 -8.07
CA VAL A 42 -2.23 -11.02 -9.29
C VAL A 42 -0.77 -10.81 -9.73
N SER A 43 -0.05 -10.04 -8.96
CA SER A 43 1.32 -9.75 -9.18
C SER A 43 2.17 -11.03 -9.06
N ARG A 44 3.40 -10.93 -9.49
CA ARG A 44 4.32 -12.07 -9.46
C ARG A 44 4.76 -12.38 -8.02
N TYR A 45 4.34 -11.53 -7.11
CA TYR A 45 4.67 -11.63 -5.71
C TYR A 45 3.74 -12.66 -5.00
N ARG A 46 2.83 -13.28 -5.77
CA ARG A 46 1.96 -14.41 -5.32
C ARG A 46 0.97 -14.11 -4.18
N GLY A 47 0.73 -12.85 -3.91
CA GLY A 47 -0.25 -12.52 -2.88
C GLY A 47 0.38 -12.20 -1.54
N GLN A 48 1.66 -12.02 -1.55
CA GLN A 48 2.41 -11.59 -0.38
C GLN A 48 2.31 -10.07 -0.23
N GLU A 49 2.56 -9.57 0.96
CA GLU A 49 2.35 -8.16 1.24
C GLU A 49 3.61 -7.39 0.92
N HIS A 50 3.41 -6.26 0.30
CA HIS A 50 4.49 -5.35 -0.05
C HIS A 50 4.43 -4.21 0.93
N CYS A 51 5.52 -3.54 1.12
CA CYS A 51 5.51 -2.39 1.96
C CYS A 51 6.19 -1.24 1.28
N LEU A 52 5.48 -0.15 1.18
CA LEU A 52 5.96 1.01 0.50
C LEU A 52 6.40 2.03 1.52
N HIS A 53 7.52 2.66 1.25
CA HIS A 53 8.10 3.61 2.16
C HIS A 53 7.39 4.98 2.01
N PRO A 54 6.69 5.42 3.08
CA PRO A 54 5.83 6.63 3.05
C PRO A 54 6.54 7.97 2.87
N LYS A 55 7.79 7.94 2.57
CA LYS A 55 8.54 9.16 2.32
C LYS A 55 8.43 9.59 0.88
N LEU A 56 7.96 8.71 0.05
CA LEU A 56 7.84 8.97 -1.35
C LEU A 56 6.53 9.73 -1.62
N GLN A 57 6.60 10.69 -2.51
CA GLN A 57 5.45 11.53 -2.81
C GLN A 57 4.42 10.78 -3.62
N SER A 58 4.88 9.82 -4.41
CA SER A 58 4.00 8.99 -5.19
C SER A 58 3.12 8.12 -4.28
N THR A 59 3.66 7.82 -3.08
CA THR A 59 2.96 7.05 -2.10
C THR A 59 1.68 7.79 -1.67
N LYS A 60 1.81 9.09 -1.45
CA LYS A 60 0.67 9.90 -1.04
C LYS A 60 -0.44 9.89 -2.06
N ARG A 61 -0.10 10.02 -3.35
CA ARG A 61 -1.12 9.90 -4.37
C ARG A 61 -1.74 8.54 -4.34
N PHE A 62 -0.91 7.51 -4.28
CA PHE A 62 -1.36 6.13 -4.32
C PHE A 62 -2.35 5.86 -3.19
N ILE A 63 -2.04 6.37 -2.00
CA ILE A 63 -2.92 6.18 -0.87
C ILE A 63 -4.22 6.94 -1.06
N LYS A 64 -4.12 8.23 -1.36
CA LYS A 64 -5.33 9.05 -1.54
C LYS A 64 -6.17 8.55 -2.73
N TRP A 65 -5.51 8.00 -3.71
CA TRP A 65 -6.15 7.50 -4.91
C TRP A 65 -6.80 6.14 -4.56
N TYR A 66 -6.10 5.34 -3.74
CA TYR A 66 -6.64 4.05 -3.30
C TYR A 66 -7.95 4.27 -2.55
N ASN A 67 -8.02 5.36 -1.80
CA ASN A 67 -9.26 5.72 -1.09
C ASN A 67 -10.40 5.95 -2.07
N ALA A 68 -10.08 6.51 -3.23
CA ALA A 68 -11.08 6.72 -4.26
C ALA A 68 -11.49 5.37 -4.85
N TRP A 69 -10.48 4.54 -5.08
CA TRP A 69 -10.67 3.17 -5.57
C TRP A 69 -11.54 2.34 -4.62
N ASN A 70 -11.27 2.47 -3.33
CA ASN A 70 -11.98 1.74 -2.29
C ASN A 70 -13.49 2.07 -2.34
N GLU A 71 -13.79 3.31 -2.63
CA GLU A 71 -15.18 3.74 -2.78
C GLU A 71 -15.73 3.24 -4.13
N LYS A 72 -14.92 3.42 -5.18
CA LYS A 72 -15.29 3.11 -6.56
C LYS A 72 -15.53 1.60 -6.77
N ARG A 73 -14.85 0.78 -6.00
CA ARG A 73 -15.00 -0.66 -6.10
C ARG A 73 -16.19 -1.11 -5.24
N ARG A 74 -16.59 -0.25 -4.34
CA ARG A 74 -17.64 -0.56 -3.41
C ARG A 74 -18.96 -0.18 -4.05
N VAL A 75 -19.03 1.03 -4.51
CA VAL A 75 -20.19 1.56 -5.17
C VAL A 75 -19.73 2.16 -6.48
N TYR A 76 -20.45 1.91 -7.52
CA TYR A 76 -20.09 2.42 -8.81
C TYR A 76 -20.45 3.90 -8.93
N GLU A 77 -19.50 4.73 -8.63
CA GLU A 77 -19.66 6.13 -8.77
C GLU A 77 -19.04 6.58 -10.08
N GLU A 78 -19.34 7.78 -10.49
CA GLU A 78 -18.89 8.30 -11.75
C GLU A 78 -17.58 9.04 -11.61
N SER A 2 15.79 4.64 15.96
CA SER A 2 15.92 3.63 14.90
C SER A 2 15.37 4.13 13.54
N LYS A 3 15.88 3.57 12.46
CA LYS A 3 15.44 3.96 11.13
C LYS A 3 15.10 2.77 10.25
N CYS A 4 13.83 2.57 10.08
CA CYS A 4 13.29 1.64 9.12
C CYS A 4 12.16 2.34 8.41
N LYS A 5 12.24 2.37 7.12
CA LYS A 5 11.34 3.19 6.34
C LYS A 5 10.89 2.50 5.06
N CYS A 6 11.42 1.30 4.82
CA CYS A 6 11.23 0.58 3.56
C CYS A 6 11.96 1.27 2.41
N SER A 7 12.39 0.48 1.46
CA SER A 7 13.22 0.96 0.37
C SER A 7 12.56 2.06 -0.48
N ARG A 8 11.70 1.67 -1.39
CA ARG A 8 11.10 2.61 -2.30
C ARG A 8 9.60 2.34 -2.43
N LYS A 9 9.25 1.34 -3.23
CA LYS A 9 7.85 1.00 -3.44
C LYS A 9 7.68 -0.50 -3.59
N GLY A 10 8.80 -1.19 -3.73
CA GLY A 10 8.74 -2.57 -4.10
C GLY A 10 8.40 -2.62 -5.58
N PRO A 11 7.98 -3.76 -6.12
CA PRO A 11 7.49 -3.81 -7.50
C PRO A 11 6.22 -2.94 -7.62
N LYS A 12 6.06 -2.29 -8.76
CA LYS A 12 4.94 -1.39 -9.00
C LYS A 12 3.61 -2.11 -8.96
N ILE A 13 2.70 -1.58 -8.19
CA ILE A 13 1.40 -2.19 -7.96
C ILE A 13 0.34 -1.33 -8.60
N ARG A 14 -0.70 -1.95 -9.08
CA ARG A 14 -1.84 -1.25 -9.54
C ARG A 14 -2.88 -1.27 -8.43
N TYR A 15 -3.86 -0.40 -8.53
CA TYR A 15 -4.89 -0.28 -7.50
C TYR A 15 -5.79 -1.50 -7.52
N SER A 16 -5.90 -2.10 -8.68
CA SER A 16 -6.73 -3.26 -8.90
C SER A 16 -6.20 -4.49 -8.16
N ASP A 17 -4.90 -4.51 -7.87
CA ASP A 17 -4.32 -5.68 -7.22
C ASP A 17 -4.51 -5.59 -5.74
N VAL A 18 -4.56 -4.37 -5.26
CA VAL A 18 -4.52 -4.13 -3.82
C VAL A 18 -5.79 -4.61 -3.13
N LYS A 19 -5.60 -5.49 -2.19
CA LYS A 19 -6.71 -6.00 -1.40
C LYS A 19 -6.94 -5.16 -0.18
N LYS A 20 -5.87 -4.65 0.36
CA LYS A 20 -5.90 -3.87 1.59
C LYS A 20 -4.74 -2.94 1.60
N LEU A 21 -4.93 -1.85 2.28
CA LEU A 21 -3.92 -0.86 2.44
C LEU A 21 -3.98 -0.49 3.91
N GLU A 22 -2.90 -0.65 4.62
CA GLU A 22 -2.91 -0.36 6.04
C GLU A 22 -1.76 0.50 6.44
N MET A 23 -2.03 1.51 7.21
CA MET A 23 -0.97 2.31 7.73
C MET A 23 -0.66 1.93 9.14
N LYS A 24 0.49 1.36 9.32
CA LYS A 24 1.05 1.06 10.61
C LYS A 24 2.53 0.89 10.43
N PRO A 25 3.37 1.32 11.38
CA PRO A 25 4.84 1.31 11.22
C PRO A 25 5.44 -0.07 10.99
N LYS A 26 4.61 -1.11 11.18
CA LYS A 26 4.97 -2.53 11.05
C LYS A 26 5.88 -2.89 12.24
N TYR A 27 6.96 -2.14 12.37
CA TYR A 27 7.85 -2.21 13.48
C TYR A 27 7.74 -0.91 14.24
N PRO A 28 7.63 -0.95 15.58
CA PRO A 28 7.50 0.27 16.41
C PRO A 28 8.76 1.15 16.32
N HIS A 29 9.79 0.60 15.76
CA HIS A 29 11.06 1.27 15.60
C HIS A 29 11.22 1.85 14.18
N CYS A 30 10.09 2.06 13.49
CA CYS A 30 10.08 2.60 12.12
C CYS A 30 9.55 4.03 12.07
N GLU A 31 9.93 4.76 11.02
CA GLU A 31 9.57 6.16 10.86
C GLU A 31 8.16 6.27 10.30
N GLU A 32 7.33 7.13 10.90
CA GLU A 32 5.94 7.31 10.49
C GLU A 32 5.20 5.96 10.47
N LYS A 33 4.09 5.91 9.81
CA LYS A 33 3.41 4.66 9.62
C LYS A 33 3.86 4.12 8.30
N MET A 34 4.08 2.84 8.24
CA MET A 34 4.46 2.25 6.97
C MET A 34 3.20 1.94 6.24
N VAL A 35 3.29 1.93 4.97
CA VAL A 35 2.16 1.61 4.18
C VAL A 35 2.25 0.15 3.79
N ILE A 36 1.38 -0.62 4.34
CA ILE A 36 1.36 -2.02 4.10
C ILE A 36 0.34 -2.30 3.02
N ILE A 37 0.79 -2.79 1.91
CA ILE A 37 -0.07 -3.07 0.80
C ILE A 37 -0.25 -4.57 0.65
N THR A 38 -1.48 -5.00 0.74
CA THR A 38 -1.83 -6.39 0.64
C THR A 38 -2.23 -6.66 -0.80
N THR A 39 -1.63 -7.66 -1.41
CA THR A 39 -1.84 -7.95 -2.81
C THR A 39 -2.85 -9.08 -3.00
N LYS A 40 -3.44 -9.15 -4.19
CA LYS A 40 -4.40 -10.18 -4.49
C LYS A 40 -3.74 -11.51 -4.81
N SER A 41 -2.73 -11.46 -5.70
CA SER A 41 -2.01 -12.65 -6.19
C SER A 41 -1.23 -12.30 -7.46
N VAL A 42 -1.82 -11.41 -8.28
CA VAL A 42 -1.23 -11.03 -9.56
C VAL A 42 0.12 -10.36 -9.37
N SER A 43 0.23 -9.61 -8.30
CA SER A 43 1.48 -8.98 -7.93
C SER A 43 2.54 -10.05 -7.64
N ARG A 44 3.80 -9.69 -7.87
CA ARG A 44 4.94 -10.59 -7.72
C ARG A 44 5.04 -11.17 -6.30
N TYR A 45 4.40 -10.50 -5.36
CA TYR A 45 4.39 -10.96 -3.97
C TYR A 45 3.52 -12.18 -3.74
N ARG A 46 2.65 -12.50 -4.70
CA ARG A 46 1.83 -13.72 -4.67
C ARG A 46 0.97 -13.75 -3.35
N GLY A 47 0.53 -12.60 -2.90
CA GLY A 47 -0.25 -12.54 -1.70
C GLY A 47 0.54 -12.12 -0.48
N GLN A 48 1.76 -11.68 -0.70
CA GLN A 48 2.56 -11.12 0.36
C GLN A 48 2.47 -9.60 0.31
N GLU A 49 2.74 -8.96 1.41
CA GLU A 49 2.54 -7.54 1.50
C GLU A 49 3.77 -6.76 1.09
N HIS A 50 3.53 -5.69 0.37
CA HIS A 50 4.58 -4.74 -0.02
C HIS A 50 4.58 -3.67 1.01
N CYS A 51 5.66 -3.00 1.17
CA CYS A 51 5.61 -1.87 2.04
C CYS A 51 6.05 -0.67 1.27
N LEU A 52 5.22 0.31 1.27
CA LEU A 52 5.44 1.48 0.49
C LEU A 52 6.04 2.56 1.37
N HIS A 53 7.13 3.14 0.89
CA HIS A 53 7.89 4.15 1.59
C HIS A 53 7.14 5.50 1.60
N PRO A 54 6.58 5.91 2.79
CA PRO A 54 5.71 7.11 2.93
C PRO A 54 6.44 8.45 2.79
N LYS A 55 7.72 8.40 2.58
CA LYS A 55 8.50 9.60 2.37
C LYS A 55 8.35 10.13 0.94
N LEU A 56 7.84 9.28 0.05
CA LEU A 56 7.70 9.63 -1.36
C LEU A 56 6.35 10.27 -1.63
N GLN A 57 6.31 11.20 -2.57
CA GLN A 57 5.09 11.91 -2.91
C GLN A 57 4.20 11.03 -3.80
N SER A 58 4.83 10.15 -4.57
CA SER A 58 4.10 9.21 -5.42
C SER A 58 3.25 8.27 -4.56
N THR A 59 3.72 8.05 -3.35
CA THR A 59 3.03 7.25 -2.37
C THR A 59 1.67 7.87 -2.05
N LYS A 60 1.65 9.18 -1.85
CA LYS A 60 0.43 9.87 -1.50
C LYS A 60 -0.67 9.68 -2.52
N ARG A 61 -0.35 9.80 -3.81
CA ARG A 61 -1.36 9.55 -4.80
C ARG A 61 -1.84 8.14 -4.80
N PHE A 62 -0.93 7.18 -4.71
CA PHE A 62 -1.32 5.77 -4.75
C PHE A 62 -2.26 5.46 -3.60
N ILE A 63 -1.99 6.06 -2.47
CA ILE A 63 -2.81 5.86 -1.30
C ILE A 63 -4.14 6.57 -1.44
N LYS A 64 -4.10 7.85 -1.76
CA LYS A 64 -5.34 8.65 -1.87
C LYS A 64 -6.21 8.13 -3.01
N TRP A 65 -5.58 7.61 -4.03
CA TRP A 65 -6.27 7.13 -5.19
C TRP A 65 -6.92 5.79 -4.86
N TYR A 66 -6.23 4.95 -4.07
CA TYR A 66 -6.79 3.65 -3.66
C TYR A 66 -8.04 3.85 -2.83
N ASN A 67 -8.03 4.88 -2.02
CA ASN A 67 -9.21 5.23 -1.23
C ASN A 67 -10.39 5.62 -2.11
N ALA A 68 -10.10 6.25 -3.25
CA ALA A 68 -11.14 6.60 -4.22
C ALA A 68 -11.60 5.34 -4.94
N TRP A 69 -10.64 4.47 -5.26
CA TRP A 69 -10.87 3.17 -5.89
C TRP A 69 -11.81 2.32 -5.02
N ASN A 70 -11.61 2.38 -3.70
CA ASN A 70 -12.46 1.68 -2.74
C ASN A 70 -13.91 2.12 -2.88
N GLU A 71 -14.11 3.41 -3.07
CA GLU A 71 -15.45 3.97 -3.21
C GLU A 71 -16.02 3.62 -4.58
N LYS A 72 -15.16 3.63 -5.59
CA LYS A 72 -15.51 3.37 -6.98
C LYS A 72 -15.96 1.91 -7.17
N ARG A 73 -15.46 1.01 -6.34
CA ARG A 73 -15.85 -0.40 -6.41
C ARG A 73 -17.18 -0.62 -5.73
N ARG A 74 -17.61 0.35 -4.96
CA ARG A 74 -18.86 0.25 -4.25
C ARG A 74 -19.94 0.96 -5.05
N VAL A 75 -19.68 2.21 -5.36
CA VAL A 75 -20.58 3.00 -6.15
C VAL A 75 -20.03 3.06 -7.56
N TYR A 76 -20.75 2.51 -8.46
CA TYR A 76 -20.30 2.38 -9.82
C TYR A 76 -20.73 3.57 -10.65
N GLU A 77 -19.90 3.94 -11.59
CA GLU A 77 -20.17 5.03 -12.47
C GLU A 77 -19.59 4.70 -13.83
N GLU A 78 -20.37 4.87 -14.83
CA GLU A 78 -19.96 4.56 -16.16
C GLU A 78 -20.26 5.80 -17.00
N SER A 2 11.86 -6.13 4.00
CA SER A 2 12.49 -6.64 5.22
C SER A 2 12.21 -5.74 6.43
N LYS A 3 12.20 -4.44 6.19
CA LYS A 3 12.02 -3.45 7.22
C LYS A 3 11.51 -2.17 6.56
N CYS A 4 11.57 -1.04 7.24
CA CYS A 4 11.12 0.21 6.66
C CYS A 4 12.16 0.76 5.71
N LYS A 5 12.28 0.10 4.60
CA LYS A 5 13.15 0.44 3.54
C LYS A 5 12.78 -0.42 2.37
N CYS A 6 11.92 0.08 1.56
CA CYS A 6 11.41 -0.65 0.42
C CYS A 6 10.72 0.31 -0.53
N SER A 7 11.21 1.55 -0.56
CA SER A 7 10.65 2.58 -1.40
C SER A 7 10.76 2.19 -2.88
N ARG A 8 9.63 1.73 -3.43
CA ARG A 8 9.53 1.25 -4.83
C ARG A 8 10.31 -0.05 -5.03
N LYS A 9 10.68 -0.66 -3.93
CA LYS A 9 11.37 -1.92 -3.96
C LYS A 9 10.36 -3.00 -3.63
N GLY A 10 9.89 -3.60 -4.66
CA GLY A 10 8.87 -4.58 -4.58
C GLY A 10 8.18 -4.59 -5.92
N PRO A 11 7.76 -5.79 -6.43
CA PRO A 11 7.05 -5.91 -7.72
C PRO A 11 5.95 -4.84 -7.88
N LYS A 12 5.71 -4.43 -9.11
CA LYS A 12 4.83 -3.30 -9.41
C LYS A 12 3.42 -3.54 -8.94
N ILE A 13 2.86 -2.53 -8.33
CA ILE A 13 1.57 -2.61 -7.73
C ILE A 13 0.67 -1.62 -8.39
N ARG A 14 -0.45 -2.07 -8.82
CA ARG A 14 -1.47 -1.21 -9.29
C ARG A 14 -2.58 -1.30 -8.28
N TYR A 15 -3.50 -0.40 -8.34
CA TYR A 15 -4.58 -0.31 -7.36
C TYR A 15 -5.45 -1.58 -7.43
N SER A 16 -5.51 -2.16 -8.61
CA SER A 16 -6.25 -3.38 -8.87
C SER A 16 -5.55 -4.62 -8.23
N ASP A 17 -4.28 -4.45 -7.85
CA ASP A 17 -3.50 -5.53 -7.19
C ASP A 17 -3.79 -5.53 -5.72
N VAL A 18 -4.19 -4.40 -5.23
CA VAL A 18 -4.38 -4.21 -3.82
C VAL A 18 -5.79 -4.65 -3.43
N LYS A 19 -5.89 -5.36 -2.35
CA LYS A 19 -7.19 -5.77 -1.83
C LYS A 19 -7.52 -4.91 -0.63
N LYS A 20 -6.48 -4.50 0.04
CA LYS A 20 -6.57 -3.68 1.23
C LYS A 20 -5.23 -2.99 1.47
N LEU A 21 -5.29 -1.82 2.02
CA LEU A 21 -4.13 -1.02 2.27
C LEU A 21 -4.23 -0.52 3.70
N GLU A 22 -3.20 -0.74 4.48
CA GLU A 22 -3.20 -0.32 5.85
C GLU A 22 -1.97 0.49 6.13
N MET A 23 -2.13 1.57 6.84
CA MET A 23 -0.99 2.35 7.19
C MET A 23 -0.67 2.17 8.65
N LYS A 24 0.43 1.54 8.90
CA LYS A 24 0.96 1.34 10.23
C LYS A 24 2.44 1.01 10.14
N PRO A 25 3.25 1.37 11.15
CA PRO A 25 4.64 1.00 11.15
C PRO A 25 4.79 -0.51 11.32
N LYS A 26 5.37 -1.16 10.34
CA LYS A 26 5.56 -2.62 10.39
C LYS A 26 6.52 -2.98 11.51
N TYR A 27 7.35 -2.03 11.87
CA TYR A 27 8.30 -2.16 12.95
C TYR A 27 8.14 -0.98 13.88
N PRO A 28 8.15 -1.18 15.20
CA PRO A 28 8.04 -0.08 16.18
C PRO A 28 9.21 0.92 16.07
N HIS A 29 10.32 0.45 15.51
CA HIS A 29 11.53 1.26 15.30
C HIS A 29 11.46 2.00 13.95
N CYS A 30 10.27 2.32 13.51
CA CYS A 30 10.08 2.93 12.20
C CYS A 30 9.53 4.35 12.36
N GLU A 31 9.84 5.22 11.40
CA GLU A 31 9.34 6.56 11.42
C GLU A 31 7.98 6.57 10.72
N GLU A 32 6.99 7.15 11.36
CA GLU A 32 5.63 7.25 10.82
C GLU A 32 4.97 5.91 10.41
N LYS A 33 3.78 6.02 9.84
CA LYS A 33 2.99 4.85 9.43
C LYS A 33 3.37 4.43 8.05
N MET A 34 3.79 3.22 7.93
CA MET A 34 4.16 2.66 6.63
C MET A 34 2.96 2.16 5.89
N VAL A 35 3.09 2.05 4.60
CA VAL A 35 2.03 1.60 3.75
C VAL A 35 2.14 0.10 3.56
N ILE A 36 1.21 -0.62 4.12
CA ILE A 36 1.17 -2.05 4.02
C ILE A 36 0.14 -2.43 2.99
N ILE A 37 0.60 -2.98 1.91
CA ILE A 37 -0.27 -3.36 0.85
C ILE A 37 -0.50 -4.84 0.84
N THR A 38 -1.73 -5.21 0.94
CA THR A 38 -2.14 -6.57 0.92
C THR A 38 -2.73 -6.85 -0.47
N THR A 39 -2.17 -7.80 -1.19
CA THR A 39 -2.60 -8.03 -2.54
C THR A 39 -3.85 -8.91 -2.61
N LYS A 40 -4.57 -8.81 -3.73
CA LYS A 40 -5.84 -9.53 -3.90
C LYS A 40 -5.66 -11.01 -4.26
N SER A 41 -4.81 -11.31 -5.26
CA SER A 41 -4.56 -12.69 -5.74
C SER A 41 -3.81 -12.66 -7.08
N VAL A 42 -4.18 -11.69 -7.94
CA VAL A 42 -3.55 -11.53 -9.27
C VAL A 42 -2.02 -11.29 -9.16
N SER A 43 -1.62 -10.73 -8.07
CA SER A 43 -0.25 -10.42 -7.80
C SER A 43 0.52 -11.72 -7.47
N ARG A 44 1.83 -11.69 -7.60
CA ARG A 44 2.67 -12.87 -7.31
C ARG A 44 2.74 -13.19 -5.82
N TYR A 45 2.28 -12.27 -4.99
CA TYR A 45 2.27 -12.46 -3.57
C TYR A 45 1.07 -13.26 -3.09
N ARG A 46 -0.13 -12.87 -3.51
CA ARG A 46 -1.40 -13.54 -3.13
C ARG A 46 -1.62 -13.53 -1.62
N GLY A 47 -2.26 -12.48 -1.13
CA GLY A 47 -2.53 -12.35 0.29
C GLY A 47 -1.29 -11.96 1.08
N GLN A 48 -0.20 -11.80 0.38
CA GLN A 48 1.05 -11.41 0.96
C GLN A 48 1.33 -9.94 0.71
N GLU A 49 2.18 -9.38 1.53
CA GLU A 49 2.36 -7.94 1.64
C GLU A 49 3.40 -7.34 0.72
N HIS A 50 3.19 -6.08 0.50
CA HIS A 50 4.09 -5.16 -0.16
C HIS A 50 4.19 -3.98 0.73
N CYS A 51 5.24 -3.25 0.61
CA CYS A 51 5.37 -2.09 1.45
C CYS A 51 5.80 -0.88 0.67
N LEU A 52 5.22 0.23 1.02
CA LEU A 52 5.59 1.50 0.47
C LEU A 52 5.95 2.43 1.57
N HIS A 53 6.92 3.20 1.29
CA HIS A 53 7.45 4.13 2.25
C HIS A 53 6.93 5.54 1.94
N PRO A 54 5.92 6.00 2.72
CA PRO A 54 5.15 7.25 2.47
C PRO A 54 5.92 8.56 2.61
N LYS A 55 7.20 8.49 2.62
CA LYS A 55 8.00 9.67 2.67
C LYS A 55 8.14 10.27 1.26
N LEU A 56 7.77 9.46 0.26
CA LEU A 56 7.80 9.85 -1.14
C LEU A 56 6.43 10.40 -1.56
N GLN A 57 6.46 11.42 -2.41
CA GLN A 57 5.24 12.10 -2.89
C GLN A 57 4.34 11.19 -3.73
N SER A 58 4.94 10.23 -4.42
CA SER A 58 4.19 9.30 -5.26
C SER A 58 3.29 8.42 -4.39
N THR A 59 3.77 8.11 -3.20
CA THR A 59 3.05 7.27 -2.30
C THR A 59 1.73 7.97 -1.87
N LYS A 60 1.78 9.29 -1.64
CA LYS A 60 0.58 10.06 -1.28
C LYS A 60 -0.51 9.87 -2.29
N ARG A 61 -0.17 10.01 -3.57
CA ARG A 61 -1.16 9.82 -4.58
C ARG A 61 -1.67 8.42 -4.61
N PHE A 62 -0.79 7.44 -4.48
CA PHE A 62 -1.21 6.05 -4.56
C PHE A 62 -2.22 5.77 -3.43
N ILE A 63 -1.97 6.36 -2.26
CA ILE A 63 -2.86 6.20 -1.12
C ILE A 63 -4.16 6.92 -1.35
N LYS A 64 -4.08 8.19 -1.71
CA LYS A 64 -5.29 9.01 -1.97
C LYS A 64 -6.11 8.45 -3.12
N TRP A 65 -5.41 7.89 -4.07
CA TRP A 65 -6.00 7.34 -5.26
C TRP A 65 -6.66 6.01 -4.90
N TYR A 66 -5.96 5.20 -4.07
CA TYR A 66 -6.51 3.92 -3.65
C TYR A 66 -7.79 4.10 -2.88
N ASN A 67 -7.82 5.11 -2.02
CA ASN A 67 -9.04 5.40 -1.24
C ASN A 67 -10.25 5.65 -2.12
N ALA A 68 -10.05 6.37 -3.21
CA ALA A 68 -11.12 6.63 -4.17
C ALA A 68 -11.50 5.34 -4.87
N TRP A 69 -10.49 4.66 -5.39
CA TRP A 69 -10.62 3.37 -6.07
C TRP A 69 -11.32 2.32 -5.19
N ASN A 70 -10.97 2.33 -3.94
CA ASN A 70 -11.52 1.39 -2.97
C ASN A 70 -13.02 1.60 -2.79
N GLU A 71 -13.44 2.84 -2.83
CA GLU A 71 -14.86 3.16 -2.80
C GLU A 71 -15.50 2.93 -4.16
N LYS A 72 -14.73 3.02 -5.21
CA LYS A 72 -15.29 2.73 -6.53
C LYS A 72 -15.62 1.23 -6.66
N ARG A 73 -14.92 0.42 -5.87
CA ARG A 73 -15.12 -1.01 -5.88
C ARG A 73 -16.03 -1.46 -4.71
N ARG A 74 -16.42 -0.49 -3.88
CA ARG A 74 -17.35 -0.70 -2.76
C ARG A 74 -17.81 0.62 -2.19
N VAL A 75 -18.60 1.21 -3.00
CA VAL A 75 -19.24 2.50 -2.79
C VAL A 75 -19.85 2.72 -1.41
N TYR A 76 -19.62 3.92 -0.91
CA TYR A 76 -20.11 4.43 0.36
C TYR A 76 -19.79 3.54 1.55
N GLU A 77 -18.57 3.68 2.02
CA GLU A 77 -18.05 2.96 3.17
C GLU A 77 -16.62 3.43 3.34
N GLU A 78 -16.13 3.48 4.53
CA GLU A 78 -14.78 3.91 4.75
C GLU A 78 -13.91 2.68 5.03
N SER A 2 15.46 -7.94 12.97
CA SER A 2 14.24 -7.66 12.26
C SER A 2 14.16 -6.17 11.88
N LYS A 3 14.46 -5.89 10.63
CA LYS A 3 14.51 -4.52 10.14
C LYS A 3 13.19 -4.11 9.50
N CYS A 4 13.15 -2.88 9.03
CA CYS A 4 12.01 -2.35 8.29
C CYS A 4 12.17 -2.77 6.82
N LYS A 5 11.36 -2.19 5.92
CA LYS A 5 11.46 -2.45 4.47
C LYS A 5 10.95 -3.84 4.10
N CYS A 6 10.11 -3.91 3.11
CA CYS A 6 9.61 -5.18 2.63
C CYS A 6 10.08 -5.34 1.19
N SER A 7 10.03 -4.24 0.49
CA SER A 7 10.35 -4.15 -0.90
C SER A 7 11.33 -3.01 -1.16
N ARG A 8 12.36 -2.91 -0.30
CA ARG A 8 13.44 -1.89 -0.36
C ARG A 8 12.93 -0.47 -0.09
N LYS A 9 12.13 0.03 -0.99
CA LYS A 9 11.61 1.37 -0.89
C LYS A 9 10.13 1.35 -1.13
N GLY A 10 9.74 0.66 -2.16
CA GLY A 10 8.37 0.61 -2.55
C GLY A 10 8.27 0.55 -4.05
N PRO A 11 7.71 -0.53 -4.59
CA PRO A 11 7.56 -0.71 -6.01
C PRO A 11 6.21 -0.18 -6.51
N LYS A 12 6.13 0.08 -7.80
CA LYS A 12 4.88 0.55 -8.37
C LYS A 12 3.90 -0.59 -8.49
N ILE A 13 2.94 -0.58 -7.63
CA ILE A 13 1.89 -1.54 -7.61
C ILE A 13 0.68 -0.91 -8.24
N ARG A 14 -0.12 -1.69 -8.87
CA ARG A 14 -1.36 -1.18 -9.38
C ARG A 14 -2.42 -1.31 -8.32
N TYR A 15 -3.48 -0.54 -8.44
CA TYR A 15 -4.53 -0.52 -7.43
C TYR A 15 -5.29 -1.84 -7.43
N SER A 16 -5.27 -2.50 -8.60
CA SER A 16 -5.96 -3.76 -8.79
C SER A 16 -5.38 -4.89 -7.92
N ASP A 17 -4.09 -4.81 -7.58
CA ASP A 17 -3.48 -5.89 -6.78
C ASP A 17 -3.72 -5.67 -5.33
N VAL A 18 -4.04 -4.46 -4.95
CA VAL A 18 -4.21 -4.15 -3.56
C VAL A 18 -5.60 -4.51 -3.15
N LYS A 19 -5.73 -5.36 -2.18
CA LYS A 19 -7.03 -5.75 -1.69
C LYS A 19 -7.27 -5.01 -0.39
N LYS A 20 -6.19 -4.70 0.27
CA LYS A 20 -6.23 -4.11 1.57
C LYS A 20 -4.98 -3.29 1.76
N LEU A 21 -5.14 -2.14 2.36
CA LEU A 21 -4.06 -1.22 2.55
C LEU A 21 -4.19 -0.65 3.96
N GLU A 22 -3.16 -0.82 4.76
CA GLU A 22 -3.17 -0.34 6.14
C GLU A 22 -1.96 0.53 6.34
N MET A 23 -2.05 1.52 7.20
CA MET A 23 -0.90 2.26 7.49
C MET A 23 -0.39 1.88 8.88
N LYS A 24 0.73 1.26 8.90
CA LYS A 24 1.39 0.85 10.09
C LYS A 24 2.85 0.69 9.75
N PRO A 25 3.75 1.09 10.65
CA PRO A 25 5.19 1.07 10.37
C PRO A 25 5.77 -0.34 10.27
N LYS A 26 4.92 -1.35 10.53
CA LYS A 26 5.29 -2.77 10.54
C LYS A 26 6.14 -3.08 11.79
N TYR A 27 7.11 -2.23 12.03
CA TYR A 27 7.94 -2.26 13.21
C TYR A 27 7.91 -0.88 13.84
N PRO A 28 7.73 -0.79 15.17
CA PRO A 28 7.74 0.51 15.88
C PRO A 28 9.05 1.30 15.64
N HIS A 29 10.11 0.58 15.28
CA HIS A 29 11.41 1.19 15.00
C HIS A 29 11.50 1.75 13.55
N CYS A 30 10.39 1.88 12.89
CA CYS A 30 10.34 2.42 11.53
C CYS A 30 9.71 3.81 11.59
N GLU A 31 10.04 4.69 10.65
CA GLU A 31 9.58 6.05 10.74
C GLU A 31 8.21 6.21 10.13
N GLU A 32 7.32 6.84 10.88
CA GLU A 32 5.96 7.14 10.44
C GLU A 32 5.16 5.84 10.14
N LYS A 33 3.92 5.96 9.74
CA LYS A 33 3.14 4.80 9.40
C LYS A 33 3.43 4.36 7.97
N MET A 34 4.07 3.23 7.85
CA MET A 34 4.32 2.62 6.55
C MET A 34 3.06 2.22 5.87
N VAL A 35 3.15 2.05 4.59
CA VAL A 35 2.03 1.66 3.81
C VAL A 35 2.09 0.18 3.58
N ILE A 36 1.20 -0.52 4.18
CA ILE A 36 1.15 -1.94 4.09
C ILE A 36 0.17 -2.35 3.03
N ILE A 37 0.67 -2.93 2.00
CA ILE A 37 -0.12 -3.34 0.89
C ILE A 37 -0.28 -4.83 0.87
N THR A 38 -1.48 -5.22 0.97
CA THR A 38 -1.86 -6.59 0.96
C THR A 38 -2.52 -6.89 -0.39
N THR A 39 -2.05 -7.90 -1.07
CA THR A 39 -2.54 -8.22 -2.37
C THR A 39 -3.84 -9.01 -2.31
N LYS A 40 -4.58 -9.02 -3.40
CA LYS A 40 -5.81 -9.78 -3.47
C LYS A 40 -5.49 -11.25 -3.66
N SER A 41 -4.60 -11.50 -4.61
CA SER A 41 -4.18 -12.81 -5.03
C SER A 41 -3.39 -12.56 -6.32
N VAL A 42 -3.16 -13.60 -7.12
CA VAL A 42 -2.46 -13.52 -8.43
C VAL A 42 -0.95 -13.22 -8.27
N SER A 43 -0.65 -12.12 -7.62
CA SER A 43 0.70 -11.70 -7.37
C SER A 43 1.44 -12.70 -6.46
N ARG A 44 2.74 -12.84 -6.70
CA ARG A 44 3.62 -13.86 -6.08
C ARG A 44 3.68 -13.82 -4.54
N TYR A 45 3.24 -12.75 -3.93
CA TYR A 45 3.30 -12.67 -2.47
C TYR A 45 2.32 -13.57 -1.78
N ARG A 46 1.05 -13.50 -2.20
CA ARG A 46 0.00 -14.41 -1.70
C ARG A 46 -0.04 -14.50 -0.16
N GLY A 47 -0.67 -13.54 0.46
CA GLY A 47 -0.77 -13.55 1.92
C GLY A 47 0.38 -12.81 2.56
N GLN A 48 1.22 -12.20 1.76
CA GLN A 48 2.35 -11.42 2.25
C GLN A 48 2.19 -9.99 1.79
N GLU A 49 2.78 -9.06 2.50
CA GLU A 49 2.57 -7.66 2.20
C GLU A 49 3.76 -7.02 1.51
N HIS A 50 3.47 -5.97 0.78
CA HIS A 50 4.48 -5.07 0.20
C HIS A 50 4.39 -3.82 1.04
N CYS A 51 5.41 -3.01 1.10
CA CYS A 51 5.27 -1.80 1.87
C CYS A 51 5.92 -0.62 1.20
N LEU A 52 5.15 0.43 1.04
CA LEU A 52 5.62 1.66 0.46
C LEU A 52 6.15 2.53 1.52
N HIS A 53 7.18 3.21 1.18
CA HIS A 53 7.80 4.13 2.08
C HIS A 53 7.00 5.45 2.03
N PRO A 54 6.32 5.82 3.12
CA PRO A 54 5.37 6.96 3.15
C PRO A 54 6.00 8.33 2.99
N LYS A 55 7.31 8.38 2.90
CA LYS A 55 8.01 9.63 2.76
C LYS A 55 7.96 10.14 1.31
N LEU A 56 7.58 9.25 0.41
CA LEU A 56 7.51 9.58 -1.01
C LEU A 56 6.18 10.26 -1.32
N GLN A 57 6.24 11.26 -2.18
CA GLN A 57 5.06 12.02 -2.58
C GLN A 57 4.15 11.14 -3.44
N SER A 58 4.76 10.19 -4.14
CA SER A 58 4.08 9.22 -4.98
C SER A 58 3.07 8.43 -4.15
N THR A 59 3.46 8.14 -2.93
CA THR A 59 2.66 7.40 -2.01
C THR A 59 1.33 8.15 -1.74
N LYS A 60 1.40 9.48 -1.66
CA LYS A 60 0.24 10.30 -1.40
C LYS A 60 -0.80 10.19 -2.50
N ARG A 61 -0.39 10.01 -3.75
CA ARG A 61 -1.35 9.76 -4.76
C ARG A 61 -1.91 8.39 -4.61
N PHE A 62 -1.04 7.40 -4.52
CA PHE A 62 -1.43 6.00 -4.50
C PHE A 62 -2.42 5.70 -3.36
N ILE A 63 -2.18 6.29 -2.20
CA ILE A 63 -3.04 6.08 -1.05
C ILE A 63 -4.39 6.75 -1.25
N LYS A 64 -4.35 8.01 -1.63
CA LYS A 64 -5.59 8.77 -1.86
C LYS A 64 -6.35 8.23 -3.05
N TRP A 65 -5.61 7.70 -3.99
CA TRP A 65 -6.18 7.18 -5.20
C TRP A 65 -6.80 5.82 -4.89
N TYR A 66 -6.13 5.04 -4.03
CA TYR A 66 -6.67 3.75 -3.65
C TYR A 66 -7.99 3.91 -2.91
N ASN A 67 -8.08 4.97 -2.11
CA ASN A 67 -9.33 5.27 -1.40
C ASN A 67 -10.45 5.59 -2.41
N ALA A 68 -10.06 6.23 -3.51
CA ALA A 68 -10.99 6.55 -4.58
C ALA A 68 -11.35 5.27 -5.34
N TRP A 69 -10.36 4.44 -5.59
CA TRP A 69 -10.54 3.12 -6.22
C TRP A 69 -11.53 2.29 -5.40
N ASN A 70 -11.34 2.31 -4.09
CA ASN A 70 -12.23 1.63 -3.16
C ASN A 70 -13.65 2.18 -3.32
N GLU A 71 -13.75 3.51 -3.39
CA GLU A 71 -15.03 4.21 -3.61
C GLU A 71 -15.68 3.72 -4.89
N LYS A 72 -14.90 3.63 -5.96
CA LYS A 72 -15.44 3.27 -7.27
C LYS A 72 -15.95 1.83 -7.30
N ARG A 73 -15.34 0.98 -6.52
CA ARG A 73 -15.77 -0.41 -6.45
C ARG A 73 -17.02 -0.56 -5.58
N ARG A 74 -17.17 0.31 -4.61
CA ARG A 74 -18.34 0.26 -3.73
C ARG A 74 -19.49 1.05 -4.27
N VAL A 75 -19.16 2.14 -4.95
CA VAL A 75 -20.09 3.19 -5.33
C VAL A 75 -20.32 4.07 -4.10
N TYR A 76 -20.48 5.35 -4.28
CA TYR A 76 -20.57 6.26 -3.17
C TYR A 76 -21.85 5.98 -2.36
N GLU A 77 -21.66 5.35 -1.22
CA GLU A 77 -22.74 5.03 -0.31
C GLU A 77 -22.78 6.06 0.79
N GLU A 78 -23.96 6.50 1.21
CA GLU A 78 -24.05 7.44 2.31
C GLU A 78 -24.44 6.73 3.60
N SER A 2 19.23 0.52 8.41
CA SER A 2 17.89 0.32 7.89
C SER A 2 17.23 1.64 7.47
N LYS A 3 16.89 2.48 8.47
CA LYS A 3 16.18 3.76 8.28
C LYS A 3 14.73 3.56 7.81
N CYS A 4 14.35 2.31 7.62
CA CYS A 4 13.00 1.91 7.22
C CYS A 4 12.68 2.42 5.80
N LYS A 5 13.07 1.62 4.83
CA LYS A 5 12.86 1.94 3.44
C LYS A 5 12.57 0.66 2.66
N CYS A 6 12.30 -0.42 3.42
CA CYS A 6 12.01 -1.75 2.91
C CYS A 6 13.26 -2.42 2.32
N SER A 7 13.76 -1.86 1.23
CA SER A 7 14.98 -2.31 0.56
C SER A 7 15.48 -1.18 -0.33
N ARG A 8 14.64 -0.79 -1.28
CA ARG A 8 14.92 0.29 -2.21
C ARG A 8 13.58 0.82 -2.69
N LYS A 9 12.98 1.71 -1.90
CA LYS A 9 11.62 2.21 -2.14
C LYS A 9 10.61 1.05 -2.12
N GLY A 10 9.40 1.33 -2.49
CA GLY A 10 8.44 0.28 -2.60
C GLY A 10 7.98 0.20 -4.02
N PRO A 11 8.10 -0.98 -4.66
CA PRO A 11 7.68 -1.19 -6.05
C PRO A 11 6.27 -0.68 -6.30
N LYS A 12 6.06 -0.08 -7.45
CA LYS A 12 4.79 0.51 -7.75
C LYS A 12 3.71 -0.52 -8.03
N ILE A 13 2.81 -0.57 -7.13
CA ILE A 13 1.70 -1.48 -7.10
C ILE A 13 0.55 -0.87 -7.86
N ARG A 14 -0.25 -1.69 -8.46
CA ARG A 14 -1.45 -1.21 -9.07
C ARG A 14 -2.57 -1.31 -8.04
N TYR A 15 -3.56 -0.48 -8.17
CA TYR A 15 -4.67 -0.42 -7.20
C TYR A 15 -5.48 -1.69 -7.26
N SER A 16 -5.52 -2.26 -8.44
CA SER A 16 -6.25 -3.47 -8.71
C SER A 16 -5.57 -4.69 -8.05
N ASP A 17 -4.33 -4.53 -7.61
CA ASP A 17 -3.62 -5.62 -6.95
C ASP A 17 -3.84 -5.55 -5.48
N VAL A 18 -4.30 -4.42 -5.03
CA VAL A 18 -4.49 -4.20 -3.62
C VAL A 18 -5.86 -4.63 -3.18
N LYS A 19 -5.91 -5.44 -2.15
CA LYS A 19 -7.17 -5.76 -1.52
C LYS A 19 -7.38 -4.88 -0.32
N LYS A 20 -6.31 -4.59 0.36
CA LYS A 20 -6.35 -3.83 1.61
C LYS A 20 -5.14 -2.96 1.75
N LEU A 21 -5.35 -1.81 2.29
CA LEU A 21 -4.30 -0.87 2.56
C LEU A 21 -4.38 -0.58 4.05
N GLU A 22 -3.32 -0.80 4.77
CA GLU A 22 -3.33 -0.55 6.18
C GLU A 22 -2.11 0.19 6.54
N MET A 23 -2.21 1.11 7.44
CA MET A 23 -1.06 1.81 7.84
C MET A 23 -0.62 1.34 9.20
N LYS A 24 0.49 0.67 9.20
CA LYS A 24 1.15 0.18 10.37
C LYS A 24 2.61 -0.10 10.03
N PRO A 25 3.55 0.29 10.90
CA PRO A 25 4.97 0.18 10.61
C PRO A 25 5.46 -1.26 10.45
N LYS A 26 6.33 -1.46 9.48
CA LYS A 26 6.89 -2.76 9.17
C LYS A 26 7.97 -3.05 10.22
N TYR A 27 8.57 -1.99 10.69
CA TYR A 27 9.53 -2.02 11.78
C TYR A 27 9.09 -1.01 12.81
N PRO A 28 9.27 -1.30 14.11
CA PRO A 28 8.90 -0.36 15.17
C PRO A 28 9.74 0.92 15.11
N HIS A 29 10.86 0.82 14.42
CA HIS A 29 11.78 1.95 14.25
C HIS A 29 11.46 2.72 12.95
N CYS A 30 10.21 2.74 12.56
CA CYS A 30 9.79 3.46 11.38
C CYS A 30 9.00 4.66 11.82
N GLU A 31 9.01 5.71 11.03
CA GLU A 31 8.29 6.91 11.39
C GLU A 31 6.83 6.69 11.09
N GLU A 32 5.98 6.95 12.07
CA GLU A 32 4.53 6.83 11.92
C GLU A 32 4.09 5.47 11.32
N LYS A 33 2.89 5.44 10.82
CA LYS A 33 2.33 4.25 10.26
C LYS A 33 2.71 4.09 8.81
N MET A 34 3.47 3.07 8.54
CA MET A 34 3.91 2.71 7.22
C MET A 34 2.75 2.18 6.40
N VAL A 35 2.86 2.30 5.12
CA VAL A 35 1.82 1.87 4.24
C VAL A 35 2.00 0.41 3.90
N ILE A 36 1.07 -0.39 4.30
CA ILE A 36 1.10 -1.79 4.04
C ILE A 36 0.05 -2.12 3.02
N ILE A 37 0.46 -2.82 2.01
CA ILE A 37 -0.42 -3.18 0.96
C ILE A 37 -0.55 -4.70 0.88
N THR A 38 -1.76 -5.17 1.05
CA THR A 38 -2.07 -6.57 0.99
C THR A 38 -2.63 -6.87 -0.42
N THR A 39 -2.02 -7.84 -1.10
CA THR A 39 -2.34 -8.10 -2.48
C THR A 39 -3.50 -9.09 -2.69
N LYS A 40 -4.11 -9.00 -3.87
CA LYS A 40 -5.24 -9.84 -4.27
C LYS A 40 -4.81 -11.24 -4.67
N SER A 41 -3.79 -11.32 -5.51
CA SER A 41 -3.32 -12.58 -6.06
C SER A 41 -2.08 -12.35 -6.90
N VAL A 42 -2.13 -11.33 -7.75
CA VAL A 42 -0.97 -10.94 -8.56
C VAL A 42 0.05 -10.28 -7.64
N SER A 43 0.80 -11.09 -6.99
CA SER A 43 1.75 -10.65 -6.04
C SER A 43 3.11 -11.25 -6.31
N ARG A 44 4.15 -10.45 -6.17
CA ARG A 44 5.53 -10.94 -6.21
C ARG A 44 5.87 -11.50 -4.83
N TYR A 45 4.98 -11.24 -3.89
CA TYR A 45 5.16 -11.56 -2.49
C TYR A 45 4.41 -12.83 -2.07
N ARG A 46 3.23 -13.04 -2.65
CA ARG A 46 2.37 -14.19 -2.38
C ARG A 46 1.97 -14.31 -0.90
N GLY A 47 0.87 -13.69 -0.54
CA GLY A 47 0.41 -13.73 0.85
C GLY A 47 1.27 -12.87 1.77
N GLN A 48 2.26 -12.25 1.19
CA GLN A 48 3.14 -11.37 1.88
C GLN A 48 2.82 -9.95 1.54
N GLU A 49 3.18 -9.08 2.41
CA GLU A 49 2.76 -7.71 2.35
C GLU A 49 3.77 -6.85 1.61
N HIS A 50 3.26 -5.82 1.02
CA HIS A 50 4.10 -4.80 0.43
C HIS A 50 4.22 -3.68 1.41
N CYS A 51 5.25 -2.92 1.31
CA CYS A 51 5.44 -1.81 2.17
C CYS A 51 5.85 -0.60 1.38
N LEU A 52 5.22 0.50 1.68
CA LEU A 52 5.51 1.76 1.08
C LEU A 52 5.89 2.73 2.13
N HIS A 53 6.92 3.44 1.86
CA HIS A 53 7.43 4.42 2.79
C HIS A 53 6.78 5.77 2.51
N PRO A 54 5.95 6.28 3.46
CA PRO A 54 5.12 7.50 3.29
C PRO A 54 5.88 8.81 3.02
N LYS A 55 7.18 8.72 2.91
CA LYS A 55 8.00 9.87 2.58
C LYS A 55 8.08 10.06 1.07
N LEU A 56 7.67 9.03 0.33
CA LEU A 56 7.70 9.03 -1.13
C LEU A 56 6.45 9.70 -1.70
N GLN A 57 6.66 10.59 -2.67
CA GLN A 57 5.55 11.32 -3.31
C GLN A 57 4.61 10.39 -4.07
N SER A 58 5.16 9.29 -4.56
CA SER A 58 4.40 8.30 -5.29
C SER A 58 3.36 7.65 -4.38
N THR A 59 3.76 7.46 -3.13
CA THR A 59 2.91 6.86 -2.14
C THR A 59 1.65 7.70 -1.89
N LYS A 60 1.81 9.05 -1.89
CA LYS A 60 0.66 9.94 -1.71
C LYS A 60 -0.42 9.71 -2.74
N ARG A 61 -0.06 9.66 -4.02
CA ARG A 61 -1.06 9.40 -5.01
C ARG A 61 -1.64 8.06 -4.84
N PHE A 62 -0.81 7.07 -4.58
CA PHE A 62 -1.27 5.70 -4.45
C PHE A 62 -2.31 5.58 -3.33
N ILE A 63 -2.06 6.28 -2.23
CA ILE A 63 -2.99 6.27 -1.10
C ILE A 63 -4.26 6.99 -1.45
N LYS A 64 -4.15 8.21 -1.92
CA LYS A 64 -5.35 8.97 -2.25
C LYS A 64 -6.10 8.41 -3.44
N TRP A 65 -5.41 7.79 -4.33
CA TRP A 65 -6.01 7.22 -5.50
C TRP A 65 -6.66 5.89 -5.09
N TYR A 66 -6.04 5.16 -4.11
CA TYR A 66 -6.67 3.93 -3.60
C TYR A 66 -8.02 4.25 -3.02
N ASN A 67 -8.12 5.39 -2.37
CA ASN A 67 -9.42 5.86 -1.84
C ASN A 67 -10.43 6.02 -2.96
N ALA A 68 -9.99 6.55 -4.10
CA ALA A 68 -10.86 6.70 -5.26
C ALA A 68 -11.27 5.32 -5.78
N TRP A 69 -10.29 4.41 -5.81
CA TRP A 69 -10.49 3.01 -6.20
C TRP A 69 -11.47 2.31 -5.24
N ASN A 70 -11.30 2.58 -3.96
CA ASN A 70 -12.14 2.03 -2.91
C ASN A 70 -13.57 2.51 -3.07
N GLU A 71 -13.73 3.78 -3.37
CA GLU A 71 -15.05 4.35 -3.59
C GLU A 71 -15.64 3.84 -4.89
N LYS A 72 -14.76 3.54 -5.86
CA LYS A 72 -15.16 3.04 -7.16
C LYS A 72 -15.76 1.63 -7.06
N ARG A 73 -15.39 0.92 -6.02
CA ARG A 73 -15.90 -0.42 -5.78
C ARG A 73 -17.26 -0.36 -5.08
N ARG A 74 -17.65 0.84 -4.71
CA ARG A 74 -18.88 1.08 -4.01
C ARG A 74 -19.84 1.88 -4.92
N VAL A 75 -19.36 3.00 -5.44
CA VAL A 75 -20.12 3.83 -6.36
C VAL A 75 -19.31 4.07 -7.63
N TYR A 76 -19.96 4.62 -8.61
CA TYR A 76 -19.31 4.95 -9.85
C TYR A 76 -19.35 6.43 -10.07
N GLU A 77 -18.38 6.93 -10.76
CA GLU A 77 -18.25 8.33 -10.98
C GLU A 77 -17.86 8.55 -12.43
N GLU A 78 -16.62 8.37 -12.68
CA GLU A 78 -16.06 8.44 -13.99
C GLU A 78 -14.75 7.65 -13.98
N SER A 2 18.29 1.40 5.52
CA SER A 2 17.55 0.18 5.41
C SER A 2 17.31 -0.47 6.78
N LYS A 3 17.51 0.30 7.84
CA LYS A 3 17.31 -0.24 9.19
C LYS A 3 15.84 -0.45 9.53
N CYS A 4 14.96 0.03 8.70
CA CYS A 4 13.52 -0.19 8.85
C CYS A 4 13.12 -1.42 8.06
N LYS A 5 14.02 -1.86 7.17
CA LYS A 5 13.73 -2.89 6.15
C LYS A 5 12.89 -2.29 5.05
N CYS A 6 12.84 -2.96 3.91
CA CYS A 6 12.10 -2.49 2.74
C CYS A 6 12.76 -1.26 2.08
N SER A 7 12.81 -0.14 2.82
CA SER A 7 13.32 1.15 2.34
C SER A 7 12.44 1.68 1.19
N ARG A 8 12.66 1.14 0.03
CA ARG A 8 11.90 1.45 -1.16
C ARG A 8 12.06 0.31 -2.14
N LYS A 9 12.66 -0.77 -1.67
CA LYS A 9 12.95 -1.87 -2.52
C LYS A 9 11.87 -2.92 -2.41
N GLY A 10 10.97 -2.84 -3.32
CA GLY A 10 9.89 -3.75 -3.42
C GLY A 10 9.31 -3.63 -4.79
N PRO A 11 8.53 -4.59 -5.25
CA PRO A 11 7.88 -4.50 -6.55
C PRO A 11 6.77 -3.45 -6.51
N LYS A 12 6.65 -2.69 -7.58
CA LYS A 12 5.67 -1.63 -7.67
C LYS A 12 4.27 -2.18 -7.75
N ILE A 13 3.35 -1.38 -7.29
CA ILE A 13 2.00 -1.82 -7.14
C ILE A 13 1.09 -0.96 -7.97
N ARG A 14 0.07 -1.55 -8.51
CA ARG A 14 -0.98 -0.83 -9.14
C ARG A 14 -2.16 -0.88 -8.22
N TYR A 15 -3.14 -0.06 -8.45
CA TYR A 15 -4.33 -0.03 -7.60
C TYR A 15 -5.08 -1.35 -7.68
N SER A 16 -4.94 -2.00 -8.83
CA SER A 16 -5.55 -3.27 -9.12
C SER A 16 -4.99 -4.39 -8.22
N ASP A 17 -3.81 -4.17 -7.67
CA ASP A 17 -3.14 -5.19 -6.85
C ASP A 17 -3.61 -5.16 -5.44
N VAL A 18 -4.18 -4.06 -5.03
CA VAL A 18 -4.50 -3.87 -3.62
C VAL A 18 -5.91 -4.41 -3.27
N LYS A 19 -6.03 -5.01 -2.09
CA LYS A 19 -7.34 -5.41 -1.58
C LYS A 19 -7.66 -4.51 -0.41
N LYS A 20 -6.62 -4.21 0.32
CA LYS A 20 -6.72 -3.45 1.52
C LYS A 20 -5.44 -2.68 1.73
N LEU A 21 -5.57 -1.50 2.24
CA LEU A 21 -4.47 -0.62 2.44
C LEU A 21 -4.35 -0.39 3.96
N GLU A 22 -3.21 -0.71 4.53
CA GLU A 22 -3.05 -0.60 5.96
C GLU A 22 -1.91 0.29 6.30
N MET A 23 -2.12 1.17 7.21
CA MET A 23 -1.04 1.98 7.66
C MET A 23 -0.62 1.57 9.04
N LYS A 24 0.56 1.03 9.11
CA LYS A 24 1.19 0.64 10.32
C LYS A 24 2.68 0.56 10.06
N PRO A 25 3.52 0.98 11.02
CA PRO A 25 4.98 1.08 10.83
C PRO A 25 5.66 -0.23 10.48
N LYS A 26 4.93 -1.36 10.66
CA LYS A 26 5.44 -2.71 10.44
C LYS A 26 6.45 -3.08 11.54
N TYR A 27 7.38 -2.19 11.79
CA TYR A 27 8.33 -2.28 12.84
C TYR A 27 8.35 -0.96 13.62
N PRO A 28 8.49 -1.02 14.96
CA PRO A 28 8.51 0.19 15.82
C PRO A 28 9.75 1.06 15.54
N HIS A 29 10.74 0.43 14.93
CA HIS A 29 11.99 1.09 14.59
C HIS A 29 11.91 1.78 13.21
N CYS A 30 10.69 2.06 12.78
CA CYS A 30 10.42 2.76 11.54
C CYS A 30 9.71 4.08 11.85
N GLU A 31 9.89 5.08 10.99
CA GLU A 31 9.27 6.36 11.21
C GLU A 31 7.87 6.47 10.63
N GLU A 32 6.93 6.96 11.46
CA GLU A 32 5.53 7.17 11.06
C GLU A 32 4.84 5.82 10.74
N LYS A 33 3.60 5.87 10.33
CA LYS A 33 2.88 4.69 9.95
C LYS A 33 3.11 4.38 8.48
N MET A 34 3.86 3.32 8.28
CA MET A 34 4.24 2.81 6.99
C MET A 34 3.04 2.33 6.20
N VAL A 35 3.22 2.26 4.91
CA VAL A 35 2.17 1.86 4.02
C VAL A 35 2.27 0.39 3.72
N ILE A 36 1.29 -0.34 4.17
CA ILE A 36 1.24 -1.76 4.00
C ILE A 36 0.16 -2.06 2.99
N ILE A 37 0.55 -2.64 1.91
CA ILE A 37 -0.38 -2.93 0.87
C ILE A 37 -0.67 -4.40 0.83
N THR A 38 -1.88 -4.76 1.12
CA THR A 38 -2.31 -6.13 1.13
C THR A 38 -2.95 -6.39 -0.23
N THR A 39 -2.52 -7.45 -0.91
CA THR A 39 -2.94 -7.64 -2.26
C THR A 39 -4.35 -8.26 -2.44
N LYS A 40 -4.90 -8.05 -3.63
CA LYS A 40 -6.28 -8.38 -4.01
C LYS A 40 -6.55 -9.86 -3.81
N SER A 41 -5.66 -10.68 -4.35
CA SER A 41 -5.65 -12.17 -4.28
C SER A 41 -4.58 -12.68 -5.24
N VAL A 42 -4.88 -12.61 -6.53
CA VAL A 42 -3.96 -13.09 -7.54
C VAL A 42 -2.86 -12.07 -7.90
N SER A 43 -1.84 -12.11 -7.12
CA SER A 43 -0.66 -11.33 -7.34
C SER A 43 0.50 -12.29 -7.30
N ARG A 44 1.73 -11.85 -7.56
CA ARG A 44 2.84 -12.77 -7.40
C ARG A 44 3.14 -13.07 -5.92
N TYR A 45 2.46 -12.32 -5.05
CA TYR A 45 2.53 -12.53 -3.61
C TYR A 45 1.44 -13.49 -3.16
N ARG A 46 0.21 -13.19 -3.57
CA ARG A 46 -0.99 -13.95 -3.22
C ARG A 46 -1.32 -13.86 -1.73
N GLY A 47 -1.99 -12.79 -1.37
CA GLY A 47 -2.42 -12.57 0.01
C GLY A 47 -1.33 -12.00 0.90
N GLN A 48 -0.16 -11.80 0.33
CA GLN A 48 0.94 -11.20 1.04
C GLN A 48 1.04 -9.72 0.73
N GLU A 49 1.65 -9.00 1.63
CA GLU A 49 1.73 -7.58 1.54
C GLU A 49 3.01 -7.00 0.95
N HIS A 50 2.87 -5.81 0.40
CA HIS A 50 4.00 -5.03 -0.09
C HIS A 50 4.23 -3.95 0.93
N CYS A 51 5.41 -3.43 0.99
CA CYS A 51 5.71 -2.39 1.92
C CYS A 51 6.16 -1.12 1.22
N LEU A 52 5.49 -0.03 1.51
CA LEU A 52 5.81 1.27 0.94
C LEU A 52 6.18 2.23 2.01
N HIS A 53 7.13 3.04 1.69
CA HIS A 53 7.65 4.02 2.61
C HIS A 53 7.01 5.37 2.32
N PRO A 54 6.14 5.86 3.23
CA PRO A 54 5.29 7.07 3.02
C PRO A 54 6.03 8.41 2.88
N LYS A 55 7.31 8.37 2.71
CA LYS A 55 8.08 9.57 2.51
C LYS A 55 8.11 10.00 1.05
N LEU A 56 7.70 9.09 0.16
CA LEU A 56 7.65 9.36 -1.26
C LEU A 56 6.31 10.00 -1.63
N GLN A 57 6.36 11.03 -2.45
CA GLN A 57 5.16 11.77 -2.86
C GLN A 57 4.23 10.93 -3.73
N SER A 58 4.81 9.99 -4.45
CA SER A 58 4.04 9.10 -5.29
C SER A 58 3.12 8.21 -4.45
N THR A 59 3.58 7.90 -3.26
CA THR A 59 2.83 7.09 -2.34
C THR A 59 1.55 7.81 -1.92
N LYS A 60 1.60 9.15 -1.80
CA LYS A 60 0.42 9.92 -1.46
C LYS A 60 -0.65 9.79 -2.49
N ARG A 61 -0.29 9.90 -3.77
CA ARG A 61 -1.26 9.68 -4.80
C ARG A 61 -1.78 8.28 -4.74
N PHE A 62 -0.88 7.35 -4.58
CA PHE A 62 -1.24 5.94 -4.54
C PHE A 62 -2.29 5.66 -3.45
N ILE A 63 -2.13 6.31 -2.31
CA ILE A 63 -3.06 6.10 -1.22
C ILE A 63 -4.38 6.75 -1.51
N LYS A 64 -4.32 7.99 -1.86
CA LYS A 64 -5.50 8.80 -2.07
C LYS A 64 -6.29 8.38 -3.28
N TRP A 65 -5.59 7.87 -4.25
CA TRP A 65 -6.20 7.40 -5.45
C TRP A 65 -6.82 6.03 -5.14
N TYR A 66 -6.15 5.23 -4.26
CA TYR A 66 -6.70 3.95 -3.87
C TYR A 66 -8.01 4.12 -3.15
N ASN A 67 -8.11 5.18 -2.34
CA ASN A 67 -9.37 5.50 -1.65
C ASN A 67 -10.55 5.58 -2.61
N ALA A 68 -10.34 6.24 -3.75
CA ALA A 68 -11.38 6.36 -4.76
C ALA A 68 -11.65 5.01 -5.42
N TRP A 69 -10.58 4.35 -5.82
CA TRP A 69 -10.62 3.03 -6.46
C TRP A 69 -11.31 1.99 -5.58
N ASN A 70 -10.94 1.94 -4.32
CA ASN A 70 -11.52 0.99 -3.37
C ASN A 70 -13.01 1.27 -3.18
N GLU A 71 -13.37 2.55 -3.22
CA GLU A 71 -14.76 2.96 -3.09
C GLU A 71 -15.55 2.46 -4.30
N LYS A 72 -14.95 2.57 -5.49
CA LYS A 72 -15.64 2.16 -6.71
C LYS A 72 -15.81 0.64 -6.74
N ARG A 73 -14.94 -0.05 -6.04
CA ARG A 73 -14.96 -1.50 -5.94
C ARG A 73 -15.97 -1.98 -4.91
N ARG A 74 -16.07 -1.25 -3.80
CA ARG A 74 -17.12 -1.52 -2.81
C ARG A 74 -18.46 -1.26 -3.44
N VAL A 75 -18.44 -0.30 -4.35
CA VAL A 75 -19.59 0.20 -5.07
C VAL A 75 -20.48 0.90 -4.10
N TYR A 76 -19.99 1.98 -3.65
CA TYR A 76 -20.65 2.81 -2.71
C TYR A 76 -21.46 3.83 -3.45
N GLU A 77 -22.78 3.74 -3.30
CA GLU A 77 -23.75 4.57 -4.00
C GLU A 77 -23.77 4.28 -5.49
N GLU A 78 -24.91 3.94 -5.98
CA GLU A 78 -25.06 3.65 -7.38
C GLU A 78 -25.42 4.93 -8.14
N SER A 2 16.59 4.00 12.95
CA SER A 2 15.51 4.38 12.08
C SER A 2 15.92 4.55 10.61
N LYS A 3 15.99 3.44 9.93
CA LYS A 3 16.14 3.37 8.50
C LYS A 3 15.04 2.45 8.03
N CYS A 4 14.93 1.33 8.77
CA CYS A 4 13.88 0.35 8.64
C CYS A 4 14.04 -0.51 7.38
N LYS A 5 13.48 -1.72 7.43
CA LYS A 5 13.48 -2.63 6.28
C LYS A 5 12.69 -1.99 5.16
N CYS A 6 11.67 -1.28 5.55
CA CYS A 6 10.85 -0.60 4.62
C CYS A 6 11.36 0.83 4.49
N SER A 7 12.49 0.96 3.83
CA SER A 7 13.11 2.23 3.58
C SER A 7 12.73 2.69 2.19
N ARG A 8 13.03 1.88 1.22
CA ARG A 8 12.62 2.05 -0.13
C ARG A 8 12.81 0.72 -0.81
N LYS A 9 11.85 -0.13 -0.58
CA LYS A 9 11.88 -1.50 -1.00
C LYS A 9 10.51 -1.89 -1.58
N GLY A 10 9.76 -0.88 -1.97
CA GLY A 10 8.44 -1.09 -2.50
C GLY A 10 8.42 -1.24 -4.01
N PRO A 11 8.02 -2.41 -4.51
CA PRO A 11 7.85 -2.67 -5.94
C PRO A 11 6.66 -1.88 -6.50
N LYS A 12 6.63 -1.71 -7.81
CA LYS A 12 5.54 -1.01 -8.45
C LYS A 12 4.24 -1.79 -8.29
N ILE A 13 3.35 -1.25 -7.53
CA ILE A 13 2.08 -1.86 -7.25
C ILE A 13 1.01 -1.10 -7.99
N ARG A 14 -0.01 -1.79 -8.43
CA ARG A 14 -1.12 -1.15 -9.03
C ARG A 14 -2.30 -1.27 -8.11
N TYR A 15 -3.32 -0.50 -8.36
CA TYR A 15 -4.49 -0.45 -7.48
C TYR A 15 -5.28 -1.75 -7.59
N SER A 16 -5.13 -2.41 -8.72
CA SER A 16 -5.77 -3.68 -8.98
C SER A 16 -5.12 -4.81 -8.14
N ASP A 17 -3.92 -4.57 -7.60
CA ASP A 17 -3.21 -5.59 -6.78
C ASP A 17 -3.70 -5.55 -5.37
N VAL A 18 -4.17 -4.40 -4.97
CA VAL A 18 -4.46 -4.16 -3.57
C VAL A 18 -5.86 -4.60 -3.18
N LYS A 19 -5.94 -5.46 -2.19
CA LYS A 19 -7.24 -5.79 -1.56
C LYS A 19 -7.47 -4.98 -0.33
N LYS A 20 -6.40 -4.67 0.32
CA LYS A 20 -6.44 -4.03 1.58
C LYS A 20 -5.20 -3.22 1.72
N LEU A 21 -5.36 -2.06 2.24
CA LEU A 21 -4.26 -1.17 2.46
C LEU A 21 -4.31 -0.80 3.93
N GLU A 22 -3.25 -1.09 4.64
CA GLU A 22 -3.20 -0.82 6.05
C GLU A 22 -2.02 0.07 6.30
N MET A 23 -2.19 1.06 7.11
CA MET A 23 -1.08 1.91 7.36
C MET A 23 -0.53 1.68 8.77
N LYS A 24 0.65 1.09 8.82
CA LYS A 24 1.41 0.83 10.04
C LYS A 24 2.88 0.60 9.71
N PRO A 25 3.83 1.03 10.58
CA PRO A 25 5.27 1.03 10.25
C PRO A 25 5.98 -0.31 10.27
N LYS A 26 5.24 -1.40 10.45
CA LYS A 26 5.83 -2.74 10.65
C LYS A 26 6.55 -2.83 12.00
N TYR A 27 7.57 -2.00 12.15
CA TYR A 27 8.34 -1.92 13.36
C TYR A 27 8.20 -0.53 13.96
N PRO A 28 8.03 -0.43 15.30
CA PRO A 28 7.91 0.88 16.00
C PRO A 28 9.17 1.74 15.85
N HIS A 29 10.25 1.14 15.40
CA HIS A 29 11.52 1.85 15.21
C HIS A 29 11.67 2.37 13.77
N CYS A 30 10.56 2.41 13.06
CA CYS A 30 10.53 2.89 11.70
C CYS A 30 9.79 4.24 11.74
N GLU A 31 10.10 5.15 10.81
CA GLU A 31 9.53 6.48 10.89
C GLU A 31 8.16 6.52 10.28
N GLU A 32 7.21 7.05 11.04
CA GLU A 32 5.81 7.21 10.63
C GLU A 32 5.17 5.84 10.27
N LYS A 33 3.88 5.82 10.00
CA LYS A 33 3.21 4.60 9.61
C LYS A 33 3.44 4.30 8.16
N MET A 34 4.03 3.16 7.92
CA MET A 34 4.34 2.67 6.59
C MET A 34 3.09 2.21 5.86
N VAL A 35 3.20 2.04 4.57
CA VAL A 35 2.09 1.60 3.76
C VAL A 35 2.16 0.10 3.55
N ILE A 36 1.20 -0.60 4.10
CA ILE A 36 1.16 -2.03 4.00
C ILE A 36 0.11 -2.41 2.96
N ILE A 37 0.53 -3.10 1.93
CA ILE A 37 -0.36 -3.48 0.88
C ILE A 37 -0.54 -4.97 0.74
N THR A 38 -1.77 -5.40 0.86
CA THR A 38 -2.14 -6.79 0.77
C THR A 38 -2.62 -7.08 -0.67
N THR A 39 -2.14 -8.15 -1.26
CA THR A 39 -2.45 -8.46 -2.65
C THR A 39 -3.69 -9.35 -2.81
N LYS A 40 -4.27 -9.33 -4.02
CA LYS A 40 -5.55 -10.00 -4.28
C LYS A 40 -5.44 -11.51 -4.42
N SER A 41 -4.54 -12.00 -5.25
CA SER A 41 -4.36 -13.45 -5.46
C SER A 41 -3.11 -13.76 -6.28
N VAL A 42 -3.21 -13.61 -7.61
CA VAL A 42 -2.09 -13.99 -8.47
C VAL A 42 -1.02 -12.92 -8.51
N SER A 43 -0.35 -12.81 -7.42
CA SER A 43 0.80 -12.00 -7.23
C SER A 43 1.88 -12.89 -6.66
N ARG A 44 3.14 -12.56 -6.86
CA ARG A 44 4.25 -13.39 -6.38
C ARG A 44 4.27 -13.51 -4.85
N TYR A 45 3.69 -12.53 -4.19
CA TYR A 45 3.56 -12.57 -2.75
C TYR A 45 2.45 -13.50 -2.34
N ARG A 46 1.28 -13.36 -2.97
CA ARG A 46 0.10 -14.20 -2.78
C ARG A 46 -0.25 -14.33 -1.29
N GLY A 47 -1.11 -13.47 -0.82
CA GLY A 47 -1.50 -13.50 0.56
C GLY A 47 -0.45 -12.90 1.47
N GLN A 48 0.53 -12.26 0.87
CA GLN A 48 1.58 -11.58 1.59
C GLN A 48 1.55 -10.11 1.22
N GLU A 49 2.07 -9.29 2.10
CA GLU A 49 1.97 -7.87 1.95
C GLU A 49 3.25 -7.26 1.41
N HIS A 50 3.09 -6.10 0.82
CA HIS A 50 4.20 -5.29 0.36
C HIS A 50 4.27 -4.10 1.29
N CYS A 51 5.41 -3.48 1.38
CA CYS A 51 5.50 -2.28 2.16
C CYS A 51 5.99 -1.15 1.28
N LEU A 52 5.26 -0.08 1.28
CA LEU A 52 5.59 1.08 0.50
C LEU A 52 5.93 2.23 1.45
N HIS A 53 6.95 2.98 1.11
CA HIS A 53 7.45 4.02 1.98
C HIS A 53 6.63 5.32 1.79
N PRO A 54 5.88 5.73 2.83
CA PRO A 54 4.90 6.85 2.76
C PRO A 54 5.52 8.23 2.71
N LYS A 55 6.81 8.30 2.57
CA LYS A 55 7.47 9.59 2.51
C LYS A 55 7.45 10.18 1.10
N LEU A 56 7.16 9.34 0.13
CA LEU A 56 7.13 9.75 -1.25
C LEU A 56 5.78 10.36 -1.58
N GLN A 57 5.77 11.39 -2.38
CA GLN A 57 4.53 12.07 -2.77
C GLN A 57 3.68 11.17 -3.63
N SER A 58 4.33 10.35 -4.44
CA SER A 58 3.66 9.38 -5.27
C SER A 58 2.93 8.35 -4.39
N THR A 59 3.44 8.15 -3.18
CA THR A 59 2.83 7.25 -2.26
C THR A 59 1.54 7.87 -1.71
N LYS A 60 1.56 9.18 -1.37
CA LYS A 60 0.32 9.87 -0.96
C LYS A 60 -0.68 9.79 -2.06
N ARG A 61 -0.18 9.95 -3.28
CA ARG A 61 -0.99 9.87 -4.46
C ARG A 61 -1.65 8.51 -4.52
N PHE A 62 -0.85 7.45 -4.38
CA PHE A 62 -1.32 6.07 -4.46
C PHE A 62 -2.34 5.78 -3.36
N ILE A 63 -2.08 6.27 -2.15
CA ILE A 63 -3.00 6.04 -1.04
C ILE A 63 -4.32 6.72 -1.29
N LYS A 64 -4.25 7.99 -1.63
CA LYS A 64 -5.46 8.77 -1.92
C LYS A 64 -6.17 8.22 -3.13
N TRP A 65 -5.39 7.69 -4.03
CA TRP A 65 -5.89 7.12 -5.25
C TRP A 65 -6.59 5.81 -4.95
N TYR A 66 -5.95 4.93 -4.14
CA TYR A 66 -6.55 3.65 -3.81
C TYR A 66 -7.81 3.80 -3.01
N ASN A 67 -7.82 4.73 -2.08
CA ASN A 67 -9.04 4.99 -1.30
C ASN A 67 -10.15 5.47 -2.19
N ALA A 68 -9.82 6.32 -3.15
CA ALA A 68 -10.79 6.80 -4.11
C ALA A 68 -11.26 5.63 -4.98
N TRP A 69 -10.31 4.87 -5.46
CA TRP A 69 -10.54 3.66 -6.27
C TRP A 69 -11.45 2.68 -5.54
N ASN A 70 -11.16 2.41 -4.28
CA ASN A 70 -11.96 1.51 -3.49
C ASN A 70 -13.38 2.03 -3.38
N GLU A 71 -13.54 3.31 -3.08
CA GLU A 71 -14.87 3.88 -2.94
C GLU A 71 -15.59 3.95 -4.28
N LYS A 72 -14.85 4.06 -5.37
CA LYS A 72 -15.45 4.05 -6.70
C LYS A 72 -15.90 2.68 -7.12
N ARG A 73 -15.29 1.67 -6.55
CA ARG A 73 -15.68 0.30 -6.82
C ARG A 73 -16.75 -0.15 -5.86
N ARG A 74 -16.45 0.00 -4.60
CA ARG A 74 -17.24 -0.51 -3.51
C ARG A 74 -18.51 0.26 -3.37
N VAL A 75 -18.37 1.57 -3.34
CA VAL A 75 -19.46 2.52 -3.11
C VAL A 75 -20.06 2.34 -1.73
N TYR A 76 -20.90 1.39 -1.65
CA TYR A 76 -21.57 1.00 -0.46
C TYR A 76 -21.96 -0.46 -0.62
N GLU A 77 -21.82 -1.23 0.41
CA GLU A 77 -22.17 -2.66 0.37
C GLU A 77 -23.30 -2.94 1.35
N GLU A 78 -22.97 -2.72 2.57
CA GLU A 78 -23.81 -3.00 3.69
C GLU A 78 -23.48 -2.04 4.83
N SER A 2 17.15 4.99 6.00
CA SER A 2 17.75 4.12 7.01
C SER A 2 16.94 4.13 8.33
N LYS A 3 17.39 3.30 9.31
CA LYS A 3 16.76 3.17 10.63
C LYS A 3 15.34 2.54 10.51
N CYS A 4 15.01 2.11 9.32
CA CYS A 4 13.75 1.51 9.02
C CYS A 4 13.90 0.71 7.75
N LYS A 5 13.01 -0.20 7.52
CA LYS A 5 13.06 -1.05 6.38
C LYS A 5 11.89 -0.72 5.45
N CYS A 6 12.11 -0.96 4.16
CA CYS A 6 11.13 -0.72 3.10
C CYS A 6 11.10 0.73 2.62
N SER A 7 11.20 0.87 1.34
CA SER A 7 11.14 2.11 0.64
C SER A 7 10.53 1.76 -0.71
N ARG A 8 10.61 2.61 -1.71
CA ARG A 8 10.01 2.21 -2.96
C ARG A 8 10.99 1.41 -3.82
N LYS A 9 11.26 0.21 -3.37
CA LYS A 9 12.09 -0.74 -4.08
C LYS A 9 11.40 -2.07 -4.12
N GLY A 10 10.14 -2.03 -3.75
CA GLY A 10 9.30 -3.17 -3.86
C GLY A 10 8.53 -3.07 -5.16
N PRO A 11 8.27 -4.20 -5.84
CA PRO A 11 7.52 -4.24 -7.11
C PRO A 11 6.27 -3.36 -7.09
N LYS A 12 6.01 -2.71 -8.20
CA LYS A 12 4.89 -1.81 -8.35
C LYS A 12 3.57 -2.55 -8.32
N ILE A 13 2.54 -1.83 -8.01
CA ILE A 13 1.24 -2.42 -7.83
C ILE A 13 0.26 -1.64 -8.64
N ARG A 14 -0.73 -2.30 -9.13
CA ARG A 14 -1.84 -1.60 -9.69
C ARG A 14 -2.90 -1.51 -8.62
N TYR A 15 -3.74 -0.51 -8.70
CA TYR A 15 -4.77 -0.30 -7.67
C TYR A 15 -5.71 -1.51 -7.61
N SER A 16 -5.87 -2.15 -8.75
CA SER A 16 -6.75 -3.28 -8.90
C SER A 16 -6.20 -4.53 -8.14
N ASP A 17 -4.92 -4.49 -7.74
CA ASP A 17 -4.36 -5.64 -7.03
C ASP A 17 -4.37 -5.38 -5.55
N VAL A 18 -4.72 -4.20 -5.15
CA VAL A 18 -4.77 -3.89 -3.75
C VAL A 18 -6.15 -4.24 -3.21
N LYS A 19 -6.21 -5.10 -2.23
CA LYS A 19 -7.48 -5.46 -1.60
C LYS A 19 -7.70 -4.67 -0.35
N LYS A 20 -6.63 -4.28 0.24
CA LYS A 20 -6.62 -3.60 1.49
C LYS A 20 -5.36 -2.79 1.61
N LEU A 21 -5.49 -1.63 2.15
CA LEU A 21 -4.39 -0.75 2.39
C LEU A 21 -4.44 -0.46 3.88
N GLU A 22 -3.38 -0.75 4.61
CA GLU A 22 -3.40 -0.57 6.02
C GLU A 22 -2.14 0.14 6.47
N MET A 23 -2.25 0.99 7.43
CA MET A 23 -1.12 1.71 7.89
C MET A 23 -0.65 1.21 9.23
N LYS A 24 0.51 0.63 9.22
CA LYS A 24 1.17 0.16 10.39
C LYS A 24 2.63 0.06 10.08
N PRO A 25 3.50 0.45 11.00
CA PRO A 25 4.92 0.38 10.76
C PRO A 25 5.41 -1.05 10.74
N LYS A 26 6.24 -1.38 9.77
CA LYS A 26 6.78 -2.72 9.64
C LYS A 26 7.68 -2.94 10.88
N TYR A 27 8.34 -1.87 11.28
CA TYR A 27 9.11 -1.85 12.49
C TYR A 27 8.64 -0.70 13.34
N PRO A 28 8.40 -0.93 14.65
CA PRO A 28 7.97 0.15 15.58
C PRO A 28 9.01 1.29 15.64
N HIS A 29 10.23 0.98 15.25
CA HIS A 29 11.31 1.94 15.21
C HIS A 29 11.35 2.71 13.87
N CYS A 30 10.21 2.81 13.24
CA CYS A 30 10.06 3.54 11.99
C CYS A 30 9.25 4.79 12.23
N GLU A 31 9.46 5.83 11.42
CA GLU A 31 8.75 7.06 11.60
C GLU A 31 7.41 6.99 10.90
N GLU A 32 6.36 7.38 11.64
CA GLU A 32 5.00 7.46 11.11
C GLU A 32 4.47 6.06 10.69
N LYS A 33 3.23 5.96 10.29
CA LYS A 33 2.67 4.69 9.92
C LYS A 33 2.95 4.36 8.48
N MET A 34 3.63 3.27 8.31
CA MET A 34 4.01 2.74 7.03
C MET A 34 2.77 2.28 6.29
N VAL A 35 2.86 2.28 5.00
CA VAL A 35 1.78 1.87 4.18
C VAL A 35 1.95 0.44 3.71
N ILE A 36 1.07 -0.39 4.21
CA ILE A 36 1.08 -1.80 3.92
C ILE A 36 0.02 -2.06 2.89
N ILE A 37 0.40 -2.68 1.83
CA ILE A 37 -0.52 -2.94 0.79
C ILE A 37 -0.73 -4.42 0.61
N THR A 38 -1.95 -4.82 0.75
CA THR A 38 -2.34 -6.20 0.67
C THR A 38 -2.83 -6.50 -0.74
N THR A 39 -2.27 -7.52 -1.35
CA THR A 39 -2.56 -7.78 -2.73
C THR A 39 -3.60 -8.87 -2.94
N LYS A 40 -4.19 -8.85 -4.12
CA LYS A 40 -5.14 -9.82 -4.53
C LYS A 40 -4.40 -11.09 -4.92
N SER A 41 -3.37 -10.94 -5.79
CA SER A 41 -2.56 -12.09 -6.27
C SER A 41 -1.68 -11.74 -7.49
N VAL A 42 -2.02 -10.69 -8.25
CA VAL A 42 -1.35 -10.51 -9.55
C VAL A 42 0.06 -9.94 -9.47
N SER A 43 0.37 -9.23 -8.40
CA SER A 43 1.70 -8.67 -8.27
C SER A 43 2.74 -9.76 -7.96
N ARG A 44 4.01 -9.38 -8.03
CA ARG A 44 5.14 -10.31 -7.86
C ARG A 44 5.26 -10.90 -6.45
N TYR A 45 4.45 -10.42 -5.53
CA TYR A 45 4.42 -10.98 -4.19
C TYR A 45 3.46 -12.15 -4.11
N ARG A 46 2.41 -12.10 -4.94
CA ARG A 46 1.36 -13.10 -5.01
C ARG A 46 0.74 -13.38 -3.63
N GLY A 47 -0.17 -12.54 -3.23
CA GLY A 47 -0.89 -12.71 -1.97
C GLY A 47 -0.10 -12.22 -0.76
N GLN A 48 1.09 -11.74 -1.01
CA GLN A 48 1.91 -11.15 0.02
C GLN A 48 1.82 -9.64 -0.05
N GLU A 49 2.10 -9.00 1.03
CA GLU A 49 1.91 -7.57 1.12
C GLU A 49 3.15 -6.82 0.71
N HIS A 50 2.95 -5.65 0.17
CA HIS A 50 4.04 -4.79 -0.24
C HIS A 50 4.23 -3.79 0.86
N CYS A 51 5.43 -3.34 1.04
CA CYS A 51 5.68 -2.37 2.05
C CYS A 51 6.18 -1.09 1.43
N LEU A 52 5.51 -0.01 1.74
CA LEU A 52 5.85 1.27 1.21
C LEU A 52 6.15 2.26 2.29
N HIS A 53 7.09 3.09 2.02
CA HIS A 53 7.51 4.10 2.96
C HIS A 53 6.77 5.42 2.60
N PRO A 54 5.90 5.90 3.51
CA PRO A 54 4.96 7.04 3.26
C PRO A 54 5.62 8.41 3.10
N LYS A 55 6.92 8.47 3.13
CA LYS A 55 7.61 9.73 3.03
C LYS A 55 7.79 10.17 1.56
N LEU A 56 7.58 9.24 0.64
CA LEU A 56 7.77 9.52 -0.79
C LEU A 56 6.53 10.13 -1.41
N GLN A 57 6.76 11.11 -2.27
CA GLN A 57 5.70 11.87 -2.95
C GLN A 57 4.79 10.98 -3.79
N SER A 58 5.37 10.02 -4.50
CA SER A 58 4.59 9.18 -5.38
C SER A 58 3.69 8.25 -4.58
N THR A 59 4.09 7.95 -3.36
CA THR A 59 3.32 7.13 -2.48
C THR A 59 1.98 7.84 -2.17
N LYS A 60 2.02 9.17 -2.07
CA LYS A 60 0.83 9.97 -1.81
C LYS A 60 -0.27 9.76 -2.81
N ARG A 61 0.05 9.76 -4.11
CA ARG A 61 -0.97 9.53 -5.06
C ARG A 61 -1.49 8.15 -4.97
N PHE A 62 -0.62 7.15 -5.00
CA PHE A 62 -1.08 5.75 -5.02
C PHE A 62 -2.00 5.47 -3.83
N ILE A 63 -1.64 5.94 -2.67
CA ILE A 63 -2.42 5.74 -1.47
C ILE A 63 -3.75 6.49 -1.54
N LYS A 64 -3.68 7.75 -1.87
CA LYS A 64 -4.88 8.57 -1.95
C LYS A 64 -5.77 8.23 -3.13
N TRP A 65 -5.15 7.77 -4.17
CA TRP A 65 -5.86 7.40 -5.37
C TRP A 65 -6.54 6.06 -5.08
N TYR A 66 -5.87 5.19 -4.27
CA TYR A 66 -6.48 3.95 -3.88
C TYR A 66 -7.71 4.21 -3.09
N ASN A 67 -7.67 5.22 -2.24
CA ASN A 67 -8.83 5.58 -1.41
C ASN A 67 -10.08 5.84 -2.25
N ALA A 68 -9.90 6.42 -3.42
CA ALA A 68 -11.01 6.70 -4.33
C ALA A 68 -11.46 5.40 -5.01
N TRP A 69 -10.51 4.67 -5.55
CA TRP A 69 -10.75 3.38 -6.18
C TRP A 69 -11.35 2.37 -5.20
N ASN A 70 -10.94 2.46 -3.97
CA ASN A 70 -11.40 1.58 -2.92
C ASN A 70 -12.90 1.76 -2.75
N GLU A 71 -13.34 3.01 -2.74
CA GLU A 71 -14.76 3.33 -2.62
C GLU A 71 -15.49 2.88 -3.88
N LYS A 72 -14.81 2.93 -5.00
CA LYS A 72 -15.37 2.53 -6.27
C LYS A 72 -15.63 1.02 -6.30
N ARG A 73 -14.82 0.27 -5.58
CA ARG A 73 -14.98 -1.17 -5.55
C ARG A 73 -15.78 -1.66 -4.34
N ARG A 74 -15.77 -0.92 -3.25
CA ARG A 74 -16.46 -1.40 -2.05
C ARG A 74 -17.57 -0.44 -1.65
N VAL A 75 -18.12 0.27 -2.64
CA VAL A 75 -19.22 1.27 -2.49
C VAL A 75 -20.12 0.92 -1.32
N TYR A 76 -19.97 1.69 -0.28
CA TYR A 76 -20.62 1.44 0.98
C TYR A 76 -22.12 1.47 0.88
N GLU A 77 -22.73 0.44 1.46
CA GLU A 77 -24.17 0.22 1.44
C GLU A 77 -24.64 -0.15 0.04
N GLU A 78 -25.13 -1.36 -0.07
CA GLU A 78 -25.61 -1.89 -1.34
C GLU A 78 -26.94 -1.24 -1.69
N SER A 2 17.49 0.15 12.31
CA SER A 2 16.50 0.96 12.96
C SER A 2 15.75 1.83 11.96
N LYS A 3 16.37 2.07 10.82
CA LYS A 3 15.73 2.82 9.76
C LYS A 3 14.93 1.87 8.92
N CYS A 4 13.65 1.89 9.09
CA CYS A 4 12.73 1.03 8.37
C CYS A 4 12.68 1.49 6.93
N LYS A 5 13.07 0.64 6.02
CA LYS A 5 13.15 1.01 4.62
C LYS A 5 12.24 0.12 3.79
N CYS A 6 12.36 -1.21 4.01
CA CYS A 6 11.69 -2.26 3.20
C CYS A 6 12.41 -2.44 1.86
N SER A 7 12.54 -1.35 1.16
CA SER A 7 13.20 -1.29 -0.10
C SER A 7 13.38 0.19 -0.35
N ARG A 8 14.10 0.57 -1.38
CA ARG A 8 14.22 1.98 -1.68
C ARG A 8 12.87 2.50 -2.15
N LYS A 9 12.22 1.70 -2.95
CA LYS A 9 10.89 1.95 -3.41
C LYS A 9 10.16 0.62 -3.48
N GLY A 10 9.08 0.50 -2.71
CA GLY A 10 8.26 -0.68 -2.80
C GLY A 10 7.63 -0.71 -4.19
N PRO A 11 7.78 -1.83 -4.93
CA PRO A 11 7.30 -1.92 -6.32
C PRO A 11 5.87 -1.43 -6.49
N LYS A 12 5.65 -0.71 -7.57
CA LYS A 12 4.37 -0.15 -7.87
C LYS A 12 3.38 -1.20 -8.32
N ILE A 13 2.18 -1.04 -7.87
CA ILE A 13 1.11 -1.99 -8.02
C ILE A 13 -0.10 -1.23 -8.48
N ARG A 14 -0.95 -1.85 -9.23
CA ARG A 14 -2.18 -1.20 -9.60
C ARG A 14 -3.20 -1.33 -8.49
N TYR A 15 -4.09 -0.37 -8.42
CA TYR A 15 -5.10 -0.31 -7.38
C TYR A 15 -6.02 -1.52 -7.45
N SER A 16 -6.20 -2.01 -8.66
CA SER A 16 -7.07 -3.13 -8.93
C SER A 16 -6.53 -4.43 -8.33
N ASP A 17 -5.24 -4.48 -8.10
CA ASP A 17 -4.64 -5.67 -7.54
C ASP A 17 -4.60 -5.57 -6.05
N VAL A 18 -4.63 -4.35 -5.55
CA VAL A 18 -4.49 -4.16 -4.12
C VAL A 18 -5.78 -4.52 -3.41
N LYS A 19 -5.67 -5.46 -2.53
CA LYS A 19 -6.80 -5.97 -1.79
C LYS A 19 -7.00 -5.20 -0.52
N LYS A 20 -5.92 -4.76 0.04
CA LYS A 20 -5.95 -4.14 1.33
C LYS A 20 -4.87 -3.09 1.43
N LEU A 21 -5.20 -2.01 2.07
CA LEU A 21 -4.29 -0.93 2.34
C LEU A 21 -4.31 -0.61 3.81
N GLU A 22 -3.17 -0.69 4.44
CA GLU A 22 -3.09 -0.33 5.83
C GLU A 22 -1.94 0.58 6.05
N MET A 23 -2.14 1.67 6.72
CA MET A 23 -1.04 2.45 7.10
C MET A 23 -0.80 2.22 8.58
N LYS A 24 0.27 1.53 8.83
CA LYS A 24 0.74 1.17 10.15
C LYS A 24 2.20 0.80 10.07
N PRO A 25 3.00 1.11 11.09
CA PRO A 25 4.43 0.87 11.05
C PRO A 25 4.78 -0.61 11.11
N LYS A 26 5.75 -1.01 10.32
CA LYS A 26 6.21 -2.38 10.27
C LYS A 26 6.87 -2.72 11.61
N TYR A 27 7.59 -1.76 12.12
CA TYR A 27 8.27 -1.81 13.38
C TYR A 27 7.93 -0.56 14.18
N PRO A 28 7.94 -0.61 15.51
CA PRO A 28 7.63 0.58 16.34
C PRO A 28 8.70 1.67 16.17
N HIS A 29 9.89 1.25 15.73
CA HIS A 29 11.05 2.13 15.55
C HIS A 29 11.07 2.74 14.14
N CYS A 30 9.93 2.90 13.55
CA CYS A 30 9.84 3.44 12.22
C CYS A 30 9.26 4.85 12.27
N GLU A 31 9.61 5.71 11.31
CA GLU A 31 9.03 7.03 11.25
C GLU A 31 7.72 6.94 10.48
N GLU A 32 6.67 7.54 11.02
CA GLU A 32 5.33 7.51 10.42
C GLU A 32 4.75 6.11 10.36
N LYS A 33 3.63 6.01 9.70
CA LYS A 33 2.98 4.75 9.47
C LYS A 33 3.37 4.24 8.11
N MET A 34 3.74 3.00 8.06
CA MET A 34 4.09 2.37 6.79
C MET A 34 2.90 2.01 6.00
N VAL A 35 3.08 1.97 4.76
CA VAL A 35 2.04 1.66 3.85
C VAL A 35 2.12 0.20 3.49
N ILE A 36 1.17 -0.55 3.97
CA ILE A 36 1.13 -1.96 3.75
C ILE A 36 0.13 -2.25 2.66
N ILE A 37 0.59 -2.95 1.66
CA ILE A 37 -0.22 -3.25 0.50
C ILE A 37 -0.34 -4.76 0.34
N THR A 38 -1.55 -5.24 0.39
CA THR A 38 -1.83 -6.64 0.17
C THR A 38 -2.23 -6.81 -1.29
N THR A 39 -1.55 -7.69 -2.01
CA THR A 39 -1.79 -7.82 -3.43
C THR A 39 -2.66 -9.01 -3.77
N LYS A 40 -3.30 -8.94 -4.92
CA LYS A 40 -4.13 -10.01 -5.40
C LYS A 40 -3.29 -11.11 -6.02
N SER A 41 -2.38 -10.71 -6.93
CA SER A 41 -1.52 -11.67 -7.65
C SER A 41 -0.63 -11.05 -8.75
N VAL A 42 -1.09 -9.97 -9.41
CA VAL A 42 -0.36 -9.46 -10.60
C VAL A 42 0.94 -8.75 -10.21
N SER A 43 1.05 -8.39 -8.95
CA SER A 43 2.26 -7.78 -8.45
C SER A 43 3.41 -8.78 -8.59
N ARG A 44 4.59 -8.28 -8.97
CA ARG A 44 5.78 -9.12 -9.15
C ARG A 44 6.18 -9.86 -7.87
N TYR A 45 5.70 -9.38 -6.75
CA TYR A 45 5.99 -9.93 -5.46
C TYR A 45 5.04 -11.15 -5.20
N ARG A 46 4.03 -11.27 -6.07
CA ARG A 46 3.07 -12.38 -6.14
C ARG A 46 2.31 -12.70 -4.85
N GLY A 47 1.23 -11.98 -4.61
CA GLY A 47 0.31 -12.33 -3.54
C GLY A 47 0.88 -12.16 -2.15
N GLN A 48 1.86 -11.31 -2.03
CA GLN A 48 2.52 -11.06 -0.77
C GLN A 48 2.34 -9.60 -0.40
N GLU A 49 2.47 -9.29 0.86
CA GLU A 49 2.19 -7.96 1.34
C GLU A 49 3.44 -7.10 1.27
N HIS A 50 3.27 -5.94 0.68
CA HIS A 50 4.34 -4.97 0.48
C HIS A 50 4.31 -3.93 1.54
N CYS A 51 5.43 -3.31 1.74
CA CYS A 51 5.51 -2.18 2.59
C CYS A 51 6.21 -1.07 1.86
N LEU A 52 5.57 0.05 1.80
CA LEU A 52 6.06 1.19 1.08
C LEU A 52 6.47 2.27 2.06
N HIS A 53 7.59 2.88 1.79
CA HIS A 53 8.17 3.88 2.64
C HIS A 53 7.50 5.25 2.38
N PRO A 54 6.74 5.78 3.38
CA PRO A 54 5.90 7.01 3.24
C PRO A 54 6.66 8.33 3.01
N LYS A 55 7.94 8.25 2.81
CA LYS A 55 8.75 9.41 2.49
C LYS A 55 8.68 9.74 1.00
N LEU A 56 8.17 8.79 0.22
CA LEU A 56 8.05 8.95 -1.23
C LEU A 56 6.76 9.66 -1.59
N GLN A 57 6.77 10.40 -2.68
CA GLN A 57 5.61 11.16 -3.12
C GLN A 57 4.62 10.26 -3.87
N SER A 58 5.16 9.23 -4.51
CA SER A 58 4.35 8.26 -5.26
C SER A 58 3.32 7.60 -4.33
N THR A 59 3.72 7.43 -3.09
CA THR A 59 2.92 6.84 -2.06
C THR A 59 1.64 7.64 -1.84
N LYS A 60 1.76 8.96 -1.84
CA LYS A 60 0.65 9.84 -1.61
C LYS A 60 -0.44 9.69 -2.62
N ARG A 61 -0.11 9.67 -3.91
CA ARG A 61 -1.13 9.44 -4.89
C ARG A 61 -1.71 8.08 -4.77
N PHE A 62 -0.87 7.11 -4.48
CA PHE A 62 -1.31 5.74 -4.41
C PHE A 62 -2.33 5.57 -3.27
N ILE A 63 -2.13 6.30 -2.16
CA ILE A 63 -3.06 6.23 -1.05
C ILE A 63 -4.33 6.94 -1.39
N LYS A 64 -4.18 8.15 -1.85
CA LYS A 64 -5.32 9.03 -2.12
C LYS A 64 -6.18 8.52 -3.26
N TRP A 65 -5.56 7.85 -4.18
CA TRP A 65 -6.22 7.31 -5.31
C TRP A 65 -6.91 6.01 -4.89
N TYR A 66 -6.19 5.16 -4.09
CA TYR A 66 -6.77 3.90 -3.60
C TYR A 66 -7.95 4.20 -2.72
N ASN A 67 -7.82 5.27 -1.98
CA ASN A 67 -8.83 5.75 -1.05
C ASN A 67 -10.16 5.94 -1.78
N ALA A 68 -10.09 6.54 -2.97
CA ALA A 68 -11.27 6.74 -3.81
C ALA A 68 -11.69 5.43 -4.48
N TRP A 69 -10.70 4.69 -4.96
CA TRP A 69 -10.89 3.39 -5.59
C TRP A 69 -11.63 2.41 -4.69
N ASN A 70 -11.21 2.31 -3.45
CA ASN A 70 -11.81 1.39 -2.46
C ASN A 70 -13.30 1.70 -2.35
N GLU A 71 -13.62 2.97 -2.36
CA GLU A 71 -15.00 3.39 -2.27
C GLU A 71 -15.76 3.07 -3.56
N LYS A 72 -15.18 3.42 -4.71
CA LYS A 72 -15.83 3.22 -6.01
C LYS A 72 -15.94 1.79 -6.46
N ARG A 73 -15.09 0.95 -5.96
CA ARG A 73 -15.18 -0.48 -6.30
C ARG A 73 -16.27 -1.14 -5.45
N ARG A 74 -16.68 -0.46 -4.38
CA ARG A 74 -17.70 -0.96 -3.48
C ARG A 74 -19.03 -0.33 -3.83
N VAL A 75 -19.07 0.97 -3.75
CA VAL A 75 -20.23 1.71 -4.14
C VAL A 75 -19.93 2.47 -5.39
N TYR A 76 -20.57 2.07 -6.42
CA TYR A 76 -20.36 2.64 -7.72
C TYR A 76 -21.15 3.92 -7.85
N GLU A 77 -20.48 5.01 -7.61
CA GLU A 77 -21.07 6.32 -7.72
C GLU A 77 -20.06 7.26 -8.36
N GLU A 78 -20.54 8.19 -9.13
CA GLU A 78 -19.69 9.16 -9.77
C GLU A 78 -20.45 10.46 -9.89
N SER A 2 17.23 -0.57 13.95
CA SER A 2 16.17 -0.05 13.15
C SER A 2 16.53 -0.10 11.69
N LYS A 3 15.94 -1.04 10.98
CA LYS A 3 16.14 -1.11 9.58
C LYS A 3 15.01 -0.34 8.91
N CYS A 4 13.77 -0.76 9.22
CA CYS A 4 12.53 -0.10 8.77
C CYS A 4 12.28 -0.17 7.26
N LYS A 5 13.25 0.24 6.48
CA LYS A 5 13.14 0.19 5.05
C LYS A 5 13.30 -1.23 4.55
N CYS A 6 12.21 -1.94 4.53
CA CYS A 6 12.15 -3.28 4.02
C CYS A 6 12.13 -3.24 2.52
N SER A 7 11.40 -2.31 2.01
CA SER A 7 11.32 -2.07 0.62
C SER A 7 11.00 -0.60 0.45
N ARG A 8 11.41 -0.03 -0.64
CA ARG A 8 11.16 1.36 -0.87
C ARG A 8 9.79 1.52 -1.49
N LYS A 9 9.52 0.70 -2.48
CA LYS A 9 8.23 0.67 -3.15
C LYS A 9 7.80 -0.77 -3.36
N GLY A 10 8.75 -1.59 -3.72
CA GLY A 10 8.49 -2.97 -3.99
C GLY A 10 8.19 -3.17 -5.46
N PRO A 11 7.79 -4.38 -5.88
CA PRO A 11 7.35 -4.65 -7.26
C PRO A 11 6.20 -3.71 -7.64
N LYS A 12 5.97 -3.52 -8.92
CA LYS A 12 5.00 -2.55 -9.39
C LYS A 12 3.57 -2.90 -8.95
N ILE A 13 2.97 -1.95 -8.29
CA ILE A 13 1.64 -2.10 -7.76
C ILE A 13 0.70 -1.17 -8.49
N ARG A 14 -0.39 -1.70 -8.92
CA ARG A 14 -1.46 -0.90 -9.44
C ARG A 14 -2.61 -1.03 -8.48
N TYR A 15 -3.59 -0.17 -8.61
CA TYR A 15 -4.71 -0.15 -7.66
C TYR A 15 -5.51 -1.44 -7.75
N SER A 16 -5.50 -2.05 -8.91
CA SER A 16 -6.18 -3.29 -9.14
C SER A 16 -5.42 -4.46 -8.48
N ASP A 17 -4.17 -4.22 -8.06
CA ASP A 17 -3.34 -5.26 -7.39
C ASP A 17 -3.66 -5.31 -5.94
N VAL A 18 -4.19 -4.24 -5.42
CA VAL A 18 -4.39 -4.10 -3.98
C VAL A 18 -5.74 -4.67 -3.53
N LYS A 19 -5.71 -5.58 -2.58
CA LYS A 19 -6.93 -6.13 -2.00
C LYS A 19 -7.31 -5.26 -0.81
N LYS A 20 -6.29 -4.83 -0.11
CA LYS A 20 -6.41 -4.07 1.12
C LYS A 20 -5.19 -3.21 1.30
N LEU A 21 -5.38 -2.07 1.89
CA LEU A 21 -4.29 -1.17 2.16
C LEU A 21 -4.44 -0.70 3.60
N GLU A 22 -3.44 -0.93 4.39
CA GLU A 22 -3.47 -0.50 5.77
C GLU A 22 -2.18 0.20 6.09
N MET A 23 -2.27 1.34 6.67
CA MET A 23 -1.07 2.06 6.96
C MET A 23 -0.75 1.96 8.45
N LYS A 24 0.32 1.25 8.73
CA LYS A 24 0.85 1.03 10.06
C LYS A 24 2.31 0.62 9.94
N PRO A 25 3.18 1.00 10.86
CA PRO A 25 4.60 0.71 10.75
C PRO A 25 4.94 -0.76 10.96
N LYS A 26 5.95 -1.22 10.23
CA LYS A 26 6.43 -2.58 10.33
C LYS A 26 7.03 -2.77 11.71
N TYR A 27 7.63 -1.70 12.18
CA TYR A 27 8.12 -1.55 13.52
C TYR A 27 7.72 -0.19 14.01
N PRO A 28 7.15 -0.08 15.21
CA PRO A 28 6.74 1.23 15.79
C PRO A 28 7.90 2.22 15.90
N HIS A 29 9.11 1.69 15.95
CA HIS A 29 10.32 2.51 16.04
C HIS A 29 10.81 2.95 14.64
N CYS A 30 9.87 3.10 13.73
CA CYS A 30 10.15 3.49 12.35
C CYS A 30 9.61 4.90 12.05
N GLU A 31 9.93 5.43 10.86
CA GLU A 31 9.51 6.76 10.47
C GLU A 31 8.12 6.67 9.93
N GLU A 32 7.20 7.52 10.40
CA GLU A 32 5.82 7.55 9.90
C GLU A 32 5.15 6.12 10.01
N LYS A 33 3.96 5.97 9.53
CA LYS A 33 3.32 4.69 9.47
C LYS A 33 3.67 4.06 8.13
N MET A 34 4.00 2.79 8.12
CA MET A 34 4.33 2.10 6.85
C MET A 34 3.10 1.86 6.04
N VAL A 35 3.31 1.75 4.78
CA VAL A 35 2.25 1.47 3.87
C VAL A 35 2.25 -0.01 3.60
N ILE A 36 1.24 -0.69 4.07
CA ILE A 36 1.14 -2.10 3.88
C ILE A 36 0.14 -2.36 2.77
N ILE A 37 0.63 -2.81 1.66
CA ILE A 37 -0.23 -3.08 0.54
C ILE A 37 -0.40 -4.55 0.35
N THR A 38 -1.58 -4.98 0.53
CA THR A 38 -1.91 -6.36 0.44
C THR A 38 -2.44 -6.65 -0.95
N THR A 39 -1.79 -7.52 -1.68
CA THR A 39 -2.20 -7.80 -3.03
C THR A 39 -3.37 -8.79 -3.13
N LYS A 40 -3.98 -8.89 -4.30
CA LYS A 40 -5.18 -9.71 -4.48
C LYS A 40 -4.90 -11.19 -4.51
N SER A 41 -3.95 -11.60 -5.36
CA SER A 41 -3.61 -13.02 -5.64
C SER A 41 -3.02 -13.07 -7.05
N VAL A 42 -3.86 -12.69 -8.04
CA VAL A 42 -3.49 -12.67 -9.47
C VAL A 42 -2.48 -11.54 -9.73
N SER A 43 -2.41 -10.66 -8.77
CA SER A 43 -1.53 -9.53 -8.76
C SER A 43 -0.05 -9.99 -8.77
N ARG A 44 0.85 -9.08 -9.15
CA ARG A 44 2.27 -9.41 -9.34
C ARG A 44 2.93 -9.99 -8.08
N TYR A 45 2.52 -9.53 -6.91
CA TYR A 45 3.13 -9.95 -5.69
C TYR A 45 2.40 -11.19 -5.11
N ARG A 46 1.50 -11.75 -5.90
CA ARG A 46 0.83 -13.03 -5.67
C ARG A 46 -0.01 -13.11 -4.36
N GLY A 47 -0.43 -11.97 -3.83
CA GLY A 47 -1.28 -11.98 -2.65
C GLY A 47 -0.52 -11.71 -1.38
N GLN A 48 0.75 -11.44 -1.52
CA GLN A 48 1.63 -11.12 -0.40
C GLN A 48 1.51 -9.63 -0.08
N GLU A 49 1.89 -9.24 1.13
CA GLU A 49 1.81 -7.86 1.54
C GLU A 49 3.12 -7.12 1.23
N HIS A 50 2.98 -6.02 0.52
CA HIS A 50 4.07 -5.13 0.18
C HIS A 50 4.28 -4.16 1.30
N CYS A 51 5.45 -3.62 1.35
CA CYS A 51 5.71 -2.56 2.26
C CYS A 51 6.30 -1.42 1.45
N LEU A 52 5.70 -0.27 1.54
CA LEU A 52 6.10 0.86 0.76
C LEU A 52 6.51 1.96 1.74
N HIS A 53 7.60 2.64 1.46
CA HIS A 53 8.10 3.67 2.35
C HIS A 53 7.30 4.99 2.11
N PRO A 54 6.58 5.46 3.16
CA PRO A 54 5.62 6.60 3.06
C PRO A 54 6.25 7.97 2.75
N LYS A 55 7.57 8.07 2.76
CA LYS A 55 8.24 9.36 2.47
C LYS A 55 8.14 9.79 1.02
N LEU A 56 7.75 8.89 0.16
CA LEU A 56 7.73 9.16 -1.26
C LEU A 56 6.43 9.88 -1.65
N GLN A 57 6.57 10.94 -2.45
CA GLN A 57 5.43 11.79 -2.85
C GLN A 57 4.43 11.05 -3.73
N SER A 58 4.92 10.11 -4.53
CA SER A 58 4.07 9.32 -5.38
C SER A 58 3.18 8.39 -4.56
N THR A 59 3.68 8.01 -3.39
CA THR A 59 2.97 7.14 -2.48
C THR A 59 1.70 7.82 -1.98
N LYS A 60 1.79 9.11 -1.66
CA LYS A 60 0.62 9.87 -1.20
C LYS A 60 -0.52 9.80 -2.15
N ARG A 61 -0.26 9.99 -3.45
CA ARG A 61 -1.31 9.87 -4.42
C ARG A 61 -1.86 8.51 -4.40
N PHE A 62 -0.98 7.52 -4.52
CA PHE A 62 -1.39 6.12 -4.60
C PHE A 62 -2.31 5.74 -3.43
N ILE A 63 -1.95 6.18 -2.24
CA ILE A 63 -2.73 5.87 -1.06
C ILE A 63 -4.09 6.52 -1.13
N LYS A 64 -4.10 7.82 -1.35
CA LYS A 64 -5.38 8.53 -1.44
C LYS A 64 -6.20 8.08 -2.65
N TRP A 65 -5.51 7.68 -3.66
CA TRP A 65 -6.09 7.24 -4.90
C TRP A 65 -6.75 5.88 -4.67
N TYR A 66 -6.01 4.95 -4.01
CA TYR A 66 -6.55 3.61 -3.75
C TYR A 66 -7.77 3.68 -2.86
N ASN A 67 -7.73 4.55 -1.86
CA ASN A 67 -8.88 4.72 -0.99
C ASN A 67 -10.10 5.14 -1.79
N ALA A 68 -9.91 6.10 -2.68
CA ALA A 68 -10.98 6.58 -3.55
C ALA A 68 -11.48 5.46 -4.47
N TRP A 69 -10.53 4.69 -5.00
CA TRP A 69 -10.79 3.49 -5.83
C TRP A 69 -11.63 2.48 -5.07
N ASN A 70 -11.23 2.20 -3.84
CA ASN A 70 -11.93 1.25 -3.01
C ASN A 70 -13.34 1.73 -2.71
N GLU A 71 -13.46 3.06 -2.53
CA GLU A 71 -14.77 3.69 -2.34
C GLU A 71 -15.64 3.50 -3.57
N LYS A 72 -15.03 3.65 -4.76
CA LYS A 72 -15.73 3.49 -6.05
C LYS A 72 -16.34 2.11 -6.19
N ARG A 73 -15.71 1.12 -5.60
CA ARG A 73 -16.19 -0.25 -5.69
C ARG A 73 -17.09 -0.58 -4.50
N ARG A 74 -17.16 0.33 -3.57
CA ARG A 74 -17.95 0.14 -2.39
C ARG A 74 -19.31 0.79 -2.59
N VAL A 75 -19.28 2.04 -2.95
CA VAL A 75 -20.45 2.84 -3.07
C VAL A 75 -20.27 3.80 -4.26
N TYR A 76 -21.38 4.27 -4.80
CA TYR A 76 -21.37 5.23 -5.90
C TYR A 76 -20.52 6.47 -5.58
N GLU A 77 -19.94 7.05 -6.60
CA GLU A 77 -19.15 8.23 -6.42
C GLU A 77 -20.04 9.38 -6.05
N GLU A 78 -19.68 10.06 -5.00
CA GLU A 78 -20.45 11.16 -4.50
C GLU A 78 -19.45 12.16 -3.93
N SER A 2 20.96 2.28 8.03
CA SER A 2 20.49 0.94 7.86
C SER A 2 19.44 0.62 8.93
N LYS A 3 18.19 0.98 8.65
CA LYS A 3 17.08 0.72 9.55
C LYS A 3 15.84 0.37 8.77
N CYS A 4 14.99 -0.45 9.39
CA CYS A 4 13.72 -0.89 8.83
C CYS A 4 13.89 -1.75 7.59
N LYS A 5 13.87 -3.06 7.80
CA LYS A 5 14.03 -4.04 6.72
C LYS A 5 12.91 -3.98 5.69
N CYS A 6 11.77 -3.50 6.09
CA CYS A 6 10.68 -3.37 5.17
C CYS A 6 10.33 -1.89 5.11
N SER A 7 11.01 -1.19 4.25
CA SER A 7 10.79 0.22 4.02
C SER A 7 9.99 0.36 2.75
N ARG A 8 10.53 -0.19 1.69
CA ARG A 8 9.86 -0.29 0.44
C ARG A 8 10.26 -1.59 -0.18
N LYS A 9 9.32 -2.45 -0.35
CA LYS A 9 9.57 -3.77 -0.85
C LYS A 9 8.45 -4.23 -1.71
N GLY A 10 8.79 -4.90 -2.77
CA GLY A 10 7.82 -5.42 -3.65
C GLY A 10 7.79 -4.69 -4.96
N PRO A 11 7.47 -5.37 -6.07
CA PRO A 11 7.28 -4.77 -7.39
C PRO A 11 6.22 -3.65 -7.39
N LYS A 12 6.25 -2.80 -8.40
CA LYS A 12 5.32 -1.70 -8.51
C LYS A 12 3.90 -2.24 -8.66
N ILE A 13 3.01 -1.64 -7.91
CA ILE A 13 1.66 -2.11 -7.75
C ILE A 13 0.69 -1.19 -8.47
N ARG A 14 -0.37 -1.75 -8.98
CA ARG A 14 -1.46 -0.99 -9.51
C ARG A 14 -2.58 -1.02 -8.50
N TYR A 15 -3.51 -0.10 -8.63
CA TYR A 15 -4.62 0.00 -7.67
C TYR A 15 -5.48 -1.25 -7.80
N SER A 16 -5.51 -1.76 -9.01
CA SER A 16 -6.23 -2.93 -9.38
C SER A 16 -5.69 -4.20 -8.67
N ASP A 17 -4.44 -4.17 -8.21
CA ASP A 17 -3.81 -5.34 -7.57
C ASP A 17 -4.09 -5.37 -6.09
N VAL A 18 -4.49 -4.26 -5.54
CA VAL A 18 -4.63 -4.13 -4.09
C VAL A 18 -6.02 -4.56 -3.60
N LYS A 19 -6.06 -5.36 -2.54
CA LYS A 19 -7.32 -5.73 -1.88
C LYS A 19 -7.57 -4.82 -0.69
N LYS A 20 -6.50 -4.50 -0.01
CA LYS A 20 -6.54 -3.79 1.23
C LYS A 20 -5.26 -3.01 1.42
N LEU A 21 -5.39 -1.83 1.93
CA LEU A 21 -4.30 -0.95 2.20
C LEU A 21 -4.41 -0.61 3.68
N GLU A 22 -3.38 -0.90 4.44
CA GLU A 22 -3.39 -0.64 5.86
C GLU A 22 -2.16 0.16 6.23
N MET A 23 -2.29 1.14 7.08
CA MET A 23 -1.14 1.90 7.45
C MET A 23 -0.68 1.54 8.86
N LYS A 24 0.45 0.91 8.95
CA LYS A 24 1.09 0.58 10.18
C LYS A 24 2.55 0.30 9.92
N PRO A 25 3.46 0.76 10.77
CA PRO A 25 4.87 0.53 10.57
C PRO A 25 5.21 -0.93 10.79
N LYS A 26 6.12 -1.47 9.98
CA LYS A 26 6.54 -2.85 10.17
C LYS A 26 7.29 -2.92 11.51
N TYR A 27 7.93 -1.81 11.84
CA TYR A 27 8.60 -1.59 13.09
C TYR A 27 8.17 -0.23 13.63
N PRO A 28 7.66 -0.18 14.87
CA PRO A 28 7.21 1.09 15.50
C PRO A 28 8.32 2.15 15.60
N HIS A 29 9.56 1.70 15.59
CA HIS A 29 10.72 2.61 15.66
C HIS A 29 11.00 3.28 14.31
N CYS A 30 10.07 3.21 13.39
CA CYS A 30 10.28 3.76 12.07
C CYS A 30 9.38 4.99 11.92
N GLU A 31 9.59 5.78 10.87
CA GLU A 31 8.85 7.01 10.71
C GLU A 31 7.46 6.75 10.16
N GLU A 32 6.46 7.34 10.82
CA GLU A 32 5.06 7.25 10.42
C GLU A 32 4.55 5.80 10.25
N LYS A 33 3.37 5.67 9.68
CA LYS A 33 2.78 4.40 9.41
C LYS A 33 3.05 3.96 8.01
N MET A 34 3.77 2.88 7.88
CA MET A 34 4.07 2.29 6.59
C MET A 34 2.84 1.78 5.93
N VAL A 35 2.88 1.73 4.67
CA VAL A 35 1.76 1.29 3.92
C VAL A 35 1.88 -0.18 3.65
N ILE A 36 1.00 -0.91 4.22
CA ILE A 36 0.95 -2.32 4.07
C ILE A 36 -0.05 -2.62 2.98
N ILE A 37 0.42 -3.07 1.86
CA ILE A 37 -0.43 -3.32 0.74
C ILE A 37 -0.65 -4.79 0.52
N THR A 38 -1.88 -5.18 0.63
CA THR A 38 -2.27 -6.55 0.49
C THR A 38 -2.78 -6.75 -0.94
N THR A 39 -2.21 -7.71 -1.64
CA THR A 39 -2.54 -7.95 -3.03
C THR A 39 -3.67 -8.98 -3.20
N LYS A 40 -4.18 -9.07 -4.44
CA LYS A 40 -5.31 -9.94 -4.85
C LYS A 40 -5.16 -11.41 -4.48
N SER A 41 -3.93 -11.82 -4.16
CA SER A 41 -3.61 -13.18 -3.70
C SER A 41 -3.50 -14.18 -4.86
N VAL A 42 -4.29 -13.95 -5.90
CA VAL A 42 -4.18 -14.69 -7.14
C VAL A 42 -2.96 -14.14 -7.91
N SER A 43 -2.48 -13.02 -7.43
CA SER A 43 -1.32 -12.35 -7.92
C SER A 43 -0.07 -13.16 -7.56
N ARG A 44 0.99 -13.01 -8.34
CA ARG A 44 2.20 -13.83 -8.14
C ARG A 44 2.96 -13.47 -6.88
N TYR A 45 2.59 -12.37 -6.23
CA TYR A 45 3.18 -12.01 -4.97
C TYR A 45 2.58 -12.90 -3.85
N ARG A 46 1.63 -13.77 -4.26
CA ARG A 46 1.02 -14.79 -3.39
C ARG A 46 0.16 -14.21 -2.29
N GLY A 47 -0.30 -13.00 -2.50
CA GLY A 47 -1.18 -12.36 -1.54
C GLY A 47 -0.44 -11.73 -0.40
N GLN A 48 0.86 -11.84 -0.45
CA GLN A 48 1.73 -11.26 0.54
C GLN A 48 1.66 -9.75 0.48
N GLU A 49 2.01 -9.12 1.55
CA GLU A 49 1.88 -7.71 1.64
C GLU A 49 3.16 -7.02 1.22
N HIS A 50 2.98 -5.94 0.51
CA HIS A 50 4.06 -5.08 0.13
C HIS A 50 4.16 -4.00 1.15
N CYS A 51 5.29 -3.42 1.31
CA CYS A 51 5.40 -2.29 2.19
C CYS A 51 5.90 -1.10 1.42
N LEU A 52 5.18 -0.02 1.49
CA LEU A 52 5.56 1.17 0.78
C LEU A 52 5.84 2.27 1.80
N HIS A 53 6.86 3.05 1.54
CA HIS A 53 7.34 4.04 2.47
C HIS A 53 6.62 5.39 2.26
N PRO A 54 5.90 5.88 3.29
CA PRO A 54 5.06 7.12 3.21
C PRO A 54 5.83 8.43 3.06
N LYS A 55 7.14 8.38 2.99
CA LYS A 55 7.96 9.57 2.79
C LYS A 55 8.00 9.98 1.32
N LEU A 56 7.58 9.09 0.45
CA LEU A 56 7.63 9.34 -0.97
C LEU A 56 6.35 9.98 -1.47
N GLN A 57 6.48 10.92 -2.41
CA GLN A 57 5.35 11.63 -2.99
C GLN A 57 4.52 10.68 -3.85
N SER A 58 5.20 9.72 -4.46
CA SER A 58 4.56 8.71 -5.28
C SER A 58 3.58 7.91 -4.43
N THR A 59 3.99 7.63 -3.19
CA THR A 59 3.18 6.94 -2.24
C THR A 59 1.92 7.77 -1.97
N LYS A 60 2.12 9.05 -1.74
CA LYS A 60 1.03 9.95 -1.42
C LYS A 60 0.01 10.10 -2.52
N ARG A 61 0.38 9.93 -3.75
CA ARG A 61 -0.63 9.94 -4.78
C ARG A 61 -1.33 8.59 -4.74
N PHE A 62 -0.53 7.53 -4.80
CA PHE A 62 -1.01 6.15 -4.91
C PHE A 62 -1.97 5.79 -3.78
N ILE A 63 -1.63 6.16 -2.57
CA ILE A 63 -2.43 5.81 -1.41
C ILE A 63 -3.74 6.55 -1.42
N LYS A 64 -3.66 7.81 -1.70
CA LYS A 64 -4.82 8.68 -1.69
C LYS A 64 -5.72 8.36 -2.87
N TRP A 65 -5.10 7.90 -3.94
CA TRP A 65 -5.77 7.52 -5.15
C TRP A 65 -6.51 6.21 -4.88
N TYR A 66 -5.81 5.26 -4.24
CA TYR A 66 -6.39 3.98 -3.91
C TYR A 66 -7.58 4.13 -3.00
N ASN A 67 -7.52 5.09 -2.08
CA ASN A 67 -8.64 5.37 -1.21
C ASN A 67 -9.91 5.61 -2.00
N ALA A 68 -9.80 6.42 -3.04
CA ALA A 68 -10.95 6.72 -3.90
C ALA A 68 -11.43 5.44 -4.60
N TRP A 69 -10.49 4.73 -5.21
CA TRP A 69 -10.74 3.47 -5.92
C TRP A 69 -11.41 2.45 -5.01
N ASN A 70 -10.85 2.29 -3.83
CA ASN A 70 -11.34 1.33 -2.87
C ASN A 70 -12.78 1.67 -2.47
N GLU A 71 -13.05 2.95 -2.29
CA GLU A 71 -14.38 3.40 -1.93
C GLU A 71 -15.38 3.09 -3.05
N LYS A 72 -14.94 3.10 -4.31
CA LYS A 72 -15.84 2.68 -5.38
C LYS A 72 -16.12 1.19 -5.33
N ARG A 73 -15.09 0.41 -5.04
CA ARG A 73 -15.24 -1.05 -4.89
C ARG A 73 -16.12 -1.41 -3.69
N ARG A 74 -15.92 -0.71 -2.59
CA ARG A 74 -16.67 -0.95 -1.35
C ARG A 74 -18.04 -0.29 -1.40
N VAL A 75 -18.19 0.64 -2.32
CA VAL A 75 -19.40 1.45 -2.52
C VAL A 75 -19.62 2.38 -1.32
N TYR A 76 -18.77 3.32 -1.24
CA TYR A 76 -18.79 4.39 -0.28
C TYR A 76 -18.27 5.64 -0.93
N GLU A 77 -18.39 6.71 -0.21
CA GLU A 77 -17.90 8.00 -0.60
C GLU A 77 -17.86 8.82 0.68
N GLU A 78 -17.08 9.85 0.72
CA GLU A 78 -17.01 10.67 1.90
C GLU A 78 -18.09 11.75 1.79
N SER A 2 18.24 1.40 14.68
CA SER A 2 17.99 1.11 13.27
C SER A 2 17.06 2.16 12.62
N LYS A 3 16.78 1.96 11.36
CA LYS A 3 15.91 2.84 10.62
C LYS A 3 14.74 2.04 10.07
N CYS A 4 14.13 2.50 9.01
CA CYS A 4 12.97 1.84 8.49
C CYS A 4 13.29 1.09 7.20
N LYS A 5 13.60 -0.17 7.36
CA LYS A 5 13.90 -1.04 6.24
C LYS A 5 12.82 -2.08 6.10
N CYS A 6 12.41 -2.33 4.88
CA CYS A 6 11.43 -3.33 4.62
C CYS A 6 12.00 -4.32 3.58
N SER A 7 11.17 -5.24 3.10
CA SER A 7 11.57 -6.32 2.19
C SER A 7 12.20 -5.82 0.87
N ARG A 8 11.90 -4.61 0.45
CA ARG A 8 12.44 -4.13 -0.81
C ARG A 8 12.85 -2.65 -0.71
N LYS A 9 11.85 -1.81 -0.82
CA LYS A 9 11.98 -0.36 -0.82
C LYS A 9 10.58 0.18 -0.96
N GLY A 10 9.97 -0.24 -2.05
CA GLY A 10 8.63 0.12 -2.37
C GLY A 10 8.34 -0.30 -3.80
N PRO A 11 7.89 -1.53 -3.99
CA PRO A 11 7.57 -2.07 -5.32
C PRO A 11 6.37 -1.36 -5.96
N LYS A 12 6.41 -1.23 -7.26
CA LYS A 12 5.35 -0.58 -8.01
C LYS A 12 4.09 -1.45 -8.02
N ILE A 13 3.05 -0.93 -7.44
CA ILE A 13 1.81 -1.63 -7.29
C ILE A 13 0.76 -0.91 -8.09
N ARG A 14 -0.18 -1.65 -8.62
CA ARG A 14 -1.29 -1.06 -9.27
C ARG A 14 -2.44 -1.12 -8.28
N TYR A 15 -3.44 -0.31 -8.46
CA TYR A 15 -4.59 -0.30 -7.56
C TYR A 15 -5.33 -1.64 -7.70
N SER A 16 -5.15 -2.25 -8.85
CA SER A 16 -5.75 -3.52 -9.18
C SER A 16 -5.16 -4.68 -8.35
N ASP A 17 -3.94 -4.51 -7.82
CA ASP A 17 -3.30 -5.59 -7.03
C ASP A 17 -3.80 -5.54 -5.61
N VAL A 18 -4.21 -4.36 -5.20
CA VAL A 18 -4.51 -4.10 -3.80
C VAL A 18 -5.90 -4.58 -3.41
N LYS A 19 -5.96 -5.40 -2.38
CA LYS A 19 -7.23 -5.85 -1.82
C LYS A 19 -7.56 -4.91 -0.69
N LYS A 20 -6.52 -4.50 0.02
CA LYS A 20 -6.60 -3.66 1.19
C LYS A 20 -5.29 -2.95 1.36
N LEU A 21 -5.34 -1.80 1.95
CA LEU A 21 -4.17 -1.03 2.20
C LEU A 21 -4.20 -0.71 3.67
N GLU A 22 -3.16 -1.09 4.37
CA GLU A 22 -3.14 -0.88 5.77
C GLU A 22 -1.92 -0.06 6.11
N MET A 23 -2.12 0.99 6.87
CA MET A 23 -1.00 1.79 7.25
C MET A 23 -0.58 1.44 8.65
N LYS A 24 0.57 0.83 8.73
CA LYS A 24 1.21 0.51 9.97
C LYS A 24 2.68 0.28 9.73
N PRO A 25 3.55 0.79 10.59
CA PRO A 25 4.98 0.68 10.42
C PRO A 25 5.49 -0.77 10.52
N LYS A 26 6.49 -1.10 9.68
CA LYS A 26 7.10 -2.44 9.67
C LYS A 26 7.75 -2.68 11.05
N TYR A 27 8.21 -1.58 11.62
CA TYR A 27 8.68 -1.52 12.98
C TYR A 27 7.96 -0.38 13.64
N PRO A 28 7.29 -0.62 14.79
CA PRO A 28 6.57 0.44 15.53
C PRO A 28 7.48 1.63 15.90
N HIS A 29 8.78 1.37 15.96
CA HIS A 29 9.78 2.40 16.27
C HIS A 29 10.16 3.22 15.00
N CYS A 30 9.27 3.31 14.05
CA CYS A 30 9.57 4.03 12.81
C CYS A 30 8.75 5.31 12.78
N GLU A 31 9.28 6.33 12.13
CA GLU A 31 8.60 7.58 11.99
C GLU A 31 7.73 7.51 10.74
N GLU A 32 6.46 7.89 10.90
CA GLU A 32 5.42 7.81 9.86
C GLU A 32 4.97 6.35 9.66
N LYS A 33 3.73 6.18 9.26
CA LYS A 33 3.18 4.86 9.11
C LYS A 33 3.51 4.30 7.74
N MET A 34 3.95 3.07 7.74
CA MET A 34 4.37 2.39 6.55
C MET A 34 3.15 1.92 5.80
N VAL A 35 3.33 1.70 4.55
CA VAL A 35 2.26 1.31 3.69
C VAL A 35 2.31 -0.18 3.44
N ILE A 36 1.34 -0.88 3.96
CA ILE A 36 1.27 -2.31 3.80
C ILE A 36 0.19 -2.61 2.82
N ILE A 37 0.55 -3.27 1.77
CA ILE A 37 -0.39 -3.61 0.77
C ILE A 37 -0.57 -5.08 0.58
N THR A 38 -1.77 -5.49 0.84
CA THR A 38 -2.19 -6.84 0.76
C THR A 38 -2.85 -7.03 -0.60
N THR A 39 -2.39 -8.00 -1.34
CA THR A 39 -2.90 -8.22 -2.65
C THR A 39 -4.19 -9.05 -2.64
N LYS A 40 -4.96 -8.99 -3.73
CA LYS A 40 -6.30 -9.58 -3.81
C LYS A 40 -6.32 -11.10 -3.59
N SER A 41 -5.45 -11.83 -4.29
CA SER A 41 -5.27 -13.30 -4.18
C SER A 41 -4.13 -13.73 -5.09
N VAL A 42 -4.43 -13.76 -6.38
CA VAL A 42 -3.49 -14.11 -7.39
C VAL A 42 -2.95 -12.83 -7.96
N SER A 43 -1.81 -12.45 -7.51
CA SER A 43 -1.22 -11.21 -7.88
C SER A 43 0.17 -11.42 -8.41
N ARG A 44 0.76 -10.35 -8.90
CA ARG A 44 2.12 -10.36 -9.44
C ARG A 44 3.16 -10.68 -8.35
N TYR A 45 2.79 -10.51 -7.10
CA TYR A 45 3.66 -10.75 -6.01
C TYR A 45 3.11 -11.93 -5.19
N ARG A 46 2.05 -12.54 -5.76
CA ARG A 46 1.33 -13.73 -5.31
C ARG A 46 1.22 -13.91 -3.77
N GLY A 47 0.12 -13.40 -3.22
CA GLY A 47 -0.22 -13.64 -1.80
C GLY A 47 0.69 -12.99 -0.77
N GLN A 48 1.68 -12.27 -1.22
CA GLN A 48 2.59 -11.59 -0.32
C GLN A 48 2.25 -10.12 -0.24
N GLU A 49 2.64 -9.50 0.85
CA GLU A 49 2.34 -8.12 1.11
C GLU A 49 3.45 -7.25 0.62
N HIS A 50 3.09 -6.18 -0.02
CA HIS A 50 4.07 -5.25 -0.49
C HIS A 50 4.18 -4.16 0.54
N CYS A 51 5.26 -3.49 0.57
CA CYS A 51 5.40 -2.37 1.44
C CYS A 51 5.90 -1.18 0.66
N LEU A 52 5.19 -0.09 0.75
CA LEU A 52 5.58 1.13 0.11
C LEU A 52 6.14 2.07 1.08
N HIS A 53 7.19 2.70 0.68
CA HIS A 53 7.87 3.61 1.55
C HIS A 53 7.13 4.96 1.54
N PRO A 54 6.56 5.36 2.70
CA PRO A 54 5.67 6.54 2.81
C PRO A 54 6.37 7.88 2.75
N LYS A 55 7.65 7.87 2.51
CA LYS A 55 8.40 9.11 2.45
C LYS A 55 8.34 9.72 1.06
N LEU A 56 7.91 8.91 0.10
CA LEU A 56 7.82 9.31 -1.30
C LEU A 56 6.48 9.98 -1.58
N GLN A 57 6.48 11.00 -2.42
CA GLN A 57 5.24 11.73 -2.73
C GLN A 57 4.31 10.91 -3.60
N SER A 58 4.89 10.07 -4.46
CA SER A 58 4.13 9.20 -5.34
C SER A 58 3.25 8.27 -4.48
N THR A 59 3.81 7.88 -3.33
CA THR A 59 3.13 7.04 -2.40
C THR A 59 1.85 7.74 -1.90
N LYS A 60 1.96 9.04 -1.52
CA LYS A 60 0.79 9.80 -1.06
C LYS A 60 -0.34 9.78 -2.08
N ARG A 61 -0.03 10.02 -3.36
CA ARG A 61 -1.08 9.94 -4.37
C ARG A 61 -1.70 8.58 -4.36
N PHE A 62 -0.87 7.55 -4.42
CA PHE A 62 -1.34 6.17 -4.51
C PHE A 62 -2.24 5.83 -3.32
N ILE A 63 -1.84 6.29 -2.14
CA ILE A 63 -2.62 6.05 -0.93
C ILE A 63 -3.96 6.73 -1.03
N LYS A 64 -3.94 8.02 -1.30
CA LYS A 64 -5.19 8.76 -1.40
C LYS A 64 -6.04 8.34 -2.56
N TRP A 65 -5.38 7.90 -3.60
CA TRP A 65 -6.04 7.47 -4.81
C TRP A 65 -6.72 6.13 -4.50
N TYR A 66 -6.02 5.26 -3.73
CA TYR A 66 -6.59 4.00 -3.34
C TYR A 66 -7.86 4.20 -2.54
N ASN A 67 -7.89 5.23 -1.71
CA ASN A 67 -9.09 5.52 -0.93
C ASN A 67 -10.29 5.80 -1.83
N ALA A 68 -10.06 6.50 -2.93
CA ALA A 68 -11.10 6.77 -3.91
C ALA A 68 -11.49 5.48 -4.61
N TRP A 69 -10.47 4.74 -5.01
CA TRP A 69 -10.58 3.43 -5.65
C TRP A 69 -11.35 2.43 -4.77
N ASN A 70 -11.05 2.46 -3.48
CA ASN A 70 -11.68 1.59 -2.48
C ASN A 70 -13.18 1.82 -2.46
N GLU A 71 -13.56 3.08 -2.47
CA GLU A 71 -14.96 3.47 -2.51
C GLU A 71 -15.57 3.14 -3.86
N LYS A 72 -14.81 3.36 -4.91
CA LYS A 72 -15.25 3.14 -6.27
C LYS A 72 -15.55 1.65 -6.53
N ARG A 73 -14.85 0.79 -5.80
CA ARG A 73 -15.05 -0.66 -5.87
C ARG A 73 -16.33 -1.08 -5.14
N ARG A 74 -16.90 -0.15 -4.41
CA ARG A 74 -18.12 -0.39 -3.68
C ARG A 74 -19.29 0.28 -4.38
N VAL A 75 -19.14 1.54 -4.67
CA VAL A 75 -20.18 2.32 -5.28
C VAL A 75 -19.53 3.43 -6.11
N TYR A 76 -20.24 3.96 -7.07
CA TYR A 76 -19.71 5.04 -7.87
C TYR A 76 -19.84 6.33 -7.09
N GLU A 77 -19.05 7.30 -7.48
CA GLU A 77 -19.03 8.54 -6.77
C GLU A 77 -20.03 9.50 -7.35
N GLU A 78 -20.38 10.50 -6.59
CA GLU A 78 -21.34 11.48 -6.98
C GLU A 78 -21.07 12.80 -6.29
N SER A 2 17.33 2.43 12.25
CA SER A 2 16.80 3.61 11.60
C SER A 2 15.94 3.25 10.38
N LYS A 3 15.85 1.98 10.06
CA LYS A 3 15.12 1.55 8.89
C LYS A 3 14.27 0.33 9.20
N CYS A 4 13.34 0.05 8.33
CA CYS A 4 12.51 -1.12 8.42
C CYS A 4 11.69 -1.25 7.17
N LYS A 5 11.58 -2.45 6.66
CA LYS A 5 10.78 -2.72 5.51
C LYS A 5 10.68 -4.24 5.37
N CYS A 6 9.71 -4.68 4.60
CA CYS A 6 9.47 -6.09 4.40
C CYS A 6 10.61 -6.69 3.57
N SER A 7 11.00 -5.96 2.55
CA SER A 7 12.05 -6.35 1.66
C SER A 7 12.53 -5.08 0.98
N ARG A 8 13.79 -5.05 0.58
CA ARG A 8 14.42 -3.86 -0.04
C ARG A 8 13.64 -3.36 -1.25
N LYS A 9 13.25 -2.08 -1.18
CA LYS A 9 12.53 -1.38 -2.24
C LYS A 9 11.11 -1.89 -2.47
N GLY A 10 10.28 -1.02 -3.00
CA GLY A 10 8.91 -1.35 -3.22
C GLY A 10 8.64 -1.72 -4.66
N PRO A 11 8.16 -2.94 -4.92
CA PRO A 11 7.76 -3.37 -6.26
C PRO A 11 6.57 -2.56 -6.76
N LYS A 12 6.38 -2.54 -8.06
CA LYS A 12 5.29 -1.80 -8.65
C LYS A 12 3.96 -2.41 -8.26
N ILE A 13 3.03 -1.56 -7.91
CA ILE A 13 1.72 -1.98 -7.48
C ILE A 13 0.71 -1.05 -8.09
N ARG A 14 -0.36 -1.57 -8.58
CA ARG A 14 -1.45 -0.76 -9.01
C ARG A 14 -2.62 -0.99 -8.07
N TYR A 15 -3.59 -0.15 -8.13
CA TYR A 15 -4.70 -0.19 -7.18
C TYR A 15 -5.53 -1.47 -7.37
N SER A 16 -5.51 -1.98 -8.58
CA SER A 16 -6.22 -3.17 -8.95
C SER A 16 -5.54 -4.43 -8.39
N ASP A 17 -4.30 -4.26 -7.93
CA ASP A 17 -3.53 -5.37 -7.37
C ASP A 17 -3.90 -5.56 -5.93
N VAL A 18 -4.32 -4.48 -5.34
CA VAL A 18 -4.55 -4.42 -3.91
C VAL A 18 -5.95 -4.86 -3.55
N LYS A 19 -6.06 -5.58 -2.46
CA LYS A 19 -7.37 -5.82 -1.87
C LYS A 19 -7.52 -4.93 -0.66
N LYS A 20 -6.44 -4.80 0.06
CA LYS A 20 -6.39 -4.07 1.32
C LYS A 20 -5.09 -3.33 1.45
N LEU A 21 -5.19 -2.15 1.97
CA LEU A 21 -4.08 -1.30 2.21
C LEU A 21 -4.26 -0.74 3.59
N GLU A 22 -3.28 -0.93 4.42
CA GLU A 22 -3.36 -0.54 5.78
C GLU A 22 -2.10 0.20 6.16
N MET A 23 -2.23 1.35 6.77
CA MET A 23 -1.06 2.06 7.15
C MET A 23 -0.73 1.85 8.61
N LYS A 24 0.36 1.19 8.82
CA LYS A 24 0.95 0.95 10.09
C LYS A 24 2.42 0.62 9.87
N PRO A 25 3.34 1.07 10.74
CA PRO A 25 4.77 0.85 10.53
C PRO A 25 5.14 -0.62 10.61
N LYS A 26 6.22 -0.98 9.95
CA LYS A 26 6.69 -2.34 9.96
C LYS A 26 7.35 -2.55 11.34
N TYR A 27 7.99 -1.48 11.80
CA TYR A 27 8.60 -1.39 13.10
C TYR A 27 8.22 -0.05 13.73
N PRO A 28 7.76 -0.04 14.99
CA PRO A 28 7.36 1.20 15.71
C PRO A 28 8.47 2.28 15.76
N HIS A 29 9.72 1.87 15.63
CA HIS A 29 10.87 2.80 15.63
C HIS A 29 11.08 3.45 14.25
N CYS A 30 10.08 3.39 13.42
CA CYS A 30 10.13 3.95 12.09
C CYS A 30 9.22 5.16 12.00
N GLU A 31 9.55 6.09 11.10
CA GLU A 31 8.81 7.33 10.98
C GLU A 31 7.61 7.13 10.06
N GLU A 32 6.48 7.74 10.46
CA GLU A 32 5.19 7.62 9.76
C GLU A 32 4.68 6.18 9.76
N LYS A 33 3.54 5.97 9.17
CA LYS A 33 2.97 4.65 9.10
C LYS A 33 3.31 4.05 7.76
N MET A 34 3.83 2.85 7.78
CA MET A 34 4.16 2.15 6.51
C MET A 34 2.90 1.78 5.78
N VAL A 35 3.01 1.67 4.51
CA VAL A 35 1.90 1.32 3.69
C VAL A 35 1.96 -0.16 3.41
N ILE A 36 1.03 -0.87 3.99
CA ILE A 36 0.97 -2.30 3.87
C ILE A 36 -0.08 -2.66 2.85
N ILE A 37 0.31 -3.40 1.85
CA ILE A 37 -0.56 -3.75 0.75
C ILE A 37 -0.69 -5.23 0.55
N THR A 38 -1.88 -5.70 0.65
CA THR A 38 -2.22 -7.09 0.45
C THR A 38 -2.83 -7.25 -0.94
N THR A 39 -2.23 -8.06 -1.79
CA THR A 39 -2.70 -8.23 -3.14
C THR A 39 -3.79 -9.29 -3.23
N LYS A 40 -4.54 -9.26 -4.32
CA LYS A 40 -5.54 -10.30 -4.59
C LYS A 40 -4.83 -11.57 -5.06
N SER A 41 -3.89 -11.38 -5.93
CA SER A 41 -3.02 -12.39 -6.43
C SER A 41 -1.93 -11.67 -7.22
N VAL A 42 -2.20 -11.47 -8.52
CA VAL A 42 -1.39 -10.68 -9.48
C VAL A 42 0.15 -10.84 -9.43
N SER A 43 0.78 -10.21 -8.46
CA SER A 43 2.21 -10.18 -8.35
C SER A 43 2.74 -11.42 -7.64
N ARG A 44 4.07 -11.55 -7.58
CA ARG A 44 4.76 -12.75 -7.03
C ARG A 44 4.37 -13.06 -5.56
N TYR A 45 3.75 -12.11 -4.91
CA TYR A 45 3.31 -12.28 -3.55
C TYR A 45 2.07 -13.15 -3.46
N ARG A 46 1.07 -12.81 -4.27
CA ARG A 46 -0.22 -13.51 -4.31
C ARG A 46 -0.89 -13.65 -2.94
N GLY A 47 -1.35 -12.53 -2.41
CA GLY A 47 -2.01 -12.53 -1.13
C GLY A 47 -1.08 -12.17 0.00
N GLN A 48 0.16 -11.94 -0.35
CA GLN A 48 1.17 -11.50 0.56
C GLN A 48 1.35 -10.00 0.46
N GLU A 49 1.88 -9.39 1.48
CA GLU A 49 1.93 -7.97 1.56
C GLU A 49 3.18 -7.37 0.97
N HIS A 50 2.98 -6.25 0.35
CA HIS A 50 4.00 -5.38 -0.14
C HIS A 50 4.03 -4.22 0.82
N CYS A 51 5.10 -3.52 0.92
CA CYS A 51 5.08 -2.35 1.74
C CYS A 51 5.78 -1.19 1.07
N LEU A 52 5.08 -0.09 0.99
CA LEU A 52 5.57 1.11 0.37
C LEU A 52 6.13 2.04 1.38
N HIS A 53 7.18 2.69 0.99
CA HIS A 53 7.83 3.65 1.85
C HIS A 53 6.98 4.93 1.85
N PRO A 54 6.33 5.24 3.00
CA PRO A 54 5.33 6.34 3.09
C PRO A 54 5.92 7.72 3.07
N LYS A 55 7.21 7.77 2.94
CA LYS A 55 7.94 8.99 2.93
C LYS A 55 7.95 9.56 1.51
N LEU A 56 7.59 8.72 0.55
CA LEU A 56 7.58 9.12 -0.85
C LEU A 56 6.29 9.84 -1.21
N GLN A 57 6.40 10.82 -2.09
CA GLN A 57 5.27 11.60 -2.54
C GLN A 57 4.39 10.76 -3.47
N SER A 58 5.04 9.81 -4.16
CA SER A 58 4.35 8.86 -5.02
C SER A 58 3.38 8.03 -4.19
N THR A 59 3.86 7.58 -3.04
CA THR A 59 3.08 6.79 -2.11
C THR A 59 1.86 7.58 -1.60
N LYS A 60 2.02 8.90 -1.50
CA LYS A 60 0.94 9.76 -1.06
C LYS A 60 -0.21 9.71 -2.04
N ARG A 61 0.09 9.87 -3.34
CA ARG A 61 -0.94 9.77 -4.34
C ARG A 61 -1.52 8.41 -4.36
N PHE A 62 -0.69 7.40 -4.13
CA PHE A 62 -1.16 6.04 -4.16
C PHE A 62 -2.22 5.86 -3.07
N ILE A 63 -1.97 6.44 -1.90
CA ILE A 63 -2.96 6.41 -0.81
C ILE A 63 -4.17 7.23 -1.18
N LYS A 64 -3.93 8.46 -1.62
CA LYS A 64 -5.04 9.38 -2.00
C LYS A 64 -5.94 8.72 -3.04
N TRP A 65 -5.30 8.09 -3.98
CA TRP A 65 -5.95 7.49 -5.11
C TRP A 65 -6.65 6.20 -4.68
N TYR A 66 -5.94 5.34 -3.91
CA TYR A 66 -6.51 4.09 -3.41
C TYR A 66 -7.72 4.36 -2.57
N ASN A 67 -7.66 5.44 -1.84
CA ASN A 67 -8.71 5.84 -0.93
C ASN A 67 -10.03 6.03 -1.70
N ALA A 68 -9.92 6.67 -2.87
CA ALA A 68 -11.07 6.88 -3.74
C ALA A 68 -11.43 5.57 -4.45
N TRP A 69 -10.41 4.91 -4.96
CA TRP A 69 -10.55 3.63 -5.67
C TRP A 69 -11.25 2.57 -4.83
N ASN A 70 -10.83 2.45 -3.58
CA ASN A 70 -11.39 1.48 -2.66
C ASN A 70 -12.87 1.70 -2.49
N GLU A 71 -13.27 2.94 -2.47
CA GLU A 71 -14.65 3.30 -2.35
C GLU A 71 -15.40 2.95 -3.65
N LYS A 72 -14.83 3.36 -4.77
CA LYS A 72 -15.44 3.15 -6.11
C LYS A 72 -15.57 1.69 -6.49
N ARG A 73 -14.71 0.87 -6.01
CA ARG A 73 -14.79 -0.55 -6.28
C ARG A 73 -15.68 -1.25 -5.26
N ARG A 74 -15.93 -0.59 -4.14
CA ARG A 74 -16.70 -1.19 -3.08
C ARG A 74 -18.17 -0.89 -3.30
N VAL A 75 -18.49 0.36 -3.43
CA VAL A 75 -19.85 0.74 -3.70
C VAL A 75 -20.03 0.76 -5.21
N TYR A 76 -21.18 0.38 -5.66
CA TYR A 76 -21.45 0.30 -7.06
C TYR A 76 -21.87 1.66 -7.60
N GLU A 77 -20.91 2.31 -8.20
CA GLU A 77 -21.11 3.62 -8.79
C GLU A 77 -22.06 3.57 -9.94
N GLU A 78 -22.93 4.52 -9.96
CA GLU A 78 -23.89 4.66 -10.98
C GLU A 78 -24.16 6.13 -11.14
N SER A 2 19.35 2.60 7.28
CA SER A 2 18.07 1.96 7.14
C SER A 2 17.41 1.72 8.50
N LYS A 3 16.37 2.45 8.77
CA LYS A 3 15.54 2.20 9.92
C LYS A 3 14.57 1.14 9.47
N CYS A 4 13.80 1.52 8.49
CA CYS A 4 12.90 0.66 7.79
C CYS A 4 13.18 0.86 6.32
N LYS A 5 13.89 -0.11 5.76
CA LYS A 5 14.46 -0.07 4.42
C LYS A 5 13.39 0.07 3.31
N CYS A 6 12.15 -0.23 3.63
CA CYS A 6 11.07 -0.08 2.68
C CYS A 6 10.75 1.39 2.42
N SER A 7 11.43 2.01 1.48
CA SER A 7 11.11 3.35 1.08
C SER A 7 10.20 3.27 -0.14
N ARG A 8 10.76 2.93 -1.26
CA ARG A 8 9.98 2.65 -2.43
C ARG A 8 10.65 1.46 -3.07
N LYS A 9 10.20 0.31 -2.68
CA LYS A 9 10.76 -0.92 -3.12
C LYS A 9 9.62 -1.90 -3.29
N GLY A 10 9.82 -2.90 -4.10
CA GLY A 10 8.79 -3.86 -4.34
C GLY A 10 8.28 -3.68 -5.75
N PRO A 11 7.91 -4.78 -6.45
CA PRO A 11 7.37 -4.70 -7.82
C PRO A 11 6.18 -3.74 -7.91
N LYS A 12 5.96 -3.19 -9.08
CA LYS A 12 4.89 -2.24 -9.32
C LYS A 12 3.55 -2.90 -9.10
N ILE A 13 2.65 -2.16 -8.50
CA ILE A 13 1.34 -2.67 -8.14
C ILE A 13 0.30 -1.79 -8.79
N ARG A 14 -0.81 -2.35 -9.16
CA ARG A 14 -1.91 -1.59 -9.67
C ARG A 14 -2.95 -1.50 -8.57
N TYR A 15 -3.90 -0.61 -8.70
CA TYR A 15 -4.91 -0.41 -7.67
C TYR A 15 -5.84 -1.62 -7.62
N SER A 16 -5.99 -2.27 -8.76
CA SER A 16 -6.81 -3.44 -8.90
C SER A 16 -6.22 -4.64 -8.14
N ASP A 17 -4.90 -4.63 -7.93
CA ASP A 17 -4.23 -5.77 -7.29
C ASP A 17 -4.29 -5.67 -5.80
N VAL A 18 -4.56 -4.48 -5.31
CA VAL A 18 -4.56 -4.25 -3.88
C VAL A 18 -5.90 -4.63 -3.30
N LYS A 19 -5.91 -5.47 -2.29
CA LYS A 19 -7.15 -5.88 -1.65
C LYS A 19 -7.28 -5.13 -0.32
N LYS A 20 -6.14 -4.71 0.19
CA LYS A 20 -6.04 -3.98 1.45
C LYS A 20 -4.83 -3.09 1.41
N LEU A 21 -4.98 -1.94 1.93
CA LEU A 21 -3.88 -1.04 2.07
C LEU A 21 -4.02 -0.52 3.47
N GLU A 22 -3.03 -0.72 4.28
CA GLU A 22 -3.15 -0.32 5.65
C GLU A 22 -1.94 0.43 6.07
N MET A 23 -2.14 1.55 6.69
CA MET A 23 -1.04 2.29 7.19
C MET A 23 -0.80 1.91 8.64
N LYS A 24 0.29 1.25 8.83
CA LYS A 24 0.75 0.78 10.10
C LYS A 24 2.25 0.55 10.00
N PRO A 25 3.01 0.82 11.04
CA PRO A 25 4.44 0.64 11.00
C PRO A 25 4.80 -0.84 10.94
N LYS A 26 5.81 -1.17 10.15
CA LYS A 26 6.23 -2.55 9.98
C LYS A 26 6.96 -2.98 11.25
N TYR A 27 7.70 -2.03 11.84
CA TYR A 27 8.39 -2.23 13.08
C TYR A 27 8.20 -0.93 13.85
N PRO A 28 8.41 -0.90 15.18
CA PRO A 28 8.29 0.34 15.97
C PRO A 28 9.34 1.39 15.55
N HIS A 29 10.38 0.92 14.90
CA HIS A 29 11.47 1.79 14.42
C HIS A 29 11.22 2.36 13.03
N CYS A 30 9.96 2.53 12.67
CA CYS A 30 9.60 3.06 11.38
C CYS A 30 9.02 4.47 11.55
N GLU A 31 9.16 5.28 10.52
CA GLU A 31 8.69 6.64 10.56
C GLU A 31 7.24 6.68 10.17
N GLU A 32 6.42 7.38 10.97
CA GLU A 32 4.98 7.56 10.70
C GLU A 32 4.32 6.15 10.57
N LYS A 33 3.16 6.07 9.99
CA LYS A 33 2.58 4.78 9.74
C LYS A 33 2.93 4.33 8.35
N MET A 34 3.67 3.27 8.29
CA MET A 34 4.15 2.70 7.05
C MET A 34 3.00 2.19 6.21
N VAL A 35 3.22 2.12 4.94
CA VAL A 35 2.20 1.68 4.04
C VAL A 35 2.36 0.20 3.76
N ILE A 36 1.36 -0.55 4.10
CA ILE A 36 1.36 -1.95 3.85
C ILE A 36 0.35 -2.25 2.77
N ILE A 37 0.82 -2.70 1.64
CA ILE A 37 -0.05 -2.99 0.54
C ILE A 37 -0.24 -4.48 0.39
N THR A 38 -1.43 -4.89 0.55
CA THR A 38 -1.78 -6.28 0.52
C THR A 38 -2.45 -6.59 -0.81
N THR A 39 -1.97 -7.60 -1.49
CA THR A 39 -2.52 -7.94 -2.76
C THR A 39 -3.65 -8.99 -2.62
N LYS A 40 -4.49 -9.08 -3.64
CA LYS A 40 -5.68 -9.98 -3.65
C LYS A 40 -5.32 -11.47 -3.77
N SER A 41 -4.07 -11.74 -4.16
CA SER A 41 -3.59 -13.04 -4.63
C SER A 41 -3.86 -13.12 -6.11
N VAL A 42 -3.57 -14.28 -6.76
CA VAL A 42 -3.66 -14.46 -8.27
C VAL A 42 -2.70 -13.48 -8.97
N SER A 43 -1.84 -12.93 -8.16
CA SER A 43 -0.86 -11.97 -8.53
C SER A 43 0.51 -12.58 -8.31
N ARG A 44 1.55 -11.89 -8.70
CA ARG A 44 2.89 -12.43 -8.59
C ARG A 44 3.33 -12.64 -7.15
N TYR A 45 3.00 -11.71 -6.28
CA TYR A 45 3.42 -11.82 -4.91
C TYR A 45 2.42 -12.67 -4.07
N ARG A 46 1.41 -13.22 -4.76
CA ARG A 46 0.46 -14.21 -4.21
C ARG A 46 -0.43 -13.72 -3.06
N GLY A 47 -0.59 -12.43 -2.91
CA GLY A 47 -1.47 -11.91 -1.87
C GLY A 47 -0.72 -11.46 -0.64
N GLN A 48 0.57 -11.59 -0.71
CA GLN A 48 1.44 -11.15 0.36
C GLN A 48 1.57 -9.64 0.33
N GLU A 49 1.95 -9.05 1.43
CA GLU A 49 2.01 -7.63 1.54
C GLU A 49 3.35 -7.02 1.16
N HIS A 50 3.25 -5.87 0.53
CA HIS A 50 4.39 -5.08 0.07
C HIS A 50 4.53 -3.89 1.00
N CYS A 51 5.70 -3.32 1.08
CA CYS A 51 5.95 -2.25 2.02
C CYS A 51 6.41 -0.94 1.36
N LEU A 52 5.70 0.13 1.67
CA LEU A 52 6.00 1.46 1.14
C LEU A 52 6.11 2.49 2.24
N HIS A 53 7.01 3.39 2.03
CA HIS A 53 7.29 4.47 2.96
C HIS A 53 6.43 5.69 2.60
N PRO A 54 5.54 6.10 3.51
CA PRO A 54 4.53 7.16 3.24
C PRO A 54 5.11 8.56 3.11
N LYS A 55 6.39 8.72 3.38
CA LYS A 55 7.03 10.01 3.33
C LYS A 55 7.16 10.53 1.89
N LEU A 56 6.97 9.64 0.94
CA LEU A 56 7.10 9.98 -0.48
C LEU A 56 5.75 10.37 -1.05
N GLN A 57 5.71 11.46 -1.78
CA GLN A 57 4.45 11.97 -2.34
C GLN A 57 3.93 11.10 -3.48
N SER A 58 4.83 10.46 -4.19
CA SER A 58 4.43 9.57 -5.27
C SER A 58 3.74 8.34 -4.67
N THR A 59 4.22 7.92 -3.52
CA THR A 59 3.59 6.89 -2.75
C THR A 59 2.22 7.37 -2.32
N LYS A 60 2.17 8.60 -1.73
CA LYS A 60 0.93 9.19 -1.26
C LYS A 60 -0.13 9.23 -2.33
N ARG A 61 0.28 9.52 -3.57
CA ARG A 61 -0.63 9.59 -4.67
C ARG A 61 -1.31 8.25 -4.86
N PHE A 62 -0.51 7.19 -4.94
CA PHE A 62 -1.03 5.83 -5.12
C PHE A 62 -1.93 5.47 -3.96
N ILE A 63 -1.51 5.87 -2.77
CA ILE A 63 -2.28 5.59 -1.56
C ILE A 63 -3.63 6.27 -1.59
N LYS A 64 -3.63 7.55 -1.87
CA LYS A 64 -4.90 8.32 -1.95
C LYS A 64 -5.73 7.81 -3.09
N TRP A 65 -5.05 7.43 -4.15
CA TRP A 65 -5.67 6.95 -5.34
C TRP A 65 -6.37 5.64 -5.05
N TYR A 66 -5.67 4.72 -4.34
CA TYR A 66 -6.27 3.45 -3.98
C TYR A 66 -7.45 3.65 -3.07
N ASN A 67 -7.34 4.54 -2.13
CA ASN A 67 -8.45 4.79 -1.21
C ASN A 67 -9.66 5.39 -1.93
N ALA A 68 -9.41 6.27 -2.89
CA ALA A 68 -10.47 6.85 -3.69
C ALA A 68 -11.11 5.73 -4.54
N TRP A 69 -10.27 4.97 -5.19
CA TRP A 69 -10.64 3.80 -5.96
C TRP A 69 -11.41 2.80 -5.10
N ASN A 70 -10.95 2.62 -3.88
CA ASN A 70 -11.58 1.70 -2.92
C ASN A 70 -13.02 2.10 -2.65
N GLU A 71 -13.26 3.40 -2.57
CA GLU A 71 -14.60 3.89 -2.35
C GLU A 71 -15.48 3.65 -3.57
N LYS A 72 -14.92 3.84 -4.75
CA LYS A 72 -15.62 3.64 -5.99
C LYS A 72 -15.90 2.14 -6.21
N ARG A 73 -14.98 1.35 -5.72
CA ARG A 73 -14.99 -0.08 -5.80
C ARG A 73 -16.01 -0.62 -4.77
N ARG A 74 -16.25 0.17 -3.75
CA ARG A 74 -17.18 -0.20 -2.71
C ARG A 74 -18.59 0.23 -3.10
N VAL A 75 -18.73 1.42 -3.63
CA VAL A 75 -20.02 1.93 -4.04
C VAL A 75 -19.90 2.73 -5.32
N TYR A 76 -20.78 2.47 -6.24
CA TYR A 76 -20.81 3.17 -7.48
C TYR A 76 -21.65 4.42 -7.32
N GLU A 77 -21.06 5.56 -7.68
CA GLU A 77 -21.63 6.90 -7.49
C GLU A 77 -21.67 7.31 -6.02
N GLU A 78 -21.71 8.58 -5.78
CA GLU A 78 -21.70 9.10 -4.45
C GLU A 78 -22.46 10.42 -4.44
N SER A 2 14.97 4.96 13.41
CA SER A 2 13.76 4.92 12.63
C SER A 2 14.01 4.39 11.21
N LYS A 3 14.21 3.09 11.13
CA LYS A 3 14.33 2.34 9.89
C LYS A 3 13.87 0.96 10.20
N CYS A 4 13.25 0.32 9.27
CA CYS A 4 12.72 -0.99 9.52
C CYS A 4 13.04 -1.93 8.38
N LYS A 5 13.08 -3.20 8.68
CA LYS A 5 13.37 -4.21 7.70
C LYS A 5 12.15 -4.43 6.80
N CYS A 6 12.09 -3.62 5.76
CA CYS A 6 11.07 -3.67 4.73
C CYS A 6 11.33 -2.47 3.85
N SER A 7 11.13 -1.28 4.44
CA SER A 7 11.36 0.03 3.80
C SER A 7 10.47 0.25 2.57
N ARG A 8 10.74 -0.48 1.52
CA ARG A 8 9.98 -0.40 0.33
C ARG A 8 10.17 -1.71 -0.42
N LYS A 9 9.37 -2.70 -0.09
CA LYS A 9 9.44 -3.98 -0.73
C LYS A 9 8.56 -4.03 -1.95
N GLY A 10 9.16 -3.95 -3.10
CA GLY A 10 8.41 -4.11 -4.30
C GLY A 10 8.17 -2.83 -5.05
N PRO A 11 8.09 -2.91 -6.40
CA PRO A 11 7.66 -1.80 -7.24
C PRO A 11 6.20 -1.49 -6.95
N LYS A 12 5.74 -0.29 -7.29
CA LYS A 12 4.39 0.11 -6.96
C LYS A 12 3.36 -0.78 -7.64
N ILE A 13 2.50 -1.32 -6.84
CA ILE A 13 1.45 -2.19 -7.26
C ILE A 13 0.32 -1.35 -7.80
N ARG A 14 -0.41 -1.86 -8.74
CA ARG A 14 -1.55 -1.12 -9.20
C ARG A 14 -2.68 -1.30 -8.22
N TYR A 15 -3.58 -0.35 -8.18
CA TYR A 15 -4.69 -0.32 -7.23
C TYR A 15 -5.58 -1.55 -7.43
N SER A 16 -5.60 -2.06 -8.65
CA SER A 16 -6.42 -3.20 -9.02
C SER A 16 -5.97 -4.49 -8.30
N ASP A 17 -4.67 -4.63 -8.06
CA ASP A 17 -4.16 -5.84 -7.40
C ASP A 17 -4.18 -5.71 -5.91
N VAL A 18 -4.37 -4.51 -5.43
CA VAL A 18 -4.35 -4.28 -4.01
C VAL A 18 -5.73 -4.57 -3.46
N LYS A 19 -5.80 -5.46 -2.53
CA LYS A 19 -7.06 -5.85 -1.94
C LYS A 19 -7.26 -5.03 -0.69
N LYS A 20 -6.16 -4.72 -0.09
CA LYS A 20 -6.12 -4.02 1.15
C LYS A 20 -4.84 -3.23 1.22
N LEU A 21 -4.95 -2.04 1.70
CA LEU A 21 -3.82 -1.17 1.82
C LEU A 21 -3.92 -0.51 3.19
N GLU A 22 -2.91 -0.68 4.02
CA GLU A 22 -2.98 -0.12 5.36
C GLU A 22 -1.71 0.58 5.69
N MET A 23 -1.79 1.73 6.29
CA MET A 23 -0.62 2.35 6.75
C MET A 23 -0.51 2.21 8.26
N LYS A 24 0.47 1.48 8.68
CA LYS A 24 0.81 1.30 10.06
C LYS A 24 2.25 0.87 10.10
N PRO A 25 3.01 1.26 11.12
CA PRO A 25 4.40 0.90 11.19
C PRO A 25 4.58 -0.61 11.40
N LYS A 26 5.37 -1.23 10.50
CA LYS A 26 5.64 -2.67 10.56
C LYS A 26 6.44 -2.95 11.86
N TYR A 27 7.14 -1.93 12.28
CA TYR A 27 7.85 -1.88 13.55
C TYR A 27 7.54 -0.55 14.17
N PRO A 28 7.40 -0.47 15.49
CA PRO A 28 7.13 0.81 16.17
C PRO A 28 8.27 1.82 15.94
N HIS A 29 9.42 1.30 15.56
CA HIS A 29 10.61 2.10 15.27
C HIS A 29 10.71 2.44 13.76
N CYS A 30 9.58 2.69 13.15
CA CYS A 30 9.52 3.05 11.73
C CYS A 30 9.16 4.51 11.60
N GLU A 31 9.57 5.14 10.51
CA GLU A 31 9.27 6.53 10.28
C GLU A 31 7.85 6.59 9.81
N GLU A 32 7.01 7.44 10.42
CA GLU A 32 5.60 7.55 10.05
C GLU A 32 4.96 6.11 10.07
N LYS A 33 3.88 5.91 9.41
CA LYS A 33 3.29 4.62 9.30
C LYS A 33 3.82 3.99 8.03
N MET A 34 4.04 2.71 8.03
CA MET A 34 4.52 2.06 6.81
C MET A 34 3.32 1.72 5.98
N VAL A 35 3.49 1.66 4.70
CA VAL A 35 2.40 1.35 3.83
C VAL A 35 2.45 -0.11 3.46
N ILE A 36 1.51 -0.85 3.96
CA ILE A 36 1.44 -2.26 3.76
C ILE A 36 0.49 -2.57 2.63
N ILE A 37 0.99 -3.19 1.61
CA ILE A 37 0.17 -3.54 0.49
C ILE A 37 -0.10 -5.02 0.50
N THR A 38 -1.32 -5.37 0.32
CA THR A 38 -1.77 -6.73 0.30
C THR A 38 -2.49 -7.01 -1.05
N THR A 39 -2.04 -8.00 -1.79
CA THR A 39 -2.62 -8.29 -3.10
C THR A 39 -3.91 -9.14 -2.99
N LYS A 40 -4.74 -9.13 -4.04
CA LYS A 40 -6.09 -9.72 -3.98
C LYS A 40 -6.15 -11.25 -4.07
N SER A 41 -5.50 -11.86 -5.07
CA SER A 41 -5.56 -13.34 -5.24
C SER A 41 -4.55 -13.84 -6.28
N VAL A 42 -4.75 -13.46 -7.56
CA VAL A 42 -3.94 -14.00 -8.68
C VAL A 42 -2.48 -13.54 -8.64
N SER A 43 -2.20 -12.62 -7.76
CA SER A 43 -0.87 -12.20 -7.51
C SER A 43 -0.10 -13.38 -6.95
N ARG A 44 1.15 -13.49 -7.36
CA ARG A 44 2.04 -14.56 -6.90
C ARG A 44 2.23 -14.47 -5.38
N TYR A 45 1.96 -13.29 -4.85
CA TYR A 45 2.06 -13.04 -3.44
C TYR A 45 0.80 -13.48 -2.70
N ARG A 46 -0.34 -13.52 -3.39
CA ARG A 46 -1.62 -13.97 -2.85
C ARG A 46 -1.98 -13.20 -1.54
N GLY A 47 -1.60 -11.95 -1.45
CA GLY A 47 -1.86 -11.21 -0.24
C GLY A 47 -0.66 -11.11 0.66
N GLN A 48 0.49 -11.57 0.18
CA GLN A 48 1.74 -11.41 0.91
C GLN A 48 2.08 -9.91 0.81
N GLU A 49 2.81 -9.41 1.73
CA GLU A 49 2.92 -8.00 1.91
C GLU A 49 4.07 -7.35 1.17
N HIS A 50 3.77 -6.23 0.59
CA HIS A 50 4.73 -5.34 -0.04
C HIS A 50 4.66 -4.06 0.73
N CYS A 51 5.67 -3.24 0.71
CA CYS A 51 5.59 -2.04 1.50
C CYS A 51 6.10 -0.82 0.77
N LEU A 52 5.47 0.29 1.03
CA LEU A 52 5.89 1.56 0.49
C LEU A 52 6.33 2.48 1.57
N HIS A 53 7.33 3.21 1.25
CA HIS A 53 7.92 4.16 2.17
C HIS A 53 7.16 5.50 2.03
N PRO A 54 6.45 5.93 3.10
CA PRO A 54 5.54 7.10 3.07
C PRO A 54 6.24 8.45 2.90
N LYS A 55 7.54 8.43 2.88
CA LYS A 55 8.31 9.65 2.74
C LYS A 55 8.31 10.12 1.28
N LEU A 56 7.91 9.23 0.38
CA LEU A 56 7.83 9.52 -1.04
C LEU A 56 6.47 10.13 -1.36
N GLN A 57 6.46 11.09 -2.28
CA GLN A 57 5.23 11.76 -2.70
C GLN A 57 4.35 10.79 -3.50
N SER A 58 4.99 9.84 -4.16
CA SER A 58 4.30 8.82 -4.93
C SER A 58 3.36 8.01 -4.03
N THR A 59 3.78 7.81 -2.80
CA THR A 59 3.03 7.07 -1.84
C THR A 59 1.73 7.82 -1.51
N LYS A 60 1.78 9.15 -1.51
CA LYS A 60 0.59 9.92 -1.26
C LYS A 60 -0.44 9.74 -2.33
N ARG A 61 -0.05 9.76 -3.59
CA ARG A 61 -1.01 9.50 -4.62
C ARG A 61 -1.57 8.13 -4.50
N PHE A 62 -0.72 7.17 -4.20
CA PHE A 62 -1.16 5.80 -4.12
C PHE A 62 -2.22 5.63 -3.03
N ILE A 63 -2.03 6.28 -1.89
CA ILE A 63 -2.99 6.17 -0.82
C ILE A 63 -4.26 6.93 -1.13
N LYS A 64 -4.09 8.16 -1.53
CA LYS A 64 -5.21 9.07 -1.76
C LYS A 64 -6.05 8.63 -2.95
N TRP A 65 -5.41 8.00 -3.88
CA TRP A 65 -6.08 7.52 -5.06
C TRP A 65 -6.80 6.23 -4.69
N TYR A 66 -6.14 5.38 -3.85
CA TYR A 66 -6.72 4.13 -3.41
C TYR A 66 -7.99 4.39 -2.61
N ASN A 67 -7.99 5.47 -1.84
CA ASN A 67 -9.16 5.86 -1.03
C ASN A 67 -10.39 6.08 -1.90
N ALA A 68 -10.21 6.74 -3.03
CA ALA A 68 -11.32 6.98 -3.96
C ALA A 68 -11.66 5.68 -4.68
N TRP A 69 -10.63 4.97 -5.06
CA TRP A 69 -10.72 3.66 -5.71
C TRP A 69 -11.51 2.65 -4.86
N ASN A 70 -11.26 2.69 -3.56
CA ASN A 70 -11.95 1.84 -2.57
C ASN A 70 -13.45 2.04 -2.65
N GLU A 71 -13.84 3.25 -2.91
CA GLU A 71 -15.24 3.61 -3.01
C GLU A 71 -15.88 2.97 -4.25
N LYS A 72 -15.16 2.98 -5.37
CA LYS A 72 -15.67 2.40 -6.64
C LYS A 72 -15.82 0.89 -6.57
N ARG A 73 -15.08 0.29 -5.69
CA ARG A 73 -15.09 -1.15 -5.49
C ARG A 73 -16.25 -1.57 -4.58
N ARG A 74 -17.03 -0.59 -4.16
CA ARG A 74 -18.20 -0.83 -3.35
C ARG A 74 -19.38 -0.22 -4.09
N VAL A 75 -19.25 1.05 -4.39
CA VAL A 75 -20.22 1.77 -5.15
C VAL A 75 -19.76 1.72 -6.57
N TYR A 76 -20.44 0.95 -7.34
CA TYR A 76 -20.07 0.69 -8.70
C TYR A 76 -20.14 1.93 -9.55
N GLU A 77 -19.11 2.10 -10.33
CA GLU A 77 -18.96 3.25 -11.16
C GLU A 77 -19.60 3.01 -12.50
N GLU A 78 -20.48 3.88 -12.85
CA GLU A 78 -21.15 3.84 -14.11
C GLU A 78 -20.84 5.14 -14.84
#